data_2DRH
#
_entry.id   2DRH
#
_cell.length_a   83.359
_cell.length_b   101.435
_cell.length_c   157.721
_cell.angle_alpha   90.00
_cell.angle_beta   90.00
_cell.angle_gamma   90.00
#
_symmetry.space_group_name_H-M   'P 21 21 21'
#
loop_
_entity.id
_entity.type
_entity.pdbx_description
1 polymer '361aa long hypothetical D-aminopeptidase'
2 non-polymer 'CHLORIDE ION'
3 water water
#
_entity_poly.entity_id   1
_entity_poly.type   'polypeptide(L)'
_entity_poly.pdbx_seq_one_letter_code
;MKAQELGIKIGVFKPGKRNKITDVKGVKVGHVTLIKGKGKLIPGKGPVRTGVTAILPHEGNIYKEKVLAGAFVMNGYSKP
VGLIQLWELGTIETPIILTNTLSIGTAVEGLLDYILEENEDIGVTTGSVNPLVLECNDSYLNDIRGRHVKREHVVEAIKR
ADEDFEEGAVGAGTGMSAFEFKGGIGSASRIVEIEGKKYTVGALVLSNFGRREDLTIAGVPVGLELKNWPGRGGEGKGSI
IMIIATDAPLTGRQLNRVAKRAIVGLARTGGYAYNGSGDIAVAFSTANRIKHYEKEVIEIKALPDSVISPLFKATAEAVE
EAIINSLLEARTMDGRDNHVRYALPKEELLRIMRRYGRLEE
;
_entity_poly.pdbx_strand_id   A,B,C,D
#
# COMPACT_ATOMS: atom_id res chain seq x y z
N MET A 1 21.67 25.75 -20.84
CA MET A 1 20.52 25.14 -21.56
C MET A 1 20.29 23.70 -21.12
N LYS A 2 20.15 22.79 -22.09
CA LYS A 2 19.91 21.39 -21.80
C LYS A 2 21.16 20.53 -22.02
N ALA A 3 21.21 19.38 -21.36
CA ALA A 3 22.34 18.47 -21.46
C ALA A 3 22.72 18.13 -22.90
N GLN A 4 21.74 18.00 -23.78
CA GLN A 4 22.00 17.67 -25.18
C GLN A 4 23.01 18.64 -25.79
N GLU A 5 22.63 19.91 -25.83
CA GLU A 5 23.47 20.97 -26.39
C GLU A 5 24.86 21.06 -25.74
N LEU A 6 25.11 20.23 -24.74
CA LEU A 6 26.40 20.23 -24.05
C LEU A 6 27.15 18.93 -24.33
N GLY A 7 26.56 18.07 -25.15
CA GLY A 7 27.20 16.81 -25.48
C GLY A 7 27.03 15.75 -24.42
N ILE A 8 26.38 16.09 -23.30
CA ILE A 8 26.18 15.13 -22.23
C ILE A 8 25.10 14.13 -22.64
N LYS A 9 25.49 12.86 -22.72
CA LYS A 9 24.57 11.81 -23.14
C LYS A 9 24.04 11.05 -21.92
N ILE A 10 22.72 10.95 -21.83
CA ILE A 10 22.08 10.22 -20.74
C ILE A 10 21.10 9.24 -21.35
N GLY A 11 21.29 7.96 -21.06
CA GLY A 11 20.41 6.94 -21.59
C GLY A 11 20.78 6.53 -23.00
N VAL A 12 19.94 5.71 -23.62
CA VAL A 12 20.20 5.21 -24.97
C VAL A 12 19.04 5.52 -25.92
N PHE A 13 17.94 6.05 -25.38
CA PHE A 13 16.81 6.38 -26.23
C PHE A 13 16.95 7.81 -26.72
N LYS A 14 16.42 8.09 -27.90
CA LYS A 14 16.51 9.43 -28.45
C LYS A 14 15.40 10.29 -27.86
N PRO A 15 15.69 11.58 -27.64
CA PRO A 15 14.70 12.49 -27.08
C PRO A 15 13.66 12.91 -28.13
N GLY A 16 12.60 13.57 -27.67
CA GLY A 16 11.58 14.03 -28.59
C GLY A 16 12.04 15.31 -29.25
N LYS A 17 11.24 15.83 -30.18
CA LYS A 17 11.59 17.06 -30.91
C LYS A 17 11.99 18.23 -30.01
N ARG A 18 11.19 18.52 -29.01
CA ARG A 18 11.48 19.62 -28.09
C ARG A 18 12.26 19.15 -26.87
N ASN A 19 12.30 17.84 -26.65
CA ASN A 19 12.97 17.27 -25.48
C ASN A 19 12.36 17.88 -24.23
N LYS A 20 11.03 17.87 -24.19
CA LYS A 20 10.25 18.40 -23.08
C LYS A 20 9.02 17.52 -22.93
N ILE A 21 8.40 17.56 -21.75
CA ILE A 21 7.22 16.75 -21.51
C ILE A 21 6.10 17.01 -22.54
N THR A 22 6.08 18.22 -23.10
CA THR A 22 5.07 18.59 -24.08
C THR A 22 5.26 17.90 -25.44
N ASP A 23 6.28 17.04 -25.54
CA ASP A 23 6.48 16.30 -26.78
C ASP A 23 5.36 15.28 -26.82
N VAL A 24 4.69 15.12 -25.67
CA VAL A 24 3.54 14.23 -25.58
C VAL A 24 2.43 15.17 -26.05
N LYS A 25 2.01 14.97 -27.31
CA LYS A 25 0.99 15.82 -27.91
C LYS A 25 -0.21 16.09 -27.02
N GLY A 26 -0.52 17.38 -26.86
CA GLY A 26 -1.66 17.76 -26.04
C GLY A 26 -1.26 18.29 -24.67
N VAL A 27 -0.15 17.78 -24.13
CA VAL A 27 0.33 18.22 -22.83
C VAL A 27 0.82 19.66 -22.93
N LYS A 28 0.49 20.46 -21.92
CA LYS A 28 0.90 21.87 -21.90
C LYS A 28 1.38 22.30 -20.51
N VAL A 29 2.34 23.23 -20.49
CA VAL A 29 2.92 23.73 -19.24
C VAL A 29 2.91 25.26 -19.18
N GLY A 30 2.45 25.79 -18.05
CA GLY A 30 2.40 27.24 -17.87
C GLY A 30 3.02 27.63 -16.53
N HIS A 31 3.65 28.80 -16.49
CA HIS A 31 4.31 29.30 -15.28
C HIS A 31 3.86 30.69 -14.85
N VAL A 32 4.06 30.96 -13.56
CA VAL A 32 3.80 32.26 -12.96
C VAL A 32 4.97 32.37 -11.98
N THR A 33 5.83 33.36 -12.20
CA THR A 33 7.02 33.57 -11.39
C THR A 33 6.89 34.79 -10.50
N LEU A 34 7.22 34.62 -9.22
CA LEU A 34 7.11 35.71 -8.24
C LEU A 34 8.43 36.02 -7.57
N ILE A 35 9.03 37.14 -7.98
CA ILE A 35 10.30 37.60 -7.45
C ILE A 35 10.16 39.06 -7.03
N LYS A 36 10.48 39.34 -5.77
CA LYS A 36 10.39 40.69 -5.25
C LYS A 36 11.11 40.85 -3.92
N GLY A 37 11.78 41.99 -3.74
CA GLY A 37 12.49 42.25 -2.51
C GLY A 37 13.87 41.63 -2.44
N LYS A 38 14.59 41.96 -1.38
CA LYS A 38 15.93 41.43 -1.19
C LYS A 38 16.37 41.70 0.26
N GLY A 39 17.41 40.99 0.68
CA GLY A 39 17.93 41.18 2.03
C GLY A 39 17.21 40.42 3.13
N LYS A 40 17.41 40.92 4.34
CA LYS A 40 16.82 40.36 5.55
C LYS A 40 15.41 39.83 5.35
N LEU A 41 15.10 38.72 6.01
CA LEU A 41 13.76 38.14 5.90
C LEU A 41 12.77 38.90 6.77
N ILE A 42 11.67 39.33 6.15
CA ILE A 42 10.61 40.02 6.88
C ILE A 42 9.41 39.11 6.65
N PRO A 43 9.22 38.11 7.55
CA PRO A 43 8.13 37.13 7.48
C PRO A 43 6.76 37.72 7.18
N GLY A 44 6.20 37.33 6.04
CA GLY A 44 4.91 37.84 5.63
C GLY A 44 5.04 38.89 4.56
N LYS A 45 6.25 39.44 4.41
CA LYS A 45 6.50 40.48 3.42
C LYS A 45 7.46 40.04 2.31
N GLY A 46 8.58 39.43 2.69
CA GLY A 46 9.54 38.99 1.70
C GLY A 46 10.93 38.85 2.28
N PRO A 47 11.97 38.65 1.45
CA PRO A 47 11.96 38.57 -0.01
C PRO A 47 11.10 37.42 -0.55
N VAL A 48 10.52 37.61 -1.73
CA VAL A 48 9.67 36.58 -2.32
C VAL A 48 10.32 35.95 -3.54
N ARG A 49 10.46 34.63 -3.50
CA ARG A 49 11.06 33.86 -4.57
C ARG A 49 10.28 32.55 -4.67
N THR A 50 9.06 32.63 -5.21
CA THR A 50 8.22 31.46 -5.32
C THR A 50 7.40 31.52 -6.61
N GLY A 51 6.38 30.68 -6.73
CA GLY A 51 5.57 30.70 -7.94
C GLY A 51 4.66 29.51 -8.07
N VAL A 52 4.09 29.35 -9.27
CA VAL A 52 3.16 28.28 -9.56
C VAL A 52 3.40 27.73 -10.97
N THR A 53 3.29 26.42 -11.10
CA THR A 53 3.47 25.77 -12.39
C THR A 53 2.28 24.85 -12.62
N ALA A 54 1.67 24.96 -13.79
CA ALA A 54 0.52 24.14 -14.13
C ALA A 54 0.81 23.18 -15.27
N ILE A 55 0.38 21.93 -15.13
CA ILE A 55 0.56 20.94 -16.17
C ILE A 55 -0.82 20.42 -16.55
N LEU A 56 -1.17 20.58 -17.83
CA LEU A 56 -2.45 20.13 -18.34
C LEU A 56 -2.24 18.82 -19.10
N PRO A 57 -2.97 17.76 -18.73
CA PRO A 57 -2.84 16.47 -19.40
C PRO A 57 -3.12 16.57 -20.90
N HIS A 58 -4.13 17.37 -21.25
CA HIS A 58 -4.48 17.62 -22.65
C HIS A 58 -5.08 19.02 -22.76
N GLU A 59 -5.68 19.33 -23.91
CA GLU A 59 -6.20 20.69 -24.13
C GLU A 59 -7.71 20.93 -23.91
N GLY A 60 -8.46 19.88 -23.61
CA GLY A 60 -9.89 20.06 -23.39
C GLY A 60 -10.23 20.14 -21.91
N ASN A 61 -11.44 19.70 -21.56
CA ASN A 61 -11.91 19.72 -20.18
C ASN A 61 -11.40 18.46 -19.48
N ILE A 62 -10.42 18.62 -18.60
CA ILE A 62 -9.83 17.50 -17.87
C ILE A 62 -10.80 16.79 -16.93
N TYR A 63 -11.74 17.51 -16.36
CA TYR A 63 -12.72 16.91 -15.45
C TYR A 63 -13.75 16.02 -16.17
N LYS A 64 -14.28 16.51 -17.30
CA LYS A 64 -15.26 15.75 -18.06
C LYS A 64 -14.57 14.67 -18.88
N GLU A 65 -13.31 14.91 -19.25
CA GLU A 65 -12.54 13.93 -19.99
C GLU A 65 -11.26 13.67 -19.22
N LYS A 66 -11.34 12.68 -18.33
CA LYS A 66 -10.23 12.29 -17.47
C LYS A 66 -9.17 11.42 -18.16
N VAL A 67 -7.98 11.38 -17.59
CA VAL A 67 -6.92 10.54 -18.15
C VAL A 67 -6.58 9.52 -17.07
N LEU A 68 -6.20 8.31 -17.49
CA LEU A 68 -5.81 7.27 -16.53
C LEU A 68 -4.48 7.69 -15.93
N ALA A 69 -4.28 7.44 -14.64
CA ALA A 69 -3.04 7.86 -14.01
C ALA A 69 -2.59 7.00 -12.84
N GLY A 70 -1.32 7.16 -12.46
CA GLY A 70 -0.75 6.42 -11.36
C GLY A 70 0.21 7.30 -10.59
N ALA A 71 0.69 6.82 -9.44
CA ALA A 71 1.62 7.62 -8.65
C ALA A 71 2.36 6.78 -7.61
N PHE A 72 3.53 7.25 -7.21
CA PHE A 72 4.35 6.56 -6.23
C PHE A 72 5.01 7.53 -5.26
N VAL A 73 4.86 7.28 -3.97
CA VAL A 73 5.47 8.12 -2.97
C VAL A 73 6.75 7.41 -2.54
N MET A 74 7.91 7.96 -2.92
CA MET A 74 9.18 7.35 -2.53
C MET A 74 9.41 7.71 -1.06
N ASN A 75 9.23 8.99 -0.74
CA ASN A 75 9.36 9.46 0.64
C ASN A 75 8.27 10.47 0.88
N GLY A 76 7.36 10.13 1.79
CA GLY A 76 6.23 10.97 2.12
C GLY A 76 6.41 12.20 3.00
N TYR A 77 7.60 12.79 3.04
CA TYR A 77 7.76 14.01 3.84
C TYR A 77 7.31 15.08 2.86
N SER A 78 6.03 15.01 2.52
CA SER A 78 5.45 15.87 1.51
C SER A 78 3.98 16.09 1.85
N LYS A 79 3.41 17.15 1.31
CA LYS A 79 2.00 17.48 1.55
C LYS A 79 1.19 17.55 0.24
N PRO A 80 1.14 16.45 -0.51
CA PRO A 80 0.37 16.48 -1.77
C PRO A 80 -1.14 16.42 -1.54
N VAL A 81 -1.88 17.02 -2.46
CA VAL A 81 -3.32 17.05 -2.40
C VAL A 81 -3.84 16.33 -3.65
N GLY A 82 -4.73 15.36 -3.46
CA GLY A 82 -5.31 14.65 -4.58
C GLY A 82 -4.86 13.22 -4.89
N LEU A 83 -3.84 12.71 -4.21
CA LEU A 83 -3.37 11.35 -4.49
C LEU A 83 -4.29 10.19 -4.10
N ILE A 84 -5.04 10.33 -3.02
CA ILE A 84 -5.90 9.23 -2.60
C ILE A 84 -6.94 8.83 -3.66
N GLN A 85 -7.57 9.80 -4.29
CA GLN A 85 -8.56 9.46 -5.32
C GLN A 85 -7.86 9.03 -6.59
N LEU A 86 -6.69 9.57 -6.86
CA LEU A 86 -5.95 9.20 -8.05
C LEU A 86 -5.75 7.68 -8.00
N TRP A 87 -5.31 7.19 -6.84
CA TRP A 87 -5.07 5.77 -6.65
C TRP A 87 -6.34 4.93 -6.67
N GLU A 88 -7.40 5.43 -6.03
CA GLU A 88 -8.65 4.70 -5.97
C GLU A 88 -9.36 4.55 -7.31
N LEU A 89 -9.47 5.66 -8.05
CA LEU A 89 -10.16 5.66 -9.35
C LEU A 89 -9.23 5.48 -10.53
N GLY A 90 -7.94 5.69 -10.31
CA GLY A 90 -6.96 5.55 -11.36
C GLY A 90 -6.98 6.69 -12.37
N THR A 91 -7.52 7.84 -11.96
CA THR A 91 -7.60 8.96 -12.91
C THR A 91 -7.20 10.33 -12.37
N ILE A 92 -6.98 11.26 -13.30
CA ILE A 92 -6.64 12.65 -13.00
C ILE A 92 -7.72 13.45 -13.71
N GLU A 93 -8.38 14.36 -13.00
CA GLU A 93 -9.49 15.13 -13.56
C GLU A 93 -9.35 16.63 -13.43
N THR A 94 -8.11 17.08 -13.22
CA THR A 94 -7.85 18.48 -13.07
C THR A 94 -6.44 18.76 -13.55
N PRO A 95 -6.14 20.02 -13.86
CA PRO A 95 -4.77 20.27 -14.31
C PRO A 95 -3.90 20.03 -13.07
N ILE A 96 -2.62 19.73 -13.27
CA ILE A 96 -1.71 19.44 -12.17
C ILE A 96 -0.99 20.72 -11.77
N ILE A 97 -1.07 21.03 -10.48
CA ILE A 97 -0.48 22.25 -9.96
C ILE A 97 0.66 22.00 -8.98
N LEU A 98 1.72 22.77 -9.15
CA LEU A 98 2.89 22.68 -8.29
C LEU A 98 3.12 24.06 -7.71
N THR A 99 3.52 24.10 -6.44
CA THR A 99 3.81 25.37 -5.77
C THR A 99 4.60 25.09 -4.49
N ASN A 100 4.72 26.07 -3.60
CA ASN A 100 5.49 25.83 -2.38
C ASN A 100 4.62 25.15 -1.32
N THR A 101 5.28 24.48 -0.38
CA THR A 101 4.59 23.75 0.67
C THR A 101 3.44 24.47 1.34
N LEU A 102 3.66 25.70 1.81
CA LEU A 102 2.63 26.43 2.50
C LEU A 102 1.57 27.10 1.64
N SER A 103 1.71 27.02 0.32
CA SER A 103 0.72 27.62 -0.59
C SER A 103 -0.26 26.59 -1.15
N ILE A 104 -0.17 25.34 -0.71
CA ILE A 104 -1.07 24.31 -1.23
C ILE A 104 -2.54 24.65 -1.04
N GLY A 105 -2.86 25.30 0.08
CA GLY A 105 -4.24 25.67 0.34
C GLY A 105 -4.68 26.70 -0.68
N THR A 106 -3.81 27.68 -0.94
CA THR A 106 -4.12 28.73 -1.89
C THR A 106 -4.27 28.12 -3.29
N ALA A 107 -3.39 27.17 -3.61
CA ALA A 107 -3.40 26.50 -4.90
C ALA A 107 -4.72 25.80 -5.12
N VAL A 108 -5.20 25.12 -4.09
CA VAL A 108 -6.48 24.44 -4.17
C VAL A 108 -7.59 25.46 -4.44
N GLU A 109 -7.55 26.58 -3.71
CA GLU A 109 -8.56 27.61 -3.89
C GLU A 109 -8.58 28.10 -5.34
N GLY A 110 -7.40 28.44 -5.87
CA GLY A 110 -7.30 28.91 -7.24
C GLY A 110 -7.71 27.87 -8.25
N LEU A 111 -7.24 26.65 -8.07
CA LEU A 111 -7.55 25.56 -8.96
C LEU A 111 -9.07 25.38 -9.02
N LEU A 112 -9.71 25.40 -7.86
CA LEU A 112 -11.17 25.25 -7.82
C LEU A 112 -11.82 26.42 -8.55
N ASP A 113 -11.21 27.60 -8.46
CA ASP A 113 -11.77 28.77 -9.14
C ASP A 113 -11.89 28.43 -10.63
N TYR A 114 -10.81 27.90 -11.19
CA TYR A 114 -10.78 27.53 -12.60
C TYR A 114 -11.80 26.43 -12.92
N ILE A 115 -11.71 25.33 -12.17
CA ILE A 115 -12.58 24.18 -12.36
C ILE A 115 -14.07 24.44 -12.27
N LEU A 116 -14.50 25.19 -11.25
CA LEU A 116 -15.92 25.48 -11.10
C LEU A 116 -16.41 26.38 -12.23
N GLU A 117 -15.51 27.20 -12.76
CA GLU A 117 -15.85 28.09 -13.86
C GLU A 117 -16.14 27.26 -15.10
N GLU A 118 -15.32 26.25 -15.33
CA GLU A 118 -15.43 25.38 -16.49
C GLU A 118 -16.48 24.27 -16.35
N ASN A 119 -17.01 24.09 -15.14
CA ASN A 119 -18.00 23.05 -14.89
C ASN A 119 -19.02 23.51 -13.85
N GLU A 120 -20.17 23.98 -14.32
CA GLU A 120 -21.22 24.46 -13.43
C GLU A 120 -22.08 23.35 -12.83
N ASP A 121 -21.88 22.12 -13.28
CA ASP A 121 -22.66 21.00 -12.77
C ASP A 121 -22.05 20.43 -11.48
N ILE A 122 -20.80 20.76 -11.22
CA ILE A 122 -20.12 20.27 -10.02
C ILE A 122 -20.79 20.88 -8.78
N GLY A 123 -21.16 20.02 -7.83
CA GLY A 123 -21.79 20.50 -6.61
C GLY A 123 -23.29 20.72 -6.72
N VAL A 124 -23.86 20.43 -7.89
CA VAL A 124 -25.29 20.60 -8.11
C VAL A 124 -25.95 19.34 -8.68
N THR A 125 -25.59 18.97 -9.91
CA THR A 125 -26.17 17.78 -10.52
C THR A 125 -25.20 16.60 -10.60
N THR A 126 -23.94 16.85 -10.26
CA THR A 126 -22.96 15.78 -10.23
C THR A 126 -22.07 15.90 -8.99
N GLY A 127 -21.10 15.01 -8.85
CA GLY A 127 -20.23 15.01 -7.70
C GLY A 127 -19.26 16.19 -7.59
N SER A 128 -18.32 16.09 -6.66
CA SER A 128 -17.34 17.16 -6.45
C SER A 128 -16.14 16.97 -7.36
N VAL A 129 -14.98 17.50 -6.96
CA VAL A 129 -13.78 17.36 -7.77
C VAL A 129 -12.54 17.15 -6.92
N ASN A 130 -11.60 16.41 -7.49
CA ASN A 130 -10.35 16.07 -6.81
C ASN A 130 -9.15 16.89 -7.31
N PRO A 131 -8.95 18.09 -6.75
CA PRO A 131 -7.82 18.92 -7.18
C PRO A 131 -6.48 18.25 -6.88
N LEU A 132 -5.57 18.30 -7.84
CA LEU A 132 -4.25 17.69 -7.68
C LEU A 132 -3.18 18.77 -7.54
N VAL A 133 -2.58 18.82 -6.36
CA VAL A 133 -1.55 19.81 -6.04
C VAL A 133 -0.38 19.14 -5.32
N LEU A 134 0.83 19.44 -5.78
CA LEU A 134 2.05 18.90 -5.17
C LEU A 134 3.01 20.04 -4.87
N GLU A 135 4.04 19.78 -4.07
CA GLU A 135 4.92 20.86 -3.70
C GLU A 135 6.33 20.53 -3.24
N CYS A 136 7.10 21.60 -3.07
CA CYS A 136 8.46 21.55 -2.56
C CYS A 136 8.65 22.78 -1.66
N ASN A 137 9.53 22.68 -0.67
CA ASN A 137 9.76 23.79 0.27
C ASN A 137 10.84 24.75 -0.24
N ASP A 138 10.49 25.99 -0.53
CA ASP A 138 11.48 26.96 -1.02
C ASP A 138 11.94 27.93 0.07
N SER A 139 11.72 27.57 1.33
CA SER A 139 12.09 28.44 2.45
C SER A 139 13.51 29.00 2.46
N TYR A 140 14.48 28.26 1.95
CA TYR A 140 15.86 28.75 1.95
C TYR A 140 15.98 30.10 1.25
N LEU A 141 15.24 30.28 0.16
CA LEU A 141 15.29 31.53 -0.58
C LEU A 141 13.99 32.33 -0.50
N ASN A 142 12.90 31.65 -0.16
CA ASN A 142 11.61 32.32 -0.11
C ASN A 142 10.96 32.53 1.24
N ASP A 143 10.22 33.62 1.37
CA ASP A 143 9.49 33.93 2.58
C ASP A 143 8.24 33.06 2.47
N ILE A 144 8.42 31.77 2.77
CA ILE A 144 7.32 30.82 2.68
C ILE A 144 6.18 31.09 3.66
N ARG A 145 6.50 31.57 4.86
CA ARG A 145 5.48 31.86 5.85
C ARG A 145 4.50 32.93 5.33
N GLY A 146 4.96 33.77 4.41
CA GLY A 146 4.12 34.83 3.87
C GLY A 146 3.05 34.43 2.86
N ARG A 147 3.10 33.22 2.33
CA ARG A 147 2.11 32.77 1.36
C ARG A 147 1.85 33.83 0.30
N HIS A 148 2.86 34.07 -0.54
CA HIS A 148 2.75 35.10 -1.56
C HIS A 148 2.01 34.64 -2.82
N VAL A 149 1.87 33.33 -2.98
CA VAL A 149 1.13 32.81 -4.13
C VAL A 149 -0.32 33.23 -3.93
N LYS A 150 -0.94 33.75 -4.98
CA LYS A 150 -2.34 34.15 -4.91
C LYS A 150 -3.18 33.22 -5.76
N ARG A 151 -4.44 33.05 -5.38
CA ARG A 151 -5.33 32.19 -6.12
C ARG A 151 -5.37 32.52 -7.62
N GLU A 152 -5.35 33.81 -7.96
CA GLU A 152 -5.38 34.21 -9.38
C GLU A 152 -4.17 33.68 -10.11
N HIS A 153 -3.05 33.52 -9.40
CA HIS A 153 -1.82 33.03 -9.99
C HIS A 153 -2.02 31.63 -10.55
N VAL A 154 -2.86 30.85 -9.88
CA VAL A 154 -3.14 29.49 -10.31
C VAL A 154 -3.94 29.48 -11.61
N VAL A 155 -4.93 30.35 -11.71
CA VAL A 155 -5.75 30.43 -12.91
C VAL A 155 -4.88 30.94 -14.07
N GLU A 156 -4.00 31.90 -13.78
CA GLU A 156 -3.12 32.46 -14.79
C GLU A 156 -2.16 31.41 -15.32
N ALA A 157 -1.55 30.65 -14.42
CA ALA A 157 -0.60 29.61 -14.82
C ALA A 157 -1.29 28.61 -15.76
N ILE A 158 -2.55 28.30 -15.48
CA ILE A 158 -3.29 27.37 -16.31
C ILE A 158 -3.58 27.95 -17.70
N LYS A 159 -3.89 29.25 -17.77
CA LYS A 159 -4.17 29.89 -19.04
C LYS A 159 -2.92 30.24 -19.86
N ARG A 160 -1.76 30.14 -19.24
CA ARG A 160 -0.49 30.41 -19.92
C ARG A 160 0.12 29.10 -20.42
N ALA A 161 -0.44 27.97 -19.99
CA ALA A 161 0.08 26.68 -20.39
C ALA A 161 0.13 26.47 -21.89
N ASP A 162 1.26 25.96 -22.38
CA ASP A 162 1.40 25.68 -23.79
C ASP A 162 2.58 24.74 -24.06
N GLU A 163 2.83 24.47 -25.33
CA GLU A 163 3.90 23.58 -25.78
C GLU A 163 5.28 24.02 -25.32
N ASP A 164 5.64 25.25 -25.63
CA ASP A 164 6.93 25.80 -25.25
C ASP A 164 6.80 26.33 -23.82
N PHE A 165 7.82 26.10 -23.01
CA PHE A 165 7.80 26.59 -21.64
C PHE A 165 9.21 26.70 -21.11
N GLU A 166 9.47 27.75 -20.35
CA GLU A 166 10.78 27.98 -19.79
C GLU A 166 11.12 26.99 -18.68
N GLU A 167 12.42 26.76 -18.48
CA GLU A 167 12.89 25.84 -17.45
C GLU A 167 13.84 26.60 -16.53
N GLY A 168 14.14 26.03 -15.38
CA GLY A 168 15.04 26.69 -14.45
C GLY A 168 14.28 27.32 -13.28
N ALA A 169 14.71 28.49 -12.85
CA ALA A 169 14.05 29.16 -11.72
C ALA A 169 12.83 29.96 -12.16
N VAL A 170 11.77 29.24 -12.51
CA VAL A 170 10.54 29.86 -12.97
C VAL A 170 9.35 29.10 -12.38
N GLY A 171 8.20 29.75 -12.30
CA GLY A 171 7.03 29.10 -11.76
C GLY A 171 7.30 28.52 -10.37
N ALA A 172 6.91 27.26 -10.16
CA ALA A 172 7.13 26.62 -8.87
C ALA A 172 8.62 26.44 -8.57
N GLY A 173 9.45 26.46 -9.61
CA GLY A 173 10.88 26.28 -9.41
C GLY A 173 11.61 27.54 -8.97
N THR A 174 10.96 28.68 -9.12
CA THR A 174 11.53 29.98 -8.79
C THR A 174 12.55 30.02 -7.62
N GLY A 175 12.13 29.62 -6.42
CA GLY A 175 13.06 29.68 -5.30
C GLY A 175 13.60 28.37 -4.74
N MET A 176 13.64 27.33 -5.56
CA MET A 176 14.12 26.01 -5.13
C MET A 176 15.64 25.83 -5.16
N SER A 177 16.11 24.86 -4.38
CA SER A 177 17.53 24.54 -4.27
C SER A 177 17.75 23.05 -4.55
N ALA A 178 18.80 22.73 -5.29
CA ALA A 178 19.13 21.34 -5.61
C ALA A 178 20.64 21.14 -5.55
N PHE A 179 21.09 20.23 -4.69
CA PHE A 179 22.52 19.96 -4.55
C PHE A 179 23.27 21.22 -4.17
N GLU A 180 22.58 22.12 -3.48
CA GLU A 180 23.14 23.39 -3.03
C GLU A 180 23.57 24.31 -4.16
N PHE A 181 22.90 24.13 -5.30
CA PHE A 181 23.06 24.95 -6.48
C PHE A 181 21.62 25.40 -6.68
N LYS A 182 21.37 26.31 -7.61
CA LYS A 182 19.99 26.74 -7.82
C LYS A 182 19.22 25.58 -8.44
N GLY A 183 18.01 25.33 -7.93
CA GLY A 183 17.20 24.26 -8.46
C GLY A 183 16.07 24.85 -9.28
N GLY A 184 15.01 24.06 -9.54
CA GLY A 184 13.89 24.56 -10.30
C GLY A 184 13.20 23.57 -11.21
N ILE A 185 12.68 24.06 -12.34
CA ILE A 185 11.98 23.22 -13.31
C ILE A 185 12.96 22.66 -14.34
N GLY A 186 12.83 21.36 -14.62
CA GLY A 186 13.66 20.71 -15.61
C GLY A 186 12.77 19.78 -16.42
N SER A 187 13.11 19.51 -17.67
CA SER A 187 12.27 18.63 -18.47
C SER A 187 13.03 17.92 -19.58
N ALA A 188 12.47 16.82 -20.05
CA ALA A 188 13.09 16.04 -21.10
C ALA A 188 12.11 14.96 -21.55
N SER A 189 12.36 14.39 -22.72
CA SER A 189 11.49 13.35 -23.25
C SER A 189 12.31 12.30 -23.97
N ARG A 190 11.71 11.13 -24.18
CA ARG A 190 12.37 10.04 -24.87
C ARG A 190 11.37 9.34 -25.76
N ILE A 191 11.85 8.83 -26.89
CA ILE A 191 11.01 8.11 -27.85
C ILE A 191 11.38 6.65 -27.78
N VAL A 192 10.40 5.76 -27.82
CA VAL A 192 10.66 4.32 -27.78
C VAL A 192 9.75 3.58 -28.75
N GLU A 193 10.27 2.55 -29.39
CA GLU A 193 9.45 1.78 -30.31
C GLU A 193 9.13 0.42 -29.71
N ILE A 194 7.83 0.14 -29.60
CA ILE A 194 7.38 -1.12 -29.04
C ILE A 194 6.45 -1.83 -30.04
N GLU A 195 6.90 -2.98 -30.52
CA GLU A 195 6.14 -3.76 -31.49
C GLU A 195 5.74 -2.91 -32.69
N GLY A 196 6.73 -2.30 -33.33
CA GLY A 196 6.49 -1.48 -34.49
C GLY A 196 5.70 -0.21 -34.28
N LYS A 197 5.71 0.33 -33.06
CA LYS A 197 4.98 1.56 -32.78
C LYS A 197 5.82 2.52 -31.95
N LYS A 198 5.76 3.79 -32.31
CA LYS A 198 6.51 4.81 -31.58
C LYS A 198 5.67 5.38 -30.44
N TYR A 199 6.29 5.50 -29.28
CA TYR A 199 5.63 6.05 -28.11
C TYR A 199 6.60 7.05 -27.47
N THR A 200 6.05 8.12 -26.92
CA THR A 200 6.86 9.14 -26.28
C THR A 200 6.66 9.14 -24.77
N VAL A 201 7.75 9.34 -24.04
CA VAL A 201 7.73 9.42 -22.59
C VAL A 201 8.36 10.76 -22.21
N GLY A 202 7.56 11.66 -21.64
CA GLY A 202 8.09 12.95 -21.26
C GLY A 202 8.15 13.13 -19.74
N ALA A 203 9.03 14.02 -19.29
CA ALA A 203 9.16 14.26 -17.86
C ALA A 203 9.40 15.71 -17.50
N LEU A 204 8.74 16.16 -16.44
CA LEU A 204 8.92 17.50 -15.93
C LEU A 204 9.19 17.32 -14.43
N VAL A 205 10.27 17.91 -13.95
CA VAL A 205 10.59 17.78 -12.55
C VAL A 205 10.76 19.12 -11.86
N LEU A 206 10.50 19.13 -10.56
CA LEU A 206 10.64 20.30 -9.72
C LEU A 206 11.68 19.80 -8.73
N SER A 207 12.94 20.17 -8.95
CA SER A 207 14.03 19.70 -8.11
C SER A 207 14.30 20.61 -6.93
N ASN A 208 14.43 20.01 -5.75
CA ASN A 208 14.67 20.79 -4.55
C ASN A 208 15.28 19.87 -3.48
N PHE A 209 16.26 19.06 -3.90
CA PHE A 209 16.89 18.11 -3.00
C PHE A 209 18.40 17.99 -3.19
N GLY A 210 18.99 17.11 -2.38
CA GLY A 210 20.40 16.82 -2.47
C GLY A 210 21.44 17.67 -1.81
N ARG A 211 22.50 16.99 -1.36
CA ARG A 211 23.66 17.62 -0.74
C ARG A 211 24.58 17.94 -1.90
N ARG A 212 25.45 18.93 -1.74
CA ARG A 212 26.35 19.33 -2.81
C ARG A 212 27.16 18.16 -3.38
N GLU A 213 27.74 17.36 -2.49
CA GLU A 213 28.57 16.23 -2.89
C GLU A 213 27.87 15.00 -3.46
N ASP A 214 26.55 14.95 -3.41
CA ASP A 214 25.85 13.79 -3.95
C ASP A 214 25.73 13.88 -5.48
N LEU A 215 25.61 15.09 -6.00
CA LEU A 215 25.45 15.33 -7.43
C LEU A 215 26.24 14.40 -8.34
N THR A 216 25.49 13.64 -9.14
CA THR A 216 26.07 12.69 -10.08
C THR A 216 25.51 12.99 -11.47
N ILE A 217 26.38 13.33 -12.42
CA ILE A 217 25.93 13.65 -13.77
C ILE A 217 26.50 12.68 -14.78
N ALA A 218 25.64 11.83 -15.32
CA ALA A 218 26.05 10.83 -16.29
C ALA A 218 27.16 9.98 -15.69
N GLY A 219 27.02 9.65 -14.42
CA GLY A 219 28.00 8.82 -13.73
C GLY A 219 29.18 9.54 -13.10
N VAL A 220 29.40 10.79 -13.48
CA VAL A 220 30.51 11.57 -12.96
C VAL A 220 30.15 12.29 -11.66
N PRO A 221 30.94 12.10 -10.59
CA PRO A 221 30.67 12.74 -9.30
C PRO A 221 30.91 14.26 -9.34
N VAL A 222 30.14 14.93 -10.19
CA VAL A 222 30.23 16.37 -10.36
C VAL A 222 30.07 17.13 -9.05
N GLY A 223 29.37 16.52 -8.09
CA GLY A 223 29.18 17.17 -6.81
C GLY A 223 30.47 17.35 -6.04
N LEU A 224 31.27 16.30 -5.97
CA LEU A 224 32.56 16.35 -5.28
C LEU A 224 33.56 17.28 -5.95
N GLU A 225 33.61 17.22 -7.28
CA GLU A 225 34.51 18.08 -8.03
C GLU A 225 34.20 19.56 -7.79
N LEU A 226 32.95 19.87 -7.47
CA LEU A 226 32.55 21.24 -7.23
C LEU A 226 32.25 21.51 -5.75
N LYS A 227 32.86 20.73 -4.87
CA LYS A 227 32.68 20.87 -3.42
C LYS A 227 32.69 22.31 -2.93
N ASN A 228 33.78 23.00 -3.25
CA ASN A 228 33.99 24.37 -2.79
C ASN A 228 33.29 25.51 -3.56
N TRP A 229 32.54 25.17 -4.60
CA TRP A 229 31.84 26.23 -5.33
C TRP A 229 30.90 26.90 -4.33
N PRO A 230 30.86 28.25 -4.31
CA PRO A 230 30.01 29.03 -3.40
C PRO A 230 28.54 28.62 -3.35
N GLY A 231 27.83 29.12 -2.34
CA GLY A 231 26.41 28.85 -2.19
C GLY A 231 26.02 27.70 -1.29
N ARG A 232 26.97 27.14 -0.55
CA ARG A 232 26.66 26.02 0.33
C ARG A 232 25.94 26.45 1.60
N GLY A 233 25.11 25.56 2.13
CA GLY A 233 24.36 25.86 3.35
C GLY A 233 22.96 25.26 3.35
N SER A 239 13.69 17.29 -1.45
CA SER A 239 12.33 17.36 -1.95
C SER A 239 12.32 17.38 -3.48
N ILE A 240 11.36 16.68 -4.09
CA ILE A 240 11.26 16.67 -5.54
C ILE A 240 9.97 16.01 -6.06
N ILE A 241 9.38 16.64 -7.06
CA ILE A 241 8.16 16.12 -7.66
C ILE A 241 8.48 15.75 -9.09
N MET A 242 8.09 14.54 -9.49
CA MET A 242 8.35 14.09 -10.85
C MET A 242 7.04 13.83 -11.53
N ILE A 243 6.81 14.51 -12.65
CA ILE A 243 5.57 14.34 -13.40
C ILE A 243 5.90 13.63 -14.70
N ILE A 244 5.32 12.46 -14.88
CA ILE A 244 5.56 11.67 -16.07
C ILE A 244 4.33 11.63 -16.97
N ALA A 245 4.56 11.82 -18.27
CA ALA A 245 3.47 11.77 -19.25
C ALA A 245 3.90 10.84 -20.38
N THR A 246 2.92 10.14 -20.96
CA THR A 246 3.19 9.24 -22.07
C THR A 246 1.94 9.07 -22.92
N ASP A 247 2.14 8.73 -24.19
CA ASP A 247 1.02 8.53 -25.10
C ASP A 247 0.80 7.02 -25.29
N ALA A 248 1.49 6.23 -24.48
CA ALA A 248 1.35 4.77 -24.55
C ALA A 248 0.11 4.36 -23.76
N PRO A 249 -0.70 3.45 -24.32
CA PRO A 249 -1.90 2.99 -23.62
C PRO A 249 -1.53 2.12 -22.42
N LEU A 250 -1.95 2.56 -21.23
CA LEU A 250 -1.65 1.85 -19.98
C LEU A 250 -2.75 2.02 -18.94
N THR A 251 -3.06 0.95 -18.22
CA THR A 251 -4.09 0.99 -17.20
C THR A 251 -3.52 1.71 -15.95
N GLY A 252 -4.39 1.96 -14.98
CA GLY A 252 -3.96 2.62 -13.76
C GLY A 252 -2.83 1.87 -13.09
N ARG A 253 -3.00 0.56 -12.93
CA ARG A 253 -1.98 -0.28 -12.30
C ARG A 253 -0.63 -0.10 -12.96
N GLN A 254 -0.62 -0.14 -14.30
CA GLN A 254 0.60 0.01 -15.07
C GLN A 254 1.22 1.38 -14.89
N LEU A 255 0.38 2.40 -14.72
CA LEU A 255 0.88 3.75 -14.54
C LEU A 255 1.52 3.90 -13.14
N ASN A 256 1.09 3.08 -12.19
CA ASN A 256 1.70 3.12 -10.85
C ASN A 256 3.10 2.56 -11.01
N ARG A 257 3.24 1.54 -11.87
CA ARG A 257 4.54 0.93 -12.11
C ARG A 257 5.47 1.95 -12.75
N VAL A 258 4.96 2.67 -13.75
CA VAL A 258 5.73 3.70 -14.43
C VAL A 258 6.21 4.76 -13.43
N ALA A 259 5.31 5.21 -12.57
CA ALA A 259 5.66 6.22 -11.58
C ALA A 259 6.89 5.79 -10.76
N LYS A 260 6.95 4.52 -10.38
CA LYS A 260 8.06 3.99 -9.60
C LYS A 260 9.41 4.05 -10.31
N ARG A 261 9.39 3.94 -11.63
CA ARG A 261 10.61 3.94 -12.42
C ARG A 261 11.27 5.30 -12.44
N ALA A 262 10.51 6.33 -12.10
CA ALA A 262 11.05 7.68 -12.05
C ALA A 262 12.12 7.77 -10.96
N ILE A 263 11.99 6.93 -9.93
CA ILE A 263 12.96 6.94 -8.84
C ILE A 263 14.32 6.43 -9.28
N VAL A 264 14.33 5.61 -10.33
CA VAL A 264 15.61 5.11 -10.82
C VAL A 264 16.42 6.30 -11.35
N GLY A 265 15.76 7.20 -12.06
CA GLY A 265 16.44 8.37 -12.59
C GLY A 265 16.90 9.29 -11.47
N LEU A 266 16.04 9.45 -10.46
CA LEU A 266 16.37 10.30 -9.32
C LEU A 266 17.65 9.80 -8.64
N ALA A 267 17.66 8.51 -8.30
CA ALA A 267 18.81 7.89 -7.64
C ALA A 267 20.12 8.06 -8.40
N ARG A 268 20.05 7.99 -9.73
CA ARG A 268 21.20 8.10 -10.59
C ARG A 268 21.85 9.49 -10.61
N THR A 269 21.13 10.52 -10.20
CA THR A 269 21.70 11.86 -10.17
C THR A 269 22.22 12.16 -8.76
N GLY A 270 22.08 11.21 -7.85
CA GLY A 270 22.53 11.41 -6.48
C GLY A 270 21.38 11.63 -5.49
N GLY A 271 20.18 11.24 -5.89
CA GLY A 271 19.02 11.38 -5.02
C GLY A 271 18.87 10.17 -4.10
N TYR A 272 19.03 10.40 -2.80
CA TYR A 272 18.94 9.33 -1.81
C TYR A 272 17.66 9.36 -0.95
N ALA A 273 16.78 10.32 -1.23
CA ALA A 273 15.53 10.45 -0.48
C ALA A 273 15.79 10.56 1.02
N TYR A 274 16.52 11.60 1.42
CA TYR A 274 16.79 11.80 2.85
C TYR A 274 15.47 11.91 3.60
N ASN A 275 15.55 11.84 4.92
CA ASN A 275 14.35 11.90 5.74
C ASN A 275 13.34 13.00 5.43
N GLY A 276 13.81 14.23 5.30
CA GLY A 276 12.90 15.33 5.03
C GLY A 276 12.65 15.65 3.56
N SER A 277 13.04 14.74 2.66
CA SER A 277 12.85 15.00 1.24
C SER A 277 11.55 14.42 0.68
N GLY A 278 10.65 15.30 0.28
CA GLY A 278 9.39 14.86 -0.28
C GLY A 278 9.57 14.46 -1.73
N ASP A 279 9.81 13.17 -1.95
CA ASP A 279 9.99 12.63 -3.29
C ASP A 279 8.74 11.89 -3.75
N ILE A 280 8.10 12.44 -4.79
CA ILE A 280 6.88 11.85 -5.32
C ILE A 280 6.82 11.93 -6.85
N ALA A 281 6.31 10.86 -7.45
CA ALA A 281 6.19 10.76 -8.90
C ALA A 281 4.73 10.53 -9.29
N VAL A 282 4.27 11.25 -10.30
CA VAL A 282 2.91 11.09 -10.79
C VAL A 282 2.96 10.81 -12.29
N ALA A 283 2.39 9.69 -12.71
CA ALA A 283 2.39 9.32 -14.12
C ALA A 283 0.98 9.20 -14.69
N PHE A 284 0.81 9.64 -15.92
CA PHE A 284 -0.48 9.57 -16.58
C PHE A 284 -0.32 9.35 -18.08
N SER A 285 -1.35 8.77 -18.70
CA SER A 285 -1.33 8.51 -20.13
C SER A 285 -2.41 9.33 -20.81
N THR A 286 -2.16 9.75 -22.04
CA THR A 286 -3.12 10.53 -22.80
C THR A 286 -3.85 9.61 -23.77
N ALA A 287 -3.46 8.34 -23.77
CA ALA A 287 -4.05 7.36 -24.68
C ALA A 287 -5.52 7.00 -24.42
N ASN A 288 -5.94 6.98 -23.16
CA ASN A 288 -7.31 6.63 -22.83
C ASN A 288 -8.04 7.72 -22.06
N ARG A 289 -8.98 8.40 -22.71
CA ARG A 289 -9.74 9.44 -22.04
C ARG A 289 -10.99 8.82 -21.43
N ILE A 290 -11.24 9.16 -20.17
CA ILE A 290 -12.38 8.63 -19.44
C ILE A 290 -13.45 9.71 -19.29
N LYS A 291 -14.64 9.47 -19.86
CA LYS A 291 -15.73 10.43 -19.79
C LYS A 291 -16.41 10.38 -18.44
N HIS A 292 -16.47 11.52 -17.75
CA HIS A 292 -17.08 11.65 -16.43
C HIS A 292 -18.43 10.94 -16.30
N TYR A 293 -19.28 11.10 -17.31
CA TYR A 293 -20.62 10.51 -17.26
C TYR A 293 -20.79 9.16 -17.93
N GLU A 294 -19.71 8.50 -18.30
CA GLU A 294 -19.80 7.21 -18.96
C GLU A 294 -20.63 6.19 -18.18
N LYS A 295 -21.43 5.39 -18.88
CA LYS A 295 -22.26 4.39 -18.25
C LYS A 295 -22.17 3.03 -18.94
N GLU A 296 -21.69 3.03 -20.18
CA GLU A 296 -21.56 1.80 -20.93
C GLU A 296 -20.18 1.19 -20.74
N VAL A 297 -20.11 -0.13 -20.92
CA VAL A 297 -18.84 -0.84 -20.80
C VAL A 297 -17.86 -0.16 -21.74
N ILE A 298 -16.64 0.09 -21.27
CA ILE A 298 -15.66 0.75 -22.11
C ILE A 298 -14.53 -0.20 -22.48
N GLU A 299 -13.75 0.21 -23.46
CA GLU A 299 -12.62 -0.58 -23.90
C GLU A 299 -11.37 0.21 -23.60
N ILE A 300 -10.58 -0.29 -22.66
CA ILE A 300 -9.33 0.36 -22.29
C ILE A 300 -8.22 -0.21 -23.16
N LYS A 301 -7.55 0.66 -23.91
CA LYS A 301 -6.43 0.20 -24.75
C LYS A 301 -5.27 0.07 -23.77
N ALA A 302 -4.50 -1.00 -23.88
CA ALA A 302 -3.38 -1.20 -22.98
C ALA A 302 -2.34 -2.20 -23.51
N LEU A 303 -1.08 -1.84 -23.32
CA LEU A 303 0.02 -2.69 -23.74
C LEU A 303 0.20 -3.81 -22.73
N PRO A 304 0.51 -5.02 -23.20
CA PRO A 304 0.70 -6.13 -22.26
C PRO A 304 1.97 -5.85 -21.47
N ASP A 305 1.93 -6.09 -20.16
CA ASP A 305 3.10 -5.83 -19.32
C ASP A 305 4.41 -6.40 -19.82
N SER A 306 4.34 -7.51 -20.55
CA SER A 306 5.55 -8.15 -21.06
C SER A 306 6.32 -7.31 -22.09
N VAL A 307 5.69 -6.27 -22.63
CA VAL A 307 6.36 -5.45 -23.63
C VAL A 307 6.66 -4.01 -23.21
N ILE A 308 6.46 -3.68 -21.94
CA ILE A 308 6.67 -2.30 -21.52
C ILE A 308 7.97 -1.91 -20.81
N SER A 309 8.94 -2.80 -20.77
CA SER A 309 10.21 -2.48 -20.10
C SER A 309 10.88 -1.25 -20.72
N PRO A 310 10.76 -1.09 -22.06
CA PRO A 310 11.37 0.08 -22.70
C PRO A 310 10.80 1.37 -22.10
N LEU A 311 9.51 1.37 -21.77
CA LEU A 311 8.90 2.55 -21.17
C LEU A 311 9.46 2.78 -19.76
N PHE A 312 9.78 1.70 -19.04
CA PHE A 312 10.34 1.84 -17.70
C PHE A 312 11.71 2.50 -17.79
N LYS A 313 12.51 2.05 -18.77
CA LYS A 313 13.84 2.63 -18.96
C LYS A 313 13.77 4.07 -19.42
N ALA A 314 12.90 4.34 -20.41
CA ALA A 314 12.72 5.68 -20.95
C ALA A 314 12.30 6.65 -19.84
N THR A 315 11.49 6.16 -18.91
CA THR A 315 11.03 6.98 -17.79
C THR A 315 12.23 7.38 -16.94
N ALA A 316 13.01 6.40 -16.52
CA ALA A 316 14.19 6.66 -15.71
C ALA A 316 15.10 7.64 -16.43
N GLU A 317 15.25 7.46 -17.74
CA GLU A 317 16.10 8.34 -18.54
C GLU A 317 15.58 9.77 -18.55
N ALA A 318 14.31 9.93 -18.89
CA ALA A 318 13.71 11.26 -18.96
C ALA A 318 13.86 11.98 -17.62
N VAL A 319 13.64 11.26 -16.51
CA VAL A 319 13.77 11.86 -15.19
C VAL A 319 15.20 12.28 -14.90
N GLU A 320 16.17 11.40 -15.15
CA GLU A 320 17.56 11.73 -14.88
C GLU A 320 17.99 12.99 -15.63
N GLU A 321 17.71 13.06 -16.93
CA GLU A 321 18.10 14.23 -17.67
C GLU A 321 17.30 15.45 -17.21
N ALA A 322 16.00 15.26 -16.97
CA ALA A 322 15.15 16.36 -16.53
C ALA A 322 15.70 17.01 -15.27
N ILE A 323 16.25 16.21 -14.36
CA ILE A 323 16.81 16.74 -13.13
C ILE A 323 18.03 17.59 -13.46
N ILE A 324 18.93 17.04 -14.27
CA ILE A 324 20.12 17.77 -14.65
C ILE A 324 19.75 19.08 -15.37
N ASN A 325 18.81 19.01 -16.31
CA ASN A 325 18.38 20.20 -17.03
C ASN A 325 17.85 21.29 -16.09
N SER A 326 17.26 20.88 -14.97
CA SER A 326 16.74 21.85 -14.00
C SER A 326 17.90 22.65 -13.42
N LEU A 327 19.09 22.02 -13.39
CA LEU A 327 20.28 22.69 -12.87
C LEU A 327 20.91 23.54 -13.98
N LEU A 328 21.03 22.96 -15.18
CA LEU A 328 21.60 23.64 -16.32
C LEU A 328 20.79 24.87 -16.74
N GLU A 329 19.48 24.84 -16.50
CA GLU A 329 18.60 25.94 -16.87
C GLU A 329 18.42 27.00 -15.79
N ALA A 330 18.80 26.66 -14.56
CA ALA A 330 18.66 27.60 -13.44
C ALA A 330 19.72 28.71 -13.45
N ARG A 331 19.29 29.92 -13.09
CA ARG A 331 20.18 31.07 -13.04
C ARG A 331 20.41 31.43 -11.58
N THR A 332 21.61 31.85 -11.23
CA THR A 332 21.94 32.23 -9.86
C THR A 332 20.83 33.08 -9.25
N MET A 333 20.65 33.00 -7.94
CA MET A 333 19.60 33.77 -7.28
C MET A 333 19.79 33.98 -5.78
N ASP A 334 19.51 35.20 -5.35
CA ASP A 334 19.62 35.57 -3.94
C ASP A 334 18.21 35.57 -3.37
N GLY A 335 18.09 35.43 -2.06
CA GLY A 335 16.78 35.41 -1.43
C GLY A 335 16.78 35.94 -0.02
N ARG A 336 15.80 35.49 0.76
CA ARG A 336 15.67 35.94 2.14
C ARG A 336 16.98 35.79 2.90
N ASP A 337 17.25 36.75 3.79
CA ASP A 337 18.47 36.78 4.59
C ASP A 337 19.73 36.69 3.72
N ASN A 338 19.67 37.30 2.55
CA ASN A 338 20.80 37.30 1.64
C ASN A 338 21.30 35.91 1.27
N HIS A 339 20.47 34.90 1.48
CA HIS A 339 20.86 33.53 1.13
C HIS A 339 21.02 33.50 -0.39
N VAL A 340 21.99 32.73 -0.89
CA VAL A 340 22.18 32.64 -2.33
C VAL A 340 22.56 31.24 -2.82
N ARG A 341 22.02 30.88 -3.99
CA ARG A 341 22.27 29.60 -4.63
C ARG A 341 22.74 29.96 -6.03
N TYR A 342 23.93 29.48 -6.39
CA TYR A 342 24.50 29.76 -7.70
C TYR A 342 24.18 28.68 -8.70
N ALA A 343 23.97 29.08 -9.95
CA ALA A 343 23.66 28.14 -11.01
C ALA A 343 24.88 27.27 -11.26
N LEU A 344 24.64 25.99 -11.54
CA LEU A 344 25.72 25.06 -11.83
C LEU A 344 26.59 25.61 -12.95
N PRO A 345 27.90 25.83 -12.69
CA PRO A 345 28.81 26.36 -13.70
C PRO A 345 29.00 25.41 -14.89
N LYS A 346 28.34 25.74 -16.00
CA LYS A 346 28.37 24.92 -17.21
C LYS A 346 29.71 24.69 -17.89
N GLU A 347 30.58 25.72 -17.92
CA GLU A 347 31.89 25.56 -18.53
C GLU A 347 32.76 24.70 -17.63
N GLU A 348 32.52 24.81 -16.32
CA GLU A 348 33.25 24.02 -15.34
C GLU A 348 32.79 22.58 -15.54
N LEU A 349 31.48 22.41 -15.70
CA LEU A 349 30.88 21.12 -15.91
C LEU A 349 31.47 20.42 -17.14
N LEU A 350 31.72 21.18 -18.20
CA LEU A 350 32.30 20.60 -19.41
C LEU A 350 33.71 20.10 -19.13
N ARG A 351 34.44 20.86 -18.32
CA ARG A 351 35.80 20.50 -17.95
C ARG A 351 35.83 19.18 -17.16
N ILE A 352 34.95 19.07 -16.17
CA ILE A 352 34.89 17.84 -15.36
C ILE A 352 34.51 16.64 -16.19
N MET A 353 33.48 16.79 -17.03
CA MET A 353 33.03 15.69 -17.87
C MET A 353 34.19 15.23 -18.75
N ARG A 354 34.98 16.16 -19.25
CA ARG A 354 36.13 15.83 -20.08
C ARG A 354 37.21 15.07 -19.30
N ARG A 355 37.47 15.50 -18.06
CA ARG A 355 38.47 14.84 -17.23
C ARG A 355 38.11 13.37 -17.01
N TYR A 356 36.82 13.06 -17.07
CA TYR A 356 36.39 11.67 -16.89
C TYR A 356 36.04 11.00 -18.20
N GLY A 357 36.61 11.52 -19.29
CA GLY A 357 36.39 10.96 -20.61
C GLY A 357 34.94 10.73 -20.98
N ARG A 358 34.09 11.72 -20.72
CA ARG A 358 32.67 11.61 -21.05
C ARG A 358 32.13 12.93 -21.59
N LEU A 359 32.27 13.14 -22.89
CA LEU A 359 31.79 14.37 -23.50
C LEU A 359 31.95 14.32 -25.02
N MET B 1 -29.32 -26.95 5.92
CA MET B 1 -28.48 -26.89 4.69
C MET B 1 -27.93 -25.46 4.54
N LYS B 2 -28.67 -24.62 3.83
CA LYS B 2 -28.26 -23.23 3.64
C LYS B 2 -29.26 -22.26 4.24
N ALA B 3 -28.88 -20.99 4.31
CA ALA B 3 -29.72 -19.94 4.88
C ALA B 3 -31.17 -19.91 4.41
N GLN B 4 -31.37 -19.91 3.09
CA GLN B 4 -32.72 -19.85 2.52
C GLN B 4 -33.65 -20.97 2.94
N GLU B 5 -33.12 -22.20 3.08
CA GLU B 5 -33.97 -23.31 3.50
C GLU B 5 -34.36 -23.21 4.97
N LEU B 6 -33.82 -22.21 5.67
CA LEU B 6 -34.15 -22.03 7.08
C LEU B 6 -34.95 -20.73 7.26
N GLY B 7 -35.35 -20.12 6.15
CA GLY B 7 -36.11 -18.89 6.22
C GLY B 7 -35.27 -17.69 6.65
N ILE B 8 -33.96 -17.77 6.44
CA ILE B 8 -33.06 -16.67 6.79
C ILE B 8 -32.67 -15.91 5.53
N LYS B 9 -33.13 -14.66 5.44
CA LYS B 9 -32.88 -13.79 4.29
C LYS B 9 -31.68 -12.86 4.50
N ILE B 10 -30.68 -12.99 3.62
CA ILE B 10 -29.49 -12.13 3.70
C ILE B 10 -29.42 -11.28 2.44
N GLY B 11 -29.46 -9.96 2.60
CA GLY B 11 -29.38 -9.08 1.46
C GLY B 11 -30.66 -8.84 0.71
N VAL B 12 -30.57 -8.15 -0.42
CA VAL B 12 -31.74 -7.83 -1.23
C VAL B 12 -31.67 -8.35 -2.66
N PHE B 13 -30.47 -8.77 -3.08
CA PHE B 13 -30.31 -9.30 -4.42
C PHE B 13 -30.66 -10.78 -4.43
N LYS B 14 -31.06 -11.28 -5.59
CA LYS B 14 -31.42 -12.69 -5.71
C LYS B 14 -30.16 -13.52 -5.95
N PRO B 15 -30.14 -14.76 -5.46
CA PRO B 15 -28.98 -15.64 -5.64
C PRO B 15 -28.94 -16.24 -7.04
N GLY B 16 -27.86 -16.95 -7.35
CA GLY B 16 -27.73 -17.61 -8.64
C GLY B 16 -28.40 -18.96 -8.54
N LYS B 17 -28.60 -19.65 -9.66
CA LYS B 17 -29.26 -20.94 -9.65
C LYS B 17 -28.71 -21.94 -8.62
N ARG B 18 -27.39 -22.03 -8.53
CA ARG B 18 -26.77 -22.94 -7.57
C ARG B 18 -26.56 -22.25 -6.21
N ASN B 19 -26.51 -20.92 -6.24
CA ASN B 19 -26.26 -20.11 -5.05
C ASN B 19 -24.88 -20.52 -4.55
N LYS B 20 -23.97 -20.67 -5.50
CA LYS B 20 -22.58 -21.05 -5.26
C LYS B 20 -21.69 -20.23 -6.16
N ILE B 21 -20.41 -20.19 -5.85
CA ILE B 21 -19.46 -19.40 -6.62
C ILE B 21 -19.39 -19.89 -8.07
N THR B 22 -19.71 -21.16 -8.27
CA THR B 22 -19.69 -21.78 -9.59
C THR B 22 -20.81 -21.25 -10.47
N ASP B 23 -21.63 -20.34 -9.93
CA ASP B 23 -22.69 -19.74 -10.71
C ASP B 23 -22.02 -18.86 -11.76
N VAL B 24 -20.74 -18.57 -11.53
CA VAL B 24 -19.97 -17.79 -12.50
C VAL B 24 -19.48 -18.85 -13.49
N LYS B 25 -20.06 -18.82 -14.68
CA LYS B 25 -19.74 -19.77 -15.73
C LYS B 25 -18.25 -20.05 -15.88
N GLY B 26 -17.88 -21.32 -15.84
CA GLY B 26 -16.50 -21.70 -15.99
C GLY B 26 -15.78 -21.96 -14.68
N VAL B 27 -16.22 -21.31 -13.60
CA VAL B 27 -15.57 -21.52 -12.31
C VAL B 27 -15.79 -22.92 -11.79
N LYS B 28 -14.72 -23.56 -11.33
CA LYS B 28 -14.83 -24.91 -10.80
C LYS B 28 -14.21 -25.07 -9.42
N VAL B 29 -14.76 -26.00 -8.63
CA VAL B 29 -14.29 -26.25 -7.27
C VAL B 29 -14.18 -27.74 -6.95
N GLY B 30 -13.03 -28.14 -6.42
CA GLY B 30 -12.80 -29.52 -6.06
C GLY B 30 -12.22 -29.63 -4.66
N HIS B 31 -12.43 -30.76 -4.00
CA HIS B 31 -11.91 -30.97 -2.65
C HIS B 31 -11.23 -32.31 -2.53
N VAL B 32 -10.49 -32.45 -1.44
CA VAL B 32 -9.82 -33.68 -1.04
C VAL B 32 -9.92 -33.55 0.47
N THR B 33 -10.61 -34.49 1.10
CA THR B 33 -10.82 -34.46 2.54
C THR B 33 -10.02 -35.54 3.21
N LEU B 34 -9.37 -35.19 4.32
CA LEU B 34 -8.54 -36.13 5.05
C LEU B 34 -8.95 -36.25 6.50
N ILE B 35 -9.62 -37.35 6.82
CA ILE B 35 -10.06 -37.63 8.18
C ILE B 35 -9.49 -38.98 8.59
N LYS B 36 -8.85 -39.03 9.74
CA LYS B 36 -8.26 -40.27 10.22
C LYS B 36 -7.87 -40.18 11.70
N GLY B 37 -8.14 -41.26 12.42
CA GLY B 37 -7.79 -41.32 13.83
C GLY B 37 -8.74 -40.60 14.76
N LYS B 38 -8.52 -40.82 16.06
CA LYS B 38 -9.34 -40.21 17.10
C LYS B 38 -8.55 -40.26 18.40
N GLY B 39 -8.90 -39.38 19.34
CA GLY B 39 -8.22 -39.41 20.62
C GLY B 39 -7.16 -38.37 20.88
N LYS B 40 -6.27 -38.72 21.80
CA LYS B 40 -5.16 -37.85 22.21
C LYS B 40 -4.30 -37.46 21.01
N LEU B 41 -3.76 -36.25 21.08
CA LEU B 41 -2.91 -35.75 20.00
C LEU B 41 -1.56 -36.48 19.96
N ILE B 42 -1.25 -37.05 18.80
CA ILE B 42 0.02 -37.74 18.59
C ILE B 42 0.75 -36.94 17.51
N PRO B 43 1.41 -35.85 17.91
CA PRO B 43 2.14 -34.99 16.97
C PRO B 43 2.85 -35.73 15.85
N GLY B 44 2.35 -35.53 14.62
CA GLY B 44 2.95 -36.18 13.48
C GLY B 44 2.19 -37.40 12.97
N LYS B 45 1.27 -37.90 13.76
CA LYS B 45 0.50 -39.08 13.37
C LYS B 45 -1.00 -38.79 13.22
N GLY B 46 -1.54 -37.99 14.14
CA GLY B 46 -2.95 -37.67 14.08
C GLY B 46 -3.46 -37.36 15.47
N PRO B 47 -4.79 -37.23 15.64
CA PRO B 47 -5.82 -37.37 14.60
C PRO B 47 -5.68 -36.39 13.45
N VAL B 48 -6.08 -36.82 12.25
CA VAL B 48 -6.00 -35.99 11.05
C VAL B 48 -7.36 -35.42 10.69
N ARG B 49 -7.42 -34.11 10.55
CA ARG B 49 -8.64 -33.37 10.23
C ARG B 49 -8.32 -32.15 9.38
N THR B 50 -8.05 -32.43 8.09
CA THR B 50 -7.70 -31.36 7.18
C THR B 50 -7.96 -31.78 5.73
N GLY B 51 -7.45 -30.97 4.78
CA GLY B 51 -7.67 -31.32 3.38
C GLY B 51 -7.27 -30.19 2.43
N VAL B 52 -7.73 -30.25 1.19
CA VAL B 52 -7.35 -29.29 0.17
C VAL B 52 -8.56 -28.88 -0.64
N THR B 53 -8.64 -27.60 -0.97
CA THR B 53 -9.72 -27.09 -1.78
C THR B 53 -9.08 -26.35 -2.93
N ALA B 54 -9.58 -26.61 -4.13
CA ALA B 54 -9.07 -25.96 -5.32
C ALA B 54 -10.15 -25.15 -6.01
N ILE B 55 -9.79 -23.95 -6.47
CA ILE B 55 -10.74 -23.10 -7.17
C ILE B 55 -10.13 -22.79 -8.54
N LEU B 56 -10.85 -23.14 -9.59
CA LEU B 56 -10.39 -22.91 -10.96
C LEU B 56 -11.12 -21.72 -11.60
N PRO B 57 -10.38 -20.63 -11.90
CA PRO B 57 -10.99 -19.47 -12.54
C PRO B 57 -11.82 -19.87 -13.78
N HIS B 58 -11.31 -20.84 -14.54
CA HIS B 58 -12.01 -21.33 -15.72
C HIS B 58 -11.55 -22.75 -16.09
N GLU B 59 -12.21 -23.35 -17.08
CA GLU B 59 -11.91 -24.72 -17.47
C GLU B 59 -10.61 -25.00 -18.25
N GLY B 60 -9.91 -23.95 -18.67
CA GLY B 60 -8.69 -24.16 -19.43
C GLY B 60 -7.36 -24.06 -18.70
N ASN B 61 -6.35 -23.62 -19.42
CA ASN B 61 -5.00 -23.44 -18.89
C ASN B 61 -4.97 -22.04 -18.31
N ILE B 62 -4.97 -21.94 -16.98
CA ILE B 62 -4.98 -20.64 -16.32
C ILE B 62 -3.67 -19.86 -16.50
N TYR B 63 -2.57 -20.56 -16.72
CA TYR B 63 -1.28 -19.92 -16.90
C TYR B 63 -1.17 -19.27 -18.28
N LYS B 64 -1.56 -20.00 -19.32
CA LYS B 64 -1.52 -19.48 -20.68
C LYS B 64 -2.63 -18.46 -20.87
N GLU B 65 -3.74 -18.68 -20.18
CA GLU B 65 -4.86 -17.75 -20.25
C GLU B 65 -5.22 -17.27 -18.84
N LYS B 66 -4.58 -16.18 -18.46
CA LYS B 66 -4.74 -15.57 -17.14
C LYS B 66 -6.02 -14.77 -17.03
N VAL B 67 -6.45 -14.48 -15.81
CA VAL B 67 -7.63 -13.65 -15.60
C VAL B 67 -7.22 -12.48 -14.73
N LEU B 68 -7.84 -11.33 -14.95
CA LEU B 68 -7.52 -10.15 -14.14
C LEU B 68 -7.99 -10.44 -12.72
N ALA B 69 -7.22 -9.97 -11.75
CA ALA B 69 -7.55 -10.23 -10.35
C ALA B 69 -7.11 -9.16 -9.38
N GLY B 70 -7.71 -9.18 -8.20
CA GLY B 70 -7.37 -8.23 -7.16
C GLY B 70 -7.37 -8.92 -5.81
N ALA B 71 -6.93 -8.23 -4.77
CA ALA B 71 -6.90 -8.84 -3.45
C ALA B 71 -6.71 -7.79 -2.37
N PHE B 72 -7.19 -8.10 -1.18
CA PHE B 72 -7.08 -7.19 -0.04
C PHE B 72 -6.79 -7.95 1.24
N VAL B 73 -5.80 -7.47 1.98
CA VAL B 73 -5.43 -8.08 3.25
C VAL B 73 -6.05 -7.24 4.36
N MET B 74 -7.11 -7.74 4.98
CA MET B 74 -7.73 -7.02 6.07
C MET B 74 -6.75 -7.14 7.25
N ASN B 75 -6.29 -8.36 7.55
CA ASN B 75 -5.31 -8.57 8.62
C ASN B 75 -4.31 -9.64 8.20
N GLY B 76 -3.06 -9.22 8.10
CA GLY B 76 -2.02 -10.12 7.65
C GLY B 76 -1.41 -11.18 8.54
N TYR B 77 -2.13 -11.71 9.51
CA TYR B 77 -1.54 -12.77 10.31
C TYR B 77 -1.90 -14.01 9.49
N SER B 78 -1.43 -13.99 8.26
CA SER B 78 -1.69 -15.03 7.30
C SER B 78 -0.41 -15.33 6.51
N LYS B 79 -0.32 -16.54 5.96
CA LYS B 79 0.84 -16.94 5.20
C LYS B 79 0.50 -17.22 3.73
N PRO B 80 -0.07 -16.23 3.04
CA PRO B 80 -0.41 -16.45 1.61
C PRO B 80 0.77 -16.47 0.66
N VAL B 81 0.64 -17.27 -0.40
CA VAL B 81 1.68 -17.36 -1.40
C VAL B 81 1.14 -16.85 -2.74
N GLY B 82 1.90 -15.98 -3.40
CA GLY B 82 1.50 -15.46 -4.70
C GLY B 82 0.77 -14.12 -4.80
N LEU B 83 0.55 -13.44 -3.67
CA LEU B 83 -0.17 -12.17 -3.74
C LEU B 83 0.64 -11.02 -4.33
N ILE B 84 1.94 -11.03 -4.09
CA ILE B 84 2.81 -9.97 -4.60
C ILE B 84 2.73 -9.81 -6.12
N GLN B 85 2.84 -10.92 -6.86
CA GLN B 85 2.78 -10.81 -8.30
C GLN B 85 1.36 -10.49 -8.74
N LEU B 86 0.38 -11.00 -8.00
CA LEU B 86 -1.01 -10.75 -8.30
C LEU B 86 -1.25 -9.24 -8.29
N TRP B 87 -0.71 -8.55 -7.28
CA TRP B 87 -0.87 -7.11 -7.20
C TRP B 87 -0.07 -6.37 -8.28
N GLU B 88 1.15 -6.83 -8.52
CA GLU B 88 2.01 -6.19 -9.51
C GLU B 88 1.47 -6.30 -10.94
N LEU B 89 1.05 -7.50 -11.32
CA LEU B 89 0.56 -7.76 -12.68
C LEU B 89 -0.94 -7.78 -12.88
N GLY B 90 -1.68 -7.80 -11.77
CA GLY B 90 -3.13 -7.80 -11.85
C GLY B 90 -3.72 -9.09 -12.39
N THR B 91 -2.97 -10.17 -12.32
CA THR B 91 -3.49 -11.43 -12.83
C THR B 91 -3.28 -12.64 -11.91
N ILE B 92 -4.03 -13.69 -12.21
CA ILE B 92 -3.96 -14.98 -11.52
C ILE B 92 -3.64 -15.91 -12.69
N GLU B 93 -2.63 -16.77 -12.51
CA GLU B 93 -2.21 -17.66 -13.58
C GLU B 93 -2.11 -19.12 -13.17
N THR B 94 -2.84 -19.49 -12.13
CA THR B 94 -2.83 -20.85 -11.63
C THR B 94 -4.13 -21.12 -10.90
N PRO B 95 -4.44 -22.40 -10.69
CA PRO B 95 -5.68 -22.63 -9.96
C PRO B 95 -5.42 -22.09 -8.54
N ILE B 96 -6.47 -21.77 -7.82
CA ILE B 96 -6.34 -21.23 -6.47
C ILE B 96 -6.44 -22.37 -5.47
N ILE B 97 -5.40 -22.54 -4.65
CA ILE B 97 -5.35 -23.61 -3.67
C ILE B 97 -5.50 -23.10 -2.23
N LEU B 98 -6.31 -23.82 -1.46
CA LEU B 98 -6.55 -23.50 -0.05
C LEU B 98 -6.24 -24.73 0.78
N THR B 99 -5.55 -24.54 1.91
CA THR B 99 -5.21 -25.65 2.79
C THR B 99 -4.85 -25.10 4.17
N ASN B 100 -4.28 -25.93 5.04
CA ASN B 100 -3.92 -25.48 6.38
C ASN B 100 -2.56 -24.77 6.39
N THR B 101 -2.40 -23.86 7.34
CA THR B 101 -1.18 -23.06 7.47
C THR B 101 0.16 -23.77 7.27
N LEU B 102 0.33 -24.94 7.86
CA LEU B 102 1.61 -25.66 7.74
C LEU B 102 1.79 -26.50 6.47
N SER B 103 0.78 -26.51 5.60
CA SER B 103 0.87 -27.27 4.36
C SER B 103 0.99 -26.42 3.09
N ILE B 104 1.28 -25.12 3.26
CA ILE B 104 1.40 -24.25 2.10
C ILE B 104 2.59 -24.68 1.25
N GLY B 105 3.67 -25.08 1.91
CA GLY B 105 4.84 -25.54 1.20
C GLY B 105 4.45 -26.74 0.34
N THR B 106 3.81 -27.72 0.97
CA THR B 106 3.38 -28.91 0.28
C THR B 106 2.43 -28.56 -0.85
N ALA B 107 1.55 -27.59 -0.59
CA ALA B 107 0.57 -27.15 -1.57
C ALA B 107 1.27 -26.60 -2.81
N VAL B 108 2.29 -25.76 -2.60
CA VAL B 108 3.06 -25.19 -3.70
C VAL B 108 3.73 -26.30 -4.51
N GLU B 109 4.23 -27.32 -3.82
CA GLU B 109 4.87 -28.45 -4.49
C GLU B 109 3.86 -29.18 -5.36
N GLY B 110 2.66 -29.37 -4.84
CA GLY B 110 1.62 -30.06 -5.58
C GLY B 110 1.08 -29.21 -6.72
N LEU B 111 0.87 -27.93 -6.45
CA LEU B 111 0.35 -27.04 -7.46
C LEU B 111 1.34 -27.01 -8.64
N LEU B 112 2.63 -26.97 -8.32
CA LEU B 112 3.64 -26.96 -9.36
C LEU B 112 3.63 -28.28 -10.14
N ASP B 113 3.47 -29.41 -9.46
CA ASP B 113 3.44 -30.68 -10.18
C ASP B 113 2.43 -30.57 -11.31
N TYR B 114 1.28 -29.97 -11.00
CA TYR B 114 0.21 -29.81 -11.96
C TYR B 114 0.54 -28.80 -13.06
N ILE B 115 1.05 -27.64 -12.66
CA ILE B 115 1.39 -26.58 -13.61
C ILE B 115 2.43 -26.98 -14.63
N LEU B 116 3.55 -27.52 -14.14
CA LEU B 116 4.65 -27.94 -15.00
C LEU B 116 4.23 -29.00 -16.02
N GLU B 117 3.31 -29.87 -15.62
CA GLU B 117 2.85 -30.93 -16.51
C GLU B 117 2.02 -30.37 -17.64
N GLU B 118 1.31 -29.29 -17.36
CA GLU B 118 0.45 -28.64 -18.34
C GLU B 118 1.24 -27.65 -19.19
N ASN B 119 2.42 -27.27 -18.71
CA ASN B 119 3.26 -26.32 -19.43
C ASN B 119 4.73 -26.68 -19.34
N GLU B 120 5.22 -27.40 -20.34
CA GLU B 120 6.63 -27.81 -20.35
C GLU B 120 7.56 -26.69 -20.83
N ASP B 121 6.98 -25.57 -21.23
CA ASP B 121 7.76 -24.43 -21.70
C ASP B 121 8.24 -23.54 -20.55
N ILE B 122 7.63 -23.69 -19.39
CA ILE B 122 7.99 -22.92 -18.20
C ILE B 122 9.40 -23.29 -17.71
N GLY B 123 10.24 -22.28 -17.53
CA GLY B 123 11.60 -22.52 -17.06
C GLY B 123 12.62 -22.90 -18.12
N VAL B 124 12.19 -22.88 -19.37
CA VAL B 124 13.06 -23.25 -20.49
C VAL B 124 12.96 -22.22 -21.60
N THR B 125 11.77 -22.08 -22.19
CA THR B 125 11.57 -21.11 -23.27
C THR B 125 10.72 -19.92 -22.84
N THR B 126 10.19 -19.97 -21.62
CA THR B 126 9.40 -18.86 -21.10
C THR B 126 9.75 -18.61 -19.64
N GLY B 127 8.98 -17.76 -18.99
CA GLY B 127 9.26 -17.43 -17.60
C GLY B 127 8.81 -18.43 -16.57
N SER B 128 8.83 -17.97 -15.32
CA SER B 128 8.46 -18.75 -14.15
C SER B 128 6.94 -18.78 -14.01
N VAL B 129 6.46 -19.16 -12.83
CA VAL B 129 5.02 -19.21 -12.57
C VAL B 129 4.72 -18.78 -11.13
N ASN B 130 3.57 -18.12 -10.95
CA ASN B 130 3.14 -17.61 -9.66
C ASN B 130 2.05 -18.44 -8.99
N PRO B 131 2.43 -19.49 -8.26
CA PRO B 131 1.40 -20.30 -7.61
C PRO B 131 0.68 -19.47 -6.56
N LEU B 132 -0.65 -19.64 -6.48
CA LEU B 132 -1.46 -18.91 -5.53
C LEU B 132 -2.02 -19.87 -4.49
N VAL B 133 -1.54 -19.71 -3.25
CA VAL B 133 -1.94 -20.56 -2.15
C VAL B 133 -2.27 -19.72 -0.90
N LEU B 134 -3.45 -19.93 -0.33
CA LEU B 134 -3.84 -19.21 0.88
C LEU B 134 -4.25 -20.26 1.91
N GLU B 135 -4.35 -19.87 3.17
CA GLU B 135 -4.68 -20.83 4.20
C GLU B 135 -5.37 -20.32 5.47
N CYS B 136 -5.63 -21.29 6.35
CA CYS B 136 -6.23 -21.08 7.67
C CYS B 136 -5.65 -22.18 8.57
N ASN B 137 -5.60 -21.92 9.86
CA ASN B 137 -5.03 -22.87 10.84
C ASN B 137 -6.12 -23.77 11.43
N ASP B 138 -6.05 -25.07 11.14
CA ASP B 138 -7.03 -26.02 11.66
C ASP B 138 -6.48 -26.80 12.87
N SER B 139 -5.52 -26.21 13.57
CA SER B 139 -4.89 -26.88 14.71
C SER B 139 -5.78 -27.35 15.86
N TYR B 140 -6.91 -26.69 16.08
CA TYR B 140 -7.78 -27.10 17.18
C TYR B 140 -8.27 -28.53 17.04
N LEU B 141 -8.57 -28.93 15.80
CA LEU B 141 -9.05 -30.28 15.52
C LEU B 141 -8.05 -31.18 14.81
N ASN B 142 -7.12 -30.58 14.09
CA ASN B 142 -6.14 -31.34 13.31
C ASN B 142 -4.69 -31.31 13.80
N ASP B 143 -3.98 -32.39 13.52
CA ASP B 143 -2.56 -32.48 13.87
C ASP B 143 -1.82 -31.70 12.78
N ILE B 144 -1.89 -30.37 12.87
CA ILE B 144 -1.24 -29.53 11.87
C ILE B 144 0.28 -29.73 11.78
N ARG B 145 0.93 -30.03 12.90
CA ARG B 145 2.37 -30.26 12.89
C ARG B 145 2.72 -31.46 12.02
N GLY B 146 1.74 -32.35 11.83
CA GLY B 146 1.97 -33.55 11.05
C GLY B 146 2.07 -33.35 9.55
N ARG B 147 1.57 -32.23 9.04
CA ARG B 147 1.61 -31.95 7.61
C ARG B 147 1.13 -33.17 6.83
N HIS B 148 -0.13 -33.54 7.06
CA HIS B 148 -0.72 -34.71 6.43
C HIS B 148 -1.19 -34.49 4.99
N VAL B 149 -1.21 -33.23 4.56
CA VAL B 149 -1.60 -32.95 3.18
C VAL B 149 -0.41 -33.38 2.32
N LYS B 150 -0.70 -34.11 1.24
CA LYS B 150 0.33 -34.60 0.33
C LYS B 150 0.22 -33.85 -0.99
N ARG B 151 1.34 -33.74 -1.70
CA ARG B 151 1.36 -33.06 -2.99
C ARG B 151 0.38 -33.68 -3.99
N GLU B 152 0.16 -34.98 -3.92
CA GLU B 152 -0.77 -35.65 -4.84
C GLU B 152 -2.20 -35.20 -4.54
N HIS B 153 -2.44 -34.81 -3.30
CA HIS B 153 -3.75 -34.36 -2.87
C HIS B 153 -4.12 -33.07 -3.59
N VAL B 154 -3.13 -32.19 -3.77
CA VAL B 154 -3.37 -30.93 -4.45
C VAL B 154 -3.77 -31.20 -5.91
N VAL B 155 -3.03 -32.08 -6.59
CA VAL B 155 -3.35 -32.39 -7.98
C VAL B 155 -4.74 -33.01 -8.06
N GLU B 156 -5.06 -33.87 -7.10
CA GLU B 156 -6.36 -34.53 -7.05
C GLU B 156 -7.51 -33.54 -6.92
N ALA B 157 -7.38 -32.59 -5.98
CA ALA B 157 -8.41 -31.59 -5.79
C ALA B 157 -8.66 -30.81 -7.09
N ILE B 158 -7.59 -30.44 -7.78
CA ILE B 158 -7.71 -29.72 -9.03
C ILE B 158 -8.47 -30.56 -10.06
N LYS B 159 -8.10 -31.83 -10.17
CA LYS B 159 -8.74 -32.72 -11.13
C LYS B 159 -10.19 -33.04 -10.75
N ARG B 160 -10.54 -32.82 -9.49
CA ARG B 160 -11.90 -33.08 -9.02
C ARG B 160 -12.84 -31.88 -9.16
N ALA B 161 -12.27 -30.70 -9.38
CA ALA B 161 -13.06 -29.47 -9.50
C ALA B 161 -14.20 -29.59 -10.51
N ASP B 162 -15.42 -29.30 -10.06
CA ASP B 162 -16.60 -29.38 -10.89
C ASP B 162 -17.54 -28.20 -10.61
N GLU B 163 -18.72 -28.22 -11.24
CA GLU B 163 -19.73 -27.18 -11.08
C GLU B 163 -20.38 -27.28 -9.72
N ASP B 164 -20.67 -28.52 -9.31
CA ASP B 164 -21.31 -28.75 -8.03
C ASP B 164 -20.26 -29.23 -7.03
N PHE B 165 -20.26 -28.64 -5.84
CA PHE B 165 -19.29 -29.02 -4.83
C PHE B 165 -19.93 -29.05 -3.45
N GLU B 166 -19.41 -29.91 -2.58
CA GLU B 166 -19.96 -30.03 -1.25
C GLU B 166 -19.47 -28.83 -0.44
N GLU B 167 -20.19 -28.52 0.63
CA GLU B 167 -19.82 -27.42 1.50
C GLU B 167 -19.69 -27.95 2.92
N GLY B 168 -19.34 -27.07 3.86
CA GLY B 168 -19.19 -27.52 5.23
C GLY B 168 -17.80 -27.99 5.58
N ALA B 169 -17.71 -29.07 6.34
CA ALA B 169 -16.42 -29.61 6.77
C ALA B 169 -15.77 -30.54 5.75
N VAL B 170 -15.42 -29.99 4.58
CA VAL B 170 -14.77 -30.74 3.52
C VAL B 170 -13.58 -29.94 2.99
N GLY B 171 -12.71 -30.60 2.23
CA GLY B 171 -11.54 -29.92 1.67
C GLY B 171 -10.74 -29.17 2.70
N ALA B 172 -10.46 -27.90 2.41
CA ALA B 172 -9.70 -27.05 3.33
C ALA B 172 -10.47 -26.75 4.61
N GLY B 173 -11.79 -26.93 4.54
CA GLY B 173 -12.62 -26.66 5.70
C GLY B 173 -12.84 -27.83 6.63
N THR B 174 -12.30 -29.00 6.30
CA THR B 174 -12.49 -30.18 7.13
C THR B 174 -12.36 -29.97 8.65
N GLY B 175 -11.22 -29.48 9.11
CA GLY B 175 -11.02 -29.29 10.54
C GLY B 175 -11.04 -27.87 11.06
N MET B 176 -11.74 -26.99 10.37
CA MET B 176 -11.82 -25.58 10.76
C MET B 176 -12.86 -25.28 11.85
N SER B 177 -12.63 -24.21 12.61
CA SER B 177 -13.52 -23.79 13.69
C SER B 177 -13.90 -22.32 13.52
N ALA B 178 -15.17 -22.00 13.72
CA ALA B 178 -15.67 -20.64 13.59
C ALA B 178 -16.69 -20.36 14.68
N PHE B 179 -16.50 -19.26 15.41
CA PHE B 179 -17.44 -18.90 16.47
C PHE B 179 -17.51 -20.05 17.49
N GLU B 180 -16.42 -20.80 17.57
CA GLU B 180 -16.30 -21.92 18.49
C GLU B 180 -17.29 -23.03 18.15
N PHE B 181 -17.76 -23.00 16.91
CA PHE B 181 -18.67 -24.00 16.36
C PHE B 181 -17.87 -24.60 15.20
N LYS B 182 -18.45 -25.56 14.50
CA LYS B 182 -17.75 -26.16 13.37
C LYS B 182 -17.82 -25.21 12.18
N GLY B 183 -16.66 -24.85 11.64
CA GLY B 183 -16.61 -23.97 10.49
C GLY B 183 -16.19 -24.76 9.26
N GLY B 184 -15.80 -24.07 8.19
CA GLY B 184 -15.39 -24.78 7.00
C GLY B 184 -15.67 -24.05 5.69
N ILE B 185 -16.09 -24.79 4.68
CA ILE B 185 -16.39 -24.20 3.37
C ILE B 185 -17.83 -23.71 3.26
N GLY B 186 -17.99 -22.46 2.84
CA GLY B 186 -19.32 -21.92 2.65
C GLY B 186 -19.39 -21.22 1.31
N SER B 187 -20.56 -21.20 0.68
CA SER B 187 -20.66 -20.51 -0.61
C SER B 187 -22.03 -19.92 -0.86
N ALA B 188 -22.07 -18.91 -1.73
CA ALA B 188 -23.31 -18.23 -2.08
C ALA B 188 -23.02 -17.36 -3.30
N SER B 189 -24.07 -16.88 -3.97
CA SER B 189 -23.88 -16.01 -5.11
C SER B 189 -25.02 -15.02 -5.22
N ARG B 190 -24.86 -14.00 -6.06
CA ARG B 190 -25.90 -12.99 -6.26
C ARG B 190 -25.88 -12.50 -7.71
N ILE B 191 -27.05 -12.15 -8.21
CA ILE B 191 -27.19 -11.63 -9.57
C ILE B 191 -27.56 -10.16 -9.49
N VAL B 192 -26.95 -9.34 -10.35
CA VAL B 192 -27.24 -7.92 -10.37
C VAL B 192 -27.35 -7.42 -11.80
N GLU B 193 -28.24 -6.46 -12.04
CA GLU B 193 -28.39 -5.91 -13.38
C GLU B 193 -27.77 -4.52 -13.38
N ILE B 194 -26.82 -4.29 -14.29
CA ILE B 194 -26.16 -3.00 -14.38
C ILE B 194 -26.27 -2.48 -15.81
N GLU B 195 -27.01 -1.39 -15.99
CA GLU B 195 -27.19 -0.80 -17.31
C GLU B 195 -27.63 -1.86 -18.32
N GLY B 196 -28.72 -2.54 -18.00
CA GLY B 196 -29.27 -3.56 -18.89
C GLY B 196 -28.67 -4.95 -18.81
N LYS B 197 -27.38 -5.07 -18.52
CA LYS B 197 -26.74 -6.37 -18.47
C LYS B 197 -26.77 -7.01 -17.08
N LYS B 198 -26.88 -8.34 -17.08
CA LYS B 198 -26.92 -9.09 -15.83
C LYS B 198 -25.56 -9.70 -15.56
N TYR B 199 -25.05 -9.48 -14.36
CA TYR B 199 -23.75 -10.01 -13.98
C TYR B 199 -23.91 -10.85 -12.72
N THR B 200 -22.96 -11.77 -12.53
CA THR B 200 -22.98 -12.65 -11.39
C THR B 200 -21.76 -12.42 -10.49
N VAL B 201 -22.00 -12.48 -9.19
CA VAL B 201 -20.94 -12.32 -8.19
C VAL B 201 -21.02 -13.53 -7.29
N GLY B 202 -19.95 -14.33 -7.28
CA GLY B 202 -19.96 -15.53 -6.45
C GLY B 202 -18.94 -15.46 -5.34
N ALA B 203 -19.20 -16.19 -4.27
CA ALA B 203 -18.29 -16.19 -3.14
C ALA B 203 -18.11 -17.56 -2.49
N LEU B 204 -16.86 -17.93 -2.26
CA LEU B 204 -16.56 -19.17 -1.56
C LEU B 204 -15.63 -18.73 -0.42
N VAL B 205 -15.94 -19.17 0.79
CA VAL B 205 -15.14 -18.80 1.94
C VAL B 205 -14.68 -20.01 2.73
N LEU B 206 -13.58 -19.83 3.43
CA LEU B 206 -13.00 -20.84 4.28
C LEU B 206 -13.03 -20.13 5.63
N SER B 207 -14.08 -20.40 6.41
CA SER B 207 -14.25 -19.74 7.72
C SER B 207 -13.54 -20.48 8.84
N ASN B 208 -12.88 -19.72 9.72
CA ASN B 208 -12.12 -20.29 10.84
C ASN B 208 -11.87 -19.13 11.82
N PHE B 209 -12.92 -18.36 12.11
CA PHE B 209 -12.76 -17.20 12.97
C PHE B 209 -13.88 -16.94 13.97
N GLY B 210 -13.64 -15.92 14.78
CA GLY B 210 -14.61 -15.47 15.77
C GLY B 210 -14.78 -16.22 17.08
N ARG B 211 -15.09 -15.45 18.11
CA ARG B 211 -15.37 -16.00 19.43
C ARG B 211 -16.85 -16.33 19.37
N ARG B 212 -17.29 -17.30 20.17
CA ARG B 212 -18.69 -17.69 20.19
C ARG B 212 -19.64 -16.49 20.21
N GLU B 213 -19.30 -15.49 21.04
CA GLU B 213 -20.14 -14.30 21.21
C GLU B 213 -20.25 -13.36 20.01
N ASP B 214 -19.30 -13.44 19.08
CA ASP B 214 -19.32 -12.55 17.92
C ASP B 214 -20.37 -12.91 16.86
N LEU B 215 -20.81 -14.16 16.83
CA LEU B 215 -21.76 -14.59 15.80
C LEU B 215 -22.98 -13.69 15.60
N THR B 216 -23.15 -13.23 14.38
CA THR B 216 -24.27 -12.36 14.01
C THR B 216 -24.90 -12.92 12.72
N ILE B 217 -26.16 -13.30 12.79
CA ILE B 217 -26.85 -13.84 11.62
C ILE B 217 -28.04 -12.95 11.28
N ALA B 218 -27.98 -12.35 10.10
CA ALA B 218 -29.04 -11.45 9.66
C ALA B 218 -29.32 -10.42 10.76
N GLY B 219 -28.27 -9.91 11.38
CA GLY B 219 -28.44 -8.92 12.42
C GLY B 219 -28.79 -9.45 13.80
N VAL B 220 -29.08 -10.74 13.91
CA VAL B 220 -29.42 -11.33 15.19
C VAL B 220 -28.18 -11.80 15.95
N PRO B 221 -28.05 -11.43 17.24
CA PRO B 221 -26.92 -11.81 18.09
C PRO B 221 -26.98 -13.25 18.60
N VAL B 222 -27.07 -14.19 17.68
CA VAL B 222 -27.12 -15.61 18.01
C VAL B 222 -25.94 -16.03 18.90
N GLY B 223 -24.76 -15.48 18.61
CA GLY B 223 -23.58 -15.81 19.38
C GLY B 223 -23.75 -15.57 20.87
N LEU B 224 -24.18 -14.38 21.24
CA LEU B 224 -24.41 -14.05 22.64
C LEU B 224 -25.47 -14.98 23.22
N GLU B 225 -26.53 -15.21 22.44
CA GLU B 225 -27.61 -16.08 22.88
C GLU B 225 -27.14 -17.52 23.09
N LEU B 226 -26.02 -17.87 22.45
CA LEU B 226 -25.48 -19.23 22.57
C LEU B 226 -24.21 -19.27 23.43
N LYS B 227 -24.02 -18.21 24.21
CA LYS B 227 -22.86 -18.08 25.10
C LYS B 227 -22.33 -19.38 25.70
N ASN B 228 -23.16 -20.05 26.49
CA ASN B 228 -22.73 -21.27 27.15
C ASN B 228 -23.15 -22.58 26.48
N TRP B 229 -23.40 -22.54 25.18
CA TRP B 229 -23.77 -23.76 24.47
C TRP B 229 -22.46 -24.55 24.37
N PRO B 230 -22.54 -25.88 24.52
CA PRO B 230 -21.37 -26.77 24.46
C PRO B 230 -20.45 -26.52 23.24
N GLY B 231 -19.26 -27.11 23.30
CA GLY B 231 -18.32 -26.97 22.19
C GLY B 231 -17.19 -25.96 22.32
N ARG B 232 -17.28 -25.09 23.32
CA ARG B 232 -16.27 -24.06 23.53
C ARG B 232 -14.94 -24.65 24.00
N SER B 239 -9.26 -16.76 11.51
CA SER B 239 -8.82 -16.42 10.16
C SER B 239 -9.92 -16.75 9.15
N ILE B 240 -9.80 -16.23 7.93
CA ILE B 240 -10.79 -16.50 6.90
C ILE B 240 -10.38 -16.06 5.51
N ILE B 241 -10.47 -16.97 4.55
CA ILE B 241 -10.12 -16.64 3.18
C ILE B 241 -11.43 -16.48 2.41
N MET B 242 -11.56 -15.35 1.73
CA MET B 242 -12.74 -15.08 0.92
C MET B 242 -12.34 -15.00 -0.54
N ILE B 243 -12.89 -15.91 -1.33
CA ILE B 243 -12.61 -15.96 -2.76
C ILE B 243 -13.79 -15.40 -3.52
N ILE B 244 -13.57 -14.30 -4.23
CA ILE B 244 -14.64 -13.67 -4.98
C ILE B 244 -14.44 -13.85 -6.48
N ALA B 245 -15.51 -14.24 -7.17
CA ALA B 245 -15.48 -14.43 -8.61
C ALA B 245 -16.65 -13.67 -9.23
N THR B 246 -16.42 -13.08 -10.40
CA THR B 246 -17.48 -12.37 -11.11
C THR B 246 -17.22 -12.38 -12.60
N ASP B 247 -18.28 -12.20 -13.38
CA ASP B 247 -18.17 -12.18 -14.84
C ASP B 247 -18.26 -10.74 -15.35
N ALA B 248 -18.43 -9.79 -14.43
CA ALA B 248 -18.49 -8.38 -14.81
C ALA B 248 -17.08 -7.99 -15.25
N PRO B 249 -16.95 -7.20 -16.34
CA PRO B 249 -15.63 -6.78 -16.81
C PRO B 249 -15.03 -5.72 -15.89
N LEU B 250 -13.83 -5.99 -15.38
CA LEU B 250 -13.17 -5.08 -14.45
C LEU B 250 -11.65 -5.15 -14.57
N THR B 251 -10.99 -4.03 -14.35
CA THR B 251 -9.54 -4.00 -14.41
C THR B 251 -9.00 -4.51 -13.06
N GLY B 252 -7.69 -4.72 -12.98
CA GLY B 252 -7.09 -5.20 -11.74
C GLY B 252 -7.27 -4.25 -10.58
N ARG B 253 -7.24 -2.95 -10.87
CA ARG B 253 -7.43 -1.93 -9.84
C ARG B 253 -8.82 -2.08 -9.27
N GLN B 254 -9.81 -2.17 -10.16
CA GLN B 254 -11.19 -2.31 -9.75
C GLN B 254 -11.41 -3.58 -8.93
N LEU B 255 -10.72 -4.66 -9.30
CA LEU B 255 -10.87 -5.90 -8.57
C LEU B 255 -10.30 -5.84 -7.16
N ASN B 256 -9.38 -4.90 -6.92
CA ASN B 256 -8.82 -4.75 -5.57
C ASN B 256 -9.90 -4.07 -4.74
N ARG B 257 -10.71 -3.26 -5.40
CA ARG B 257 -11.79 -2.55 -4.73
C ARG B 257 -12.84 -3.59 -4.35
N VAL B 258 -13.13 -4.48 -5.29
CA VAL B 258 -14.11 -5.54 -5.06
C VAL B 258 -13.71 -6.41 -3.87
N ALA B 259 -12.43 -6.80 -3.82
CA ALA B 259 -11.95 -7.64 -2.74
C ALA B 259 -12.12 -6.98 -1.36
N LYS B 260 -11.99 -5.66 -1.30
CA LYS B 260 -12.15 -4.96 -0.04
C LYS B 260 -13.58 -5.10 0.49
N ARG B 261 -14.56 -5.06 -0.42
CA ARG B 261 -15.98 -5.14 -0.04
C ARG B 261 -16.38 -6.46 0.61
N ALA B 262 -15.58 -7.50 0.38
CA ALA B 262 -15.83 -8.80 0.98
C ALA B 262 -15.79 -8.64 2.50
N ILE B 263 -14.99 -7.70 2.99
CA ILE B 263 -14.85 -7.47 4.41
C ILE B 263 -16.16 -6.93 4.99
N VAL B 264 -16.99 -6.32 4.16
CA VAL B 264 -18.26 -5.79 4.63
C VAL B 264 -19.16 -6.94 5.07
N GLY B 265 -19.18 -8.02 4.28
CA GLY B 265 -19.99 -9.17 4.64
C GLY B 265 -19.37 -9.86 5.86
N LEU B 266 -18.05 -9.85 5.94
CA LEU B 266 -17.36 -10.46 7.06
C LEU B 266 -17.75 -9.76 8.37
N ALA B 267 -17.65 -8.43 8.37
CA ALA B 267 -17.99 -7.64 9.55
C ALA B 267 -19.40 -7.87 10.07
N ARG B 268 -20.36 -8.02 9.14
CA ARG B 268 -21.75 -8.22 9.50
C ARG B 268 -22.09 -9.57 10.15
N THR B 269 -21.17 -10.52 10.12
CA THR B 269 -21.43 -11.82 10.76
C THR B 269 -20.71 -11.85 12.11
N GLY B 270 -19.97 -10.79 12.42
CA GLY B 270 -19.24 -10.76 13.67
C GLY B 270 -17.74 -10.96 13.51
N GLY B 271 -17.23 -10.66 12.32
CA GLY B 271 -15.80 -10.79 12.08
C GLY B 271 -15.08 -9.51 12.46
N TYR B 272 -14.39 -9.52 13.59
CA TYR B 272 -13.69 -8.32 14.05
C TYR B 272 -12.21 -8.28 13.68
N ALA B 273 -11.74 -9.33 13.03
CA ALA B 273 -10.36 -9.41 12.60
C ALA B 273 -9.38 -9.26 13.77
N TYR B 274 -9.53 -10.11 14.78
CA TYR B 274 -8.62 -10.08 15.93
C TYR B 274 -7.17 -10.18 15.45
N ASN B 275 -6.22 -9.89 16.34
CA ASN B 275 -4.80 -9.92 16.01
C ASN B 275 -4.33 -11.17 15.28
N GLY B 276 -4.77 -12.34 15.74
CA GLY B 276 -4.34 -13.59 15.12
C GLY B 276 -5.25 -14.14 14.04
N SER B 277 -6.16 -13.32 13.51
CA SER B 277 -7.08 -13.80 12.47
C SER B 277 -6.64 -13.39 11.07
N GLY B 278 -6.14 -14.35 10.30
CA GLY B 278 -5.70 -14.08 8.94
C GLY B 278 -6.86 -13.89 7.98
N ASP B 279 -7.33 -12.65 7.86
CA ASP B 279 -8.46 -12.35 7.00
C ASP B 279 -7.98 -11.78 5.68
N ILE B 280 -8.19 -12.53 4.60
CA ILE B 280 -7.75 -12.11 3.27
C ILE B 280 -8.80 -12.41 2.20
N ALA B 281 -8.94 -11.49 1.26
CA ALA B 281 -9.92 -11.66 0.20
C ALA B 281 -9.28 -11.56 -1.18
N VAL B 282 -9.61 -12.50 -2.04
CA VAL B 282 -9.09 -12.52 -3.40
C VAL B 282 -10.28 -12.44 -4.34
N ALA B 283 -10.20 -11.56 -5.33
CA ALA B 283 -11.29 -11.39 -6.28
C ALA B 283 -10.78 -11.40 -7.72
N PHE B 284 -11.55 -12.02 -8.61
CA PHE B 284 -11.16 -12.07 -10.02
C PHE B 284 -12.36 -12.05 -10.97
N SER B 285 -12.12 -11.65 -12.21
CA SER B 285 -13.17 -11.60 -13.24
C SER B 285 -12.82 -12.57 -14.37
N THR B 286 -13.86 -13.20 -14.92
CA THR B 286 -13.69 -14.14 -16.02
C THR B 286 -13.95 -13.44 -17.35
N ALA B 287 -14.23 -12.14 -17.28
CA ALA B 287 -14.54 -11.34 -18.47
C ALA B 287 -13.37 -11.07 -19.39
N ASN B 288 -12.17 -10.90 -18.84
CA ASN B 288 -10.99 -10.64 -19.66
C ASN B 288 -9.94 -11.73 -19.46
N ARG B 289 -9.59 -12.41 -20.55
CA ARG B 289 -8.56 -13.44 -20.47
C ARG B 289 -7.27 -12.88 -21.02
N ILE B 290 -6.23 -12.89 -20.18
CA ILE B 290 -4.93 -12.36 -20.55
C ILE B 290 -4.05 -13.48 -21.09
N LYS B 291 -3.70 -13.37 -22.38
CA LYS B 291 -2.85 -14.35 -23.05
C LYS B 291 -1.40 -14.13 -22.59
N HIS B 292 -0.76 -15.20 -22.15
CA HIS B 292 0.63 -15.16 -21.68
C HIS B 292 1.59 -14.58 -22.71
N TYR B 293 1.45 -15.02 -23.97
CA TYR B 293 2.33 -14.58 -25.04
C TYR B 293 1.90 -13.35 -25.84
N GLU B 294 0.74 -12.77 -25.53
CA GLU B 294 0.28 -11.59 -26.25
C GLU B 294 1.37 -10.51 -26.28
N LYS B 295 1.50 -9.83 -27.42
CA LYS B 295 2.51 -8.80 -27.58
C LYS B 295 1.98 -7.52 -28.20
N GLU B 296 0.75 -7.57 -28.70
CA GLU B 296 0.13 -6.41 -29.32
C GLU B 296 -0.83 -5.71 -28.36
N VAL B 297 -1.10 -4.44 -28.61
CA VAL B 297 -2.02 -3.69 -27.77
C VAL B 297 -3.30 -4.48 -27.64
N ILE B 298 -3.89 -4.46 -26.44
CA ILE B 298 -5.14 -5.18 -26.22
C ILE B 298 -6.23 -4.23 -25.75
N GLU B 299 -7.45 -4.74 -25.71
CA GLU B 299 -8.58 -3.95 -25.24
C GLU B 299 -9.13 -4.67 -24.03
N ILE B 300 -9.19 -3.95 -22.91
CA ILE B 300 -9.75 -4.55 -21.72
C ILE B 300 -11.13 -3.98 -21.48
N LYS B 301 -12.11 -4.88 -21.51
CA LYS B 301 -13.50 -4.49 -21.30
C LYS B 301 -13.64 -4.15 -19.81
N ALA B 302 -14.23 -3.00 -19.51
CA ALA B 302 -14.40 -2.62 -18.12
C ALA B 302 -15.55 -1.63 -17.90
N LEU B 303 -16.29 -1.85 -16.83
CA LEU B 303 -17.40 -0.98 -16.48
C LEU B 303 -16.85 0.28 -15.84
N PRO B 304 -17.50 1.43 -16.07
CA PRO B 304 -16.97 2.65 -15.44
C PRO B 304 -17.27 2.51 -13.96
N ASP B 305 -16.37 2.98 -13.10
CA ASP B 305 -16.57 2.88 -11.66
C ASP B 305 -17.89 3.45 -11.16
N SER B 306 -18.44 4.43 -11.85
CA SER B 306 -19.70 5.02 -11.41
C SER B 306 -20.88 4.05 -11.42
N VAL B 307 -20.76 2.92 -12.12
CA VAL B 307 -21.87 1.97 -12.18
C VAL B 307 -21.70 0.66 -11.42
N ILE B 308 -20.51 0.43 -10.85
CA ILE B 308 -20.28 -0.83 -10.15
C ILE B 308 -20.68 -0.94 -8.67
N SER B 309 -21.36 0.05 -8.13
CA SER B 309 -21.77 -0.05 -6.73
C SER B 309 -22.59 -1.33 -6.46
N PRO B 310 -23.45 -1.72 -7.42
CA PRO B 310 -24.24 -2.93 -7.19
C PRO B 310 -23.35 -4.14 -6.95
N LEU B 311 -22.24 -4.21 -7.68
CA LEU B 311 -21.31 -5.32 -7.51
C LEU B 311 -20.69 -5.27 -6.10
N PHE B 312 -20.38 -4.07 -5.62
CA PHE B 312 -19.80 -3.92 -4.29
C PHE B 312 -20.73 -4.49 -3.23
N LYS B 313 -22.02 -4.18 -3.34
CA LYS B 313 -23.01 -4.66 -2.38
C LYS B 313 -23.27 -6.16 -2.51
N ALA B 314 -23.45 -6.64 -3.74
CA ALA B 314 -23.69 -8.07 -3.97
C ALA B 314 -22.54 -8.89 -3.40
N THR B 315 -21.33 -8.34 -3.48
CA THR B 315 -20.13 -9.00 -2.96
C THR B 315 -20.20 -9.14 -1.44
N ALA B 316 -20.71 -8.11 -0.78
CA ALA B 316 -20.86 -8.12 0.69
C ALA B 316 -21.92 -9.15 1.04
N GLU B 317 -23.02 -9.13 0.31
CA GLU B 317 -24.11 -10.08 0.54
C GLU B 317 -23.65 -11.51 0.37
N ALA B 318 -22.93 -11.77 -0.71
CA ALA B 318 -22.41 -13.10 -1.01
C ALA B 318 -21.50 -13.61 0.10
N VAL B 319 -20.56 -12.79 0.52
CA VAL B 319 -19.65 -13.23 1.58
C VAL B 319 -20.41 -13.48 2.87
N GLU B 320 -21.31 -12.57 3.26
CA GLU B 320 -22.07 -12.74 4.49
C GLU B 320 -22.85 -14.05 4.55
N GLU B 321 -23.60 -14.37 3.49
CA GLU B 321 -24.36 -15.61 3.49
C GLU B 321 -23.42 -16.80 3.37
N ALA B 322 -22.37 -16.66 2.56
CA ALA B 322 -21.42 -17.74 2.39
C ALA B 322 -20.90 -18.14 3.77
N ILE B 323 -20.54 -17.14 4.57
CA ILE B 323 -20.03 -17.40 5.91
C ILE B 323 -21.08 -18.16 6.70
N ILE B 324 -22.32 -17.68 6.67
CA ILE B 324 -23.39 -18.35 7.38
C ILE B 324 -23.57 -19.79 6.88
N ASN B 325 -23.49 -19.99 5.57
CA ASN B 325 -23.64 -21.33 5.02
C ASN B 325 -22.56 -22.29 5.49
N SER B 326 -21.33 -21.81 5.67
CA SER B 326 -20.28 -22.71 6.12
C SER B 326 -20.68 -23.30 7.47
N LEU B 327 -21.43 -22.53 8.25
CA LEU B 327 -21.88 -22.98 9.56
C LEU B 327 -23.08 -23.92 9.42
N LEU B 328 -24.01 -23.57 8.53
CA LEU B 328 -25.21 -24.39 8.35
C LEU B 328 -24.93 -25.72 7.66
N GLU B 329 -23.82 -25.79 6.94
CA GLU B 329 -23.45 -27.00 6.21
C GLU B 329 -22.45 -27.88 6.99
N ALA B 330 -21.85 -27.30 8.02
CA ALA B 330 -20.87 -28.02 8.83
C ALA B 330 -21.51 -29.11 9.67
N ARG B 331 -20.77 -30.20 9.86
CA ARG B 331 -21.23 -31.33 10.65
C ARG B 331 -20.43 -31.34 11.96
N THR B 332 -21.06 -31.71 13.07
CA THR B 332 -20.35 -31.79 14.33
C THR B 332 -19.11 -32.65 14.08
N MET B 333 -18.04 -32.40 14.81
CA MET B 333 -16.82 -33.17 14.61
C MET B 333 -15.90 -33.19 15.82
N ASP B 334 -15.24 -34.33 16.04
CA ASP B 334 -14.30 -34.47 17.13
C ASP B 334 -12.91 -34.58 16.48
N GLY B 335 -11.89 -34.05 17.15
CA GLY B 335 -10.55 -34.10 16.60
C GLY B 335 -9.49 -34.35 17.65
N ARG B 336 -8.27 -33.90 17.36
CA ARG B 336 -7.15 -34.10 18.28
C ARG B 336 -7.50 -33.78 19.73
N ASP B 337 -6.90 -34.53 20.64
CA ASP B 337 -7.15 -34.36 22.08
C ASP B 337 -8.62 -34.42 22.44
N ASN B 338 -9.40 -35.13 21.63
CA ASN B 338 -10.84 -35.27 21.86
C ASN B 338 -11.57 -33.94 21.79
N HIS B 339 -10.94 -32.95 21.16
CA HIS B 339 -11.57 -31.65 21.01
C HIS B 339 -12.76 -31.88 20.10
N VAL B 340 -13.87 -31.21 20.40
CA VAL B 340 -15.06 -31.33 19.60
C VAL B 340 -15.57 -29.96 19.21
N ARG B 341 -16.13 -29.87 18.01
CA ARG B 341 -16.71 -28.63 17.53
C ARG B 341 -18.08 -29.03 17.02
N TYR B 342 -19.12 -28.57 17.71
CA TYR B 342 -20.47 -28.91 17.30
C TYR B 342 -20.92 -27.97 16.21
N ALA B 343 -21.79 -28.45 15.35
CA ALA B 343 -22.32 -27.62 14.29
C ALA B 343 -23.31 -26.67 14.97
N LEU B 344 -23.40 -25.44 14.48
CA LEU B 344 -24.34 -24.48 15.03
C LEU B 344 -25.69 -25.19 15.17
N PRO B 345 -26.22 -25.31 16.40
CA PRO B 345 -27.51 -26.00 16.64
C PRO B 345 -28.68 -25.35 15.91
N LYS B 346 -29.08 -25.96 14.80
CA LYS B 346 -30.18 -25.42 14.00
C LYS B 346 -31.54 -25.24 14.68
N GLU B 347 -31.94 -26.16 15.55
CA GLU B 347 -33.22 -26.01 16.24
C GLU B 347 -33.17 -24.77 17.15
N GLU B 348 -32.08 -24.62 17.89
CA GLU B 348 -31.91 -23.51 18.81
C GLU B 348 -31.78 -22.21 18.00
N LEU B 349 -31.14 -22.30 16.84
CA LEU B 349 -30.96 -21.14 15.97
C LEU B 349 -32.32 -20.60 15.52
N LEU B 350 -33.21 -21.51 15.13
CA LEU B 350 -34.54 -21.10 14.69
C LEU B 350 -35.29 -20.48 15.85
N ARG B 351 -35.12 -21.06 17.03
CA ARG B 351 -35.78 -20.55 18.23
C ARG B 351 -35.38 -19.10 18.42
N ILE B 352 -34.08 -18.84 18.32
CA ILE B 352 -33.54 -17.50 18.49
C ILE B 352 -33.97 -16.54 17.38
N MET B 353 -33.94 -16.97 16.13
CA MET B 353 -34.35 -16.09 15.04
C MET B 353 -35.81 -15.65 15.19
N ARG B 354 -36.68 -16.57 15.60
CA ARG B 354 -38.09 -16.23 15.79
C ARG B 354 -38.22 -15.29 16.99
N ARG B 355 -37.39 -15.53 18.00
CA ARG B 355 -37.40 -14.71 19.21
C ARG B 355 -37.18 -13.24 18.81
N TYR B 356 -36.20 -13.01 17.94
CA TYR B 356 -35.92 -11.65 17.48
C TYR B 356 -36.72 -11.35 16.23
N GLY B 357 -37.87 -12.00 16.11
CA GLY B 357 -38.75 -11.80 14.98
C GLY B 357 -38.07 -11.55 13.65
N ARG B 358 -37.40 -12.56 13.10
CA ARG B 358 -36.73 -12.37 11.82
C ARG B 358 -36.76 -13.62 10.95
N LEU B 359 -37.93 -14.23 10.87
CA LEU B 359 -38.09 -15.43 10.06
C LEU B 359 -39.11 -15.20 8.95
N MET C 1 37.39 -11.41 -4.71
CA MET C 1 37.92 -10.03 -4.83
C MET C 1 36.74 -9.06 -4.82
N LYS C 2 36.85 -8.01 -4.01
CA LYS C 2 35.79 -7.00 -3.91
C LYS C 2 36.23 -5.63 -4.39
N ALA C 3 35.29 -4.69 -4.42
CA ALA C 3 35.53 -3.32 -4.88
C ALA C 3 36.82 -2.70 -4.39
N GLN C 4 37.02 -2.71 -3.07
CA GLN C 4 38.21 -2.14 -2.44
C GLN C 4 39.50 -2.61 -3.10
N GLU C 5 39.63 -3.93 -3.24
CA GLU C 5 40.79 -4.56 -3.86
C GLU C 5 41.18 -3.87 -5.17
N LEU C 6 40.22 -3.75 -6.08
CA LEU C 6 40.47 -3.13 -7.38
C LEU C 6 40.70 -1.62 -7.26
N GLY C 7 40.38 -1.07 -6.09
CA GLY C 7 40.57 0.35 -5.89
C GLY C 7 39.37 1.14 -6.39
N ILE C 8 38.19 0.59 -6.19
CA ILE C 8 36.98 1.25 -6.62
C ILE C 8 36.24 1.75 -5.37
N LYS C 9 35.99 3.05 -5.33
CA LYS C 9 35.31 3.67 -4.19
C LYS C 9 33.82 3.84 -4.45
N ILE C 10 33.00 3.25 -3.59
CA ILE C 10 31.55 3.36 -3.71
C ILE C 10 31.06 4.04 -2.44
N GLY C 11 30.50 5.25 -2.59
CA GLY C 11 30.00 5.97 -1.44
C GLY C 11 31.08 6.66 -0.63
N VAL C 12 30.70 7.20 0.52
CA VAL C 12 31.65 7.92 1.37
C VAL C 12 31.83 7.33 2.78
N PHE C 13 30.92 6.46 3.20
CA PHE C 13 31.02 5.85 4.53
C PHE C 13 32.03 4.70 4.50
N LYS C 14 32.72 4.48 5.62
CA LYS C 14 33.69 3.40 5.65
C LYS C 14 33.00 2.07 5.94
N PRO C 15 33.53 0.98 5.37
CA PRO C 15 32.95 -0.35 5.57
C PRO C 15 33.21 -0.92 6.95
N GLY C 16 32.55 -2.02 7.26
CA GLY C 16 32.74 -2.66 8.55
C GLY C 16 33.97 -3.56 8.50
N LYS C 17 34.29 -4.17 9.62
CA LYS C 17 35.43 -5.06 9.75
C LYS C 17 35.56 -6.06 8.60
N ARG C 18 34.53 -6.85 8.38
CA ARG C 18 34.56 -7.84 7.32
C ARG C 18 33.99 -7.31 6.00
N ASN C 19 33.24 -6.22 6.07
CA ASN C 19 32.58 -5.62 4.90
C ASN C 19 31.58 -6.64 4.36
N LYS C 20 30.81 -7.19 5.30
CA LYS C 20 29.80 -8.20 5.02
C LYS C 20 28.62 -7.93 5.93
N ILE C 21 27.44 -8.40 5.52
CA ILE C 21 26.25 -8.18 6.33
C ILE C 21 26.48 -8.66 7.75
N THR C 22 27.33 -9.67 7.90
CA THR C 22 27.63 -10.23 9.21
C THR C 22 28.36 -9.26 10.14
N ASP C 23 28.68 -8.08 9.64
CA ASP C 23 29.33 -7.09 10.50
C ASP C 23 28.30 -6.66 11.54
N VAL C 24 27.03 -6.99 11.29
CA VAL C 24 25.96 -6.68 12.23
C VAL C 24 25.94 -7.84 13.25
N LYS C 25 26.48 -7.57 14.43
CA LYS C 25 26.58 -8.57 15.50
C LYS C 25 25.45 -9.59 15.57
N GLY C 26 25.82 -10.87 15.47
CA GLY C 26 24.83 -11.93 15.55
C GLY C 26 24.34 -12.47 14.22
N VAL C 27 24.41 -11.67 13.16
CA VAL C 27 23.94 -12.11 11.85
C VAL C 27 24.86 -13.18 11.25
N LYS C 28 24.26 -14.27 10.77
CA LYS C 28 25.04 -15.35 10.18
C LYS C 28 24.48 -15.77 8.82
N VAL C 29 25.37 -16.17 7.91
CA VAL C 29 24.96 -16.59 6.57
C VAL C 29 25.54 -17.97 6.24
N GLY C 30 24.69 -18.82 5.67
CA GLY C 30 25.12 -20.16 5.30
C GLY C 30 24.69 -20.50 3.87
N HIS C 31 25.50 -21.30 3.19
CA HIS C 31 25.20 -21.71 1.81
C HIS C 31 25.22 -23.21 1.60
N VAL C 32 24.51 -23.62 0.55
CA VAL C 32 24.44 -25.00 0.12
C VAL C 32 24.45 -24.89 -1.40
N THR C 33 25.54 -25.34 -2.02
CA THR C 33 25.69 -25.27 -3.48
C THR C 33 25.48 -26.60 -4.18
N LEU C 34 24.67 -26.57 -5.24
CA LEU C 34 24.36 -27.77 -5.99
C LEU C 34 24.80 -27.65 -7.46
N ILE C 35 25.91 -28.30 -7.80
CA ILE C 35 26.46 -28.28 -9.15
C ILE C 35 26.64 -29.72 -9.65
N LYS C 36 26.11 -30.01 -10.83
CA LYS C 36 26.24 -31.36 -11.38
C LYS C 36 25.84 -31.43 -12.83
N GLY C 37 26.54 -32.28 -13.59
CA GLY C 37 26.22 -32.45 -14.99
C GLY C 37 26.67 -31.33 -15.90
N LYS C 38 26.40 -31.51 -17.19
CA LYS C 38 26.76 -30.53 -18.22
C LYS C 38 26.12 -30.95 -19.54
N GLY C 39 26.15 -30.06 -20.51
CA GLY C 39 25.58 -30.36 -21.81
C GLY C 39 24.14 -29.94 -21.98
N LYS C 40 23.46 -30.57 -22.92
CA LYS C 40 22.06 -30.28 -23.21
C LYS C 40 21.21 -30.43 -21.95
N LEU C 41 20.10 -29.70 -21.90
CA LEU C 41 19.20 -29.75 -20.76
C LEU C 41 18.35 -31.01 -20.71
N ILE C 42 18.23 -31.59 -19.52
CA ILE C 42 17.43 -32.79 -19.30
C ILE C 42 16.54 -32.50 -18.11
N PRO C 43 15.36 -31.90 -18.34
CA PRO C 43 14.38 -31.55 -17.32
C PRO C 43 14.21 -32.58 -16.21
N GLY C 44 14.26 -32.12 -14.97
CA GLY C 44 14.11 -33.02 -13.84
C GLY C 44 15.39 -33.80 -13.58
N LYS C 45 16.40 -33.60 -14.42
CA LYS C 45 17.65 -34.31 -14.26
C LYS C 45 18.84 -33.37 -14.14
N GLY C 46 18.95 -32.42 -15.07
CA GLY C 46 20.05 -31.46 -15.04
C GLY C 46 20.38 -30.91 -16.41
N PRO C 47 21.53 -30.23 -16.57
CA PRO C 47 22.53 -29.93 -15.54
C PRO C 47 21.96 -29.15 -14.36
N VAL C 48 22.55 -29.34 -13.18
CA VAL C 48 22.12 -28.68 -11.96
C VAL C 48 23.06 -27.53 -11.60
N ARG C 49 22.49 -26.34 -11.42
CA ARG C 49 23.25 -25.13 -11.07
C ARG C 49 22.39 -24.27 -10.15
N THR C 50 22.28 -24.64 -8.88
CA THR C 50 21.45 -23.87 -7.96
C THR C 50 21.85 -24.11 -6.51
N GLY C 51 21.01 -23.72 -5.57
CA GLY C 51 21.34 -23.93 -4.18
C GLY C 51 20.46 -23.20 -3.19
N VAL C 52 20.98 -23.01 -1.98
CA VAL C 52 20.23 -22.35 -0.94
C VAL C 52 21.12 -21.50 -0.03
N THR C 53 20.65 -20.29 0.26
CA THR C 53 21.38 -19.40 1.13
C THR C 53 20.46 -19.07 2.30
N ALA C 54 21.00 -19.05 3.51
CA ALA C 54 20.20 -18.75 4.69
C ALA C 54 20.80 -17.62 5.52
N ILE C 55 19.95 -16.68 5.93
CA ILE C 55 20.40 -15.56 6.74
C ILE C 55 19.69 -15.61 8.08
N LEU C 56 20.47 -15.69 9.15
CA LEU C 56 19.95 -15.74 10.52
C LEU C 56 20.09 -14.37 11.18
N PRO C 57 18.96 -13.76 11.57
CA PRO C 57 18.97 -12.44 12.22
C PRO C 57 19.88 -12.41 13.45
N HIS C 58 19.89 -13.50 14.21
CA HIS C 58 20.74 -13.61 15.39
C HIS C 58 20.97 -15.08 15.68
N GLU C 59 21.88 -15.38 16.61
CA GLU C 59 22.18 -16.79 16.91
C GLU C 59 21.20 -17.53 17.80
N GLY C 60 20.14 -16.88 18.24
CA GLY C 60 19.18 -17.56 19.09
C GLY C 60 18.00 -18.19 18.38
N ASN C 61 16.86 -18.22 19.07
CA ASN C 61 15.63 -18.76 18.51
C ASN C 61 14.86 -17.59 17.89
N ILE C 62 14.78 -17.57 16.56
CA ILE C 62 14.11 -16.50 15.82
C ILE C 62 12.61 -16.38 16.07
N TYR C 63 11.93 -17.51 16.19
CA TYR C 63 10.48 -17.51 16.43
C TYR C 63 10.17 -16.97 17.82
N LYS C 64 10.93 -17.44 18.83
CA LYS C 64 10.71 -17.00 20.20
C LYS C 64 11.20 -15.57 20.42
N GLU C 65 12.31 -15.21 19.78
CA GLU C 65 12.86 -13.86 19.88
C GLU C 65 12.85 -13.27 18.47
N LYS C 66 11.79 -12.54 18.15
CA LYS C 66 11.64 -11.94 16.81
C LYS C 66 12.34 -10.59 16.74
N VAL C 67 12.63 -10.13 15.53
CA VAL C 67 13.25 -8.83 15.35
C VAL C 67 12.35 -8.00 14.46
N LEU C 68 12.25 -6.71 14.74
CA LEU C 68 11.40 -5.84 13.95
C LEU C 68 11.91 -5.88 12.52
N ALA C 69 11.00 -5.77 11.56
CA ALA C 69 11.40 -5.84 10.16
C ALA C 69 10.49 -5.05 9.24
N GLY C 70 11.03 -4.65 8.08
CA GLY C 70 10.28 -3.91 7.10
C GLY C 70 10.59 -4.48 5.72
N ALA C 71 9.92 -4.00 4.67
CA ALA C 71 10.19 -4.52 3.34
C ALA C 71 9.55 -3.70 2.24
N PHE C 72 10.12 -3.74 1.05
CA PHE C 72 9.59 -2.98 -0.07
C PHE C 72 9.72 -3.77 -1.36
N VAL C 73 8.66 -3.75 -2.16
CA VAL C 73 8.67 -4.45 -3.44
C VAL C 73 8.76 -3.41 -4.55
N MET C 74 9.92 -3.32 -5.18
CA MET C 74 10.10 -2.38 -6.28
C MET C 74 9.28 -2.91 -7.46
N ASN C 75 9.52 -4.17 -7.84
CA ASN C 75 8.74 -4.77 -8.92
C ASN C 75 8.35 -6.16 -8.48
N GLY C 76 7.04 -6.38 -8.39
CA GLY C 76 6.51 -7.65 -7.93
C GLY C 76 6.44 -8.87 -8.85
N TYR C 77 7.32 -8.97 -9.84
CA TYR C 77 7.30 -10.16 -10.69
C TYR C 77 8.17 -11.10 -9.88
N SER C 78 7.67 -11.45 -8.70
CA SER C 78 8.41 -12.29 -7.77
C SER C 78 7.43 -13.18 -7.03
N LYS C 79 7.93 -14.26 -6.44
CA LYS C 79 7.10 -15.20 -5.70
C LYS C 79 7.57 -15.30 -4.25
N PRO C 80 7.64 -14.18 -3.53
CA PRO C 80 8.09 -14.27 -2.14
C PRO C 80 7.06 -14.89 -1.20
N VAL C 81 7.55 -15.52 -0.14
CA VAL C 81 6.71 -16.14 0.86
C VAL C 81 6.94 -15.49 2.23
N GLY C 82 5.85 -15.09 2.87
CA GLY C 82 5.93 -14.48 4.20
C GLY C 82 5.95 -12.97 4.33
N LEU C 83 5.79 -12.23 3.23
CA LEU C 83 5.83 -10.77 3.33
C LEU C 83 4.56 -10.17 3.95
N ILE C 84 3.42 -10.78 3.70
CA ILE C 84 2.17 -10.27 4.24
C ILE C 84 2.16 -10.15 5.77
N GLN C 85 2.65 -11.16 6.48
CA GLN C 85 2.67 -11.07 7.94
C GLN C 85 3.78 -10.14 8.39
N LEU C 86 4.87 -10.12 7.63
CA LEU C 86 5.99 -9.25 7.95
C LEU C 86 5.47 -7.81 7.99
N TRP C 87 4.74 -7.40 6.96
CA TRP C 87 4.19 -6.05 6.90
C TRP C 87 3.13 -5.82 7.99
N GLU C 88 2.30 -6.84 8.23
CA GLU C 88 1.24 -6.73 9.23
C GLU C 88 1.75 -6.60 10.68
N LEU C 89 2.65 -7.48 11.10
CA LEU C 89 3.19 -7.46 12.47
C LEU C 89 4.53 -6.75 12.58
N GLY C 90 5.15 -6.44 11.45
CA GLY C 90 6.42 -5.76 11.48
C GLY C 90 7.54 -6.61 12.06
N THR C 91 7.45 -7.93 11.91
CA THR C 91 8.47 -8.82 12.45
C THR C 91 8.85 -9.98 11.54
N ILE C 92 10.00 -10.58 11.82
CA ILE C 92 10.53 -11.75 11.13
C ILE C 92 10.74 -12.72 12.29
N GLU C 93 10.19 -13.93 12.15
CA GLU C 93 10.26 -14.94 13.20
C GLU C 93 10.88 -16.24 12.76
N THR C 94 11.69 -16.18 11.71
CA THR C 94 12.34 -17.39 11.19
C THR C 94 13.60 -17.00 10.44
N PRO C 95 14.47 -17.97 10.17
CA PRO C 95 15.65 -17.57 9.41
C PRO C 95 15.15 -17.19 8.01
N ILE C 96 15.95 -16.41 7.30
CA ILE C 96 15.58 -15.96 5.95
C ILE C 96 16.21 -16.89 4.94
N ILE C 97 15.40 -17.48 4.08
CA ILE C 97 15.88 -18.41 3.08
C ILE C 97 15.74 -17.87 1.66
N LEU C 98 16.78 -18.06 0.86
CA LEU C 98 16.80 -17.63 -0.52
C LEU C 98 17.08 -18.86 -1.37
N THR C 99 16.45 -18.95 -2.53
CA THR C 99 16.66 -20.07 -3.46
C THR C 99 16.06 -19.73 -4.82
N ASN C 100 15.87 -20.74 -5.68
CA ASN C 100 15.29 -20.47 -6.99
C ASN C 100 13.77 -20.46 -6.98
N THR C 101 13.19 -19.70 -7.91
CA THR C 101 11.74 -19.53 -8.01
C THR C 101 10.88 -20.79 -7.88
N LEU C 102 11.30 -21.88 -8.50
CA LEU C 102 10.49 -23.10 -8.44
C LEU C 102 10.71 -23.99 -7.22
N SER C 103 11.63 -23.58 -6.34
CA SER C 103 11.94 -24.35 -5.12
C SER C 103 11.44 -23.68 -3.84
N ILE C 104 10.61 -22.65 -3.96
CA ILE C 104 10.10 -21.98 -2.77
C ILE C 104 9.28 -22.96 -1.93
N GLY C 105 8.54 -23.83 -2.61
CA GLY C 105 7.73 -24.82 -1.91
C GLY C 105 8.62 -25.71 -1.06
N THR C 106 9.68 -26.23 -1.68
CA THR C 106 10.62 -27.11 -1.00
C THR C 106 11.32 -26.34 0.11
N ALA C 107 11.62 -25.07 -0.14
CA ALA C 107 12.29 -24.22 0.83
C ALA C 107 11.42 -24.10 2.08
N VAL C 108 10.12 -23.87 1.87
CA VAL C 108 9.17 -23.77 2.98
C VAL C 108 9.18 -25.06 3.79
N GLU C 109 9.08 -26.19 3.09
CA GLU C 109 9.08 -27.49 3.75
C GLU C 109 10.33 -27.65 4.60
N GLY C 110 11.48 -27.34 4.01
CA GLY C 110 12.75 -27.44 4.70
C GLY C 110 12.87 -26.50 5.88
N LEU C 111 12.35 -25.28 5.72
CA LEU C 111 12.39 -24.32 6.80
C LEU C 111 11.48 -24.79 7.94
N LEU C 112 10.30 -25.28 7.58
CA LEU C 112 9.38 -25.77 8.61
C LEU C 112 10.01 -26.94 9.37
N ASP C 113 10.72 -27.80 8.65
CA ASP C 113 11.38 -28.95 9.28
C ASP C 113 12.24 -28.45 10.43
N TYR C 114 13.06 -27.43 10.16
CA TYR C 114 13.95 -26.84 11.14
C TYR C 114 13.19 -26.14 12.27
N ILE C 115 12.25 -25.28 11.88
CA ILE C 115 11.43 -24.54 12.83
C ILE C 115 10.64 -25.42 13.81
N LEU C 116 9.94 -26.41 13.26
CA LEU C 116 9.15 -27.29 14.10
C LEU C 116 10.05 -28.02 15.09
N GLU C 117 11.24 -28.41 14.62
CA GLU C 117 12.20 -29.10 15.46
C GLU C 117 12.63 -28.24 16.65
N GLU C 118 12.75 -26.94 16.42
CA GLU C 118 13.17 -26.01 17.47
C GLU C 118 12.03 -25.49 18.34
N ASN C 119 10.80 -25.63 17.87
CA ASN C 119 9.64 -25.14 18.61
C ASN C 119 8.51 -26.17 18.62
N GLU C 120 8.37 -26.85 19.75
CA GLU C 120 7.36 -27.89 19.89
C GLU C 120 5.96 -27.35 20.17
N ASP C 121 5.88 -26.10 20.60
CA ASP C 121 4.59 -25.49 20.92
C ASP C 121 3.77 -25.06 19.70
N ILE C 122 4.44 -24.75 18.60
CA ILE C 122 3.75 -24.33 17.39
C ILE C 122 2.72 -25.35 16.91
N GLY C 123 1.48 -24.90 16.77
CA GLY C 123 0.42 -25.77 16.31
C GLY C 123 -0.23 -26.62 17.38
N VAL C 124 0.19 -26.44 18.64
CA VAL C 124 -0.35 -27.21 19.75
C VAL C 124 -0.78 -26.28 20.89
N THR C 125 0.17 -25.55 21.46
CA THR C 125 -0.12 -24.63 22.56
C THR C 125 -0.01 -23.17 22.12
N THR C 126 0.43 -22.92 20.89
CA THR C 126 0.53 -21.56 20.38
C THR C 126 0.07 -21.55 18.92
N GLY C 127 0.31 -20.45 18.21
CA GLY C 127 -0.12 -20.36 16.82
C GLY C 127 0.81 -20.99 15.80
N SER C 128 0.67 -20.59 14.54
CA SER C 128 1.53 -21.13 13.50
C SER C 128 2.80 -20.30 13.36
N VAL C 129 3.44 -20.40 12.20
CA VAL C 129 4.68 -19.66 11.95
C VAL C 129 4.71 -19.15 10.52
N ASN C 130 5.35 -18.00 10.32
CA ASN C 130 5.46 -17.36 9.01
C ASN C 130 6.83 -17.53 8.36
N PRO C 131 7.03 -18.62 7.61
CA PRO C 131 8.34 -18.80 6.98
C PRO C 131 8.60 -17.70 5.96
N LEU C 132 9.83 -17.20 5.94
CA LEU C 132 10.23 -16.13 5.03
C LEU C 132 11.14 -16.70 3.95
N VAL C 133 10.63 -16.76 2.73
CA VAL C 133 11.38 -17.30 1.60
C VAL C 133 11.29 -16.39 0.40
N LEU C 134 12.46 -16.02 -0.15
CA LEU C 134 12.50 -15.17 -1.34
C LEU C 134 13.27 -15.92 -2.42
N GLU C 135 13.22 -15.42 -3.65
CA GLU C 135 13.87 -16.14 -4.74
C GLU C 135 14.21 -15.34 -5.99
N CYS C 136 14.96 -16.00 -6.87
CA CYS C 136 15.36 -15.48 -8.17
C CYS C 136 15.38 -16.67 -9.12
N ASN C 137 15.13 -16.42 -10.40
CA ASN C 137 15.07 -17.48 -11.41
C ASN C 137 16.44 -17.77 -12.05
N ASP C 138 16.94 -19.00 -11.90
CA ASP C 138 18.23 -19.37 -12.47
C ASP C 138 18.10 -20.27 -13.69
N SER C 139 16.95 -20.23 -14.36
CA SER C 139 16.70 -21.06 -15.53
C SER C 139 17.75 -21.03 -16.65
N TYR C 140 18.43 -19.91 -16.83
CA TYR C 140 19.41 -19.80 -17.90
C TYR C 140 20.54 -20.83 -17.78
N LEU C 141 20.96 -21.11 -16.54
CA LEU C 141 22.03 -22.06 -16.31
C LEU C 141 21.56 -23.32 -15.59
N ASN C 142 20.48 -23.20 -14.83
CA ASN C 142 19.95 -24.33 -14.07
C ASN C 142 18.67 -24.96 -14.58
N ASP C 143 18.53 -26.25 -14.28
CA ASP C 143 17.34 -27.01 -14.65
C ASP C 143 16.31 -26.74 -13.55
N ILE C 144 15.76 -25.53 -13.56
CA ILE C 144 14.79 -25.12 -12.55
C ILE C 144 13.54 -26.01 -12.50
N ARG C 145 13.14 -26.56 -13.64
CA ARG C 145 11.99 -27.45 -13.70
C ARG C 145 12.25 -28.72 -12.87
N GLY C 146 13.52 -29.04 -12.65
CA GLY C 146 13.86 -30.23 -11.90
C GLY C 146 13.77 -30.14 -10.38
N ARG C 147 13.65 -28.93 -9.84
CA ARG C 147 13.56 -28.74 -8.38
C ARG C 147 14.56 -29.64 -7.67
N HIS C 148 15.84 -29.37 -7.90
CA HIS C 148 16.93 -30.15 -7.32
C HIS C 148 17.26 -29.77 -5.89
N VAL C 149 16.64 -28.69 -5.39
CA VAL C 149 16.86 -28.30 -4.01
C VAL C 149 16.03 -29.25 -3.16
N LYS C 150 16.58 -29.68 -2.02
CA LYS C 150 15.89 -30.59 -1.12
C LYS C 150 15.71 -29.94 0.24
N ARG C 151 14.64 -30.32 0.94
CA ARG C 151 14.37 -29.76 2.24
C ARG C 151 15.55 -29.88 3.20
N GLU C 152 16.33 -30.95 3.05
CA GLU C 152 17.51 -31.15 3.90
C GLU C 152 18.53 -30.03 3.65
N HIS C 153 18.59 -29.58 2.40
CA HIS C 153 19.50 -28.52 2.00
C HIS C 153 19.23 -27.26 2.78
N VAL C 154 17.96 -26.95 2.97
CA VAL C 154 17.55 -25.76 3.72
C VAL C 154 18.10 -25.87 5.14
N VAL C 155 17.78 -26.99 5.80
CA VAL C 155 18.23 -27.22 7.16
C VAL C 155 19.75 -27.15 7.23
N GLU C 156 20.42 -27.67 6.21
CA GLU C 156 21.87 -27.68 6.18
C GLU C 156 22.45 -26.27 6.08
N ALA C 157 21.89 -25.46 5.19
CA ALA C 157 22.35 -24.10 5.02
C ALA C 157 22.24 -23.34 6.34
N ILE C 158 21.18 -23.60 7.09
CA ILE C 158 20.97 -22.93 8.37
C ILE C 158 22.05 -23.34 9.36
N LYS C 159 22.30 -24.64 9.44
CA LYS C 159 23.30 -25.15 10.36
C LYS C 159 24.70 -24.72 9.97
N ARG C 160 24.84 -24.21 8.75
CA ARG C 160 26.14 -23.76 8.25
C ARG C 160 26.37 -22.25 8.44
N ALA C 161 25.29 -21.51 8.72
CA ALA C 161 25.38 -20.07 8.90
C ALA C 161 26.54 -19.70 9.83
N ASP C 162 27.37 -18.76 9.40
CA ASP C 162 28.53 -18.31 10.16
C ASP C 162 28.86 -16.85 9.88
N GLU C 163 29.67 -16.24 10.75
CA GLU C 163 30.06 -14.84 10.57
C GLU C 163 30.73 -14.71 9.22
N ASP C 164 31.58 -15.68 8.88
CA ASP C 164 32.29 -15.67 7.61
C ASP C 164 31.51 -16.50 6.58
N PHE C 165 31.42 -15.98 5.37
CA PHE C 165 30.69 -16.68 4.32
C PHE C 165 31.20 -16.32 2.94
N GLU C 166 31.09 -17.27 2.02
CA GLU C 166 31.55 -17.04 0.67
C GLU C 166 30.54 -16.25 -0.13
N GLU C 167 31.04 -15.58 -1.17
CA GLU C 167 30.20 -14.78 -2.04
C GLU C 167 30.40 -15.27 -3.47
N GLY C 168 29.67 -14.69 -4.42
CA GLY C 168 29.81 -15.12 -5.79
C GLY C 168 28.81 -16.21 -6.13
N ALA C 169 29.19 -17.16 -6.98
CA ALA C 169 28.29 -18.24 -7.38
C ALA C 169 28.19 -19.36 -6.34
N VAL C 170 27.62 -19.05 -5.18
CA VAL C 170 27.43 -20.02 -4.12
C VAL C 170 26.00 -19.92 -3.60
N GLY C 171 25.57 -20.95 -2.88
CA GLY C 171 24.22 -20.92 -2.34
C GLY C 171 23.18 -20.64 -3.41
N ALA C 172 22.29 -19.68 -3.14
CA ALA C 172 21.24 -19.34 -4.09
C ALA C 172 21.80 -18.64 -5.32
N GLY C 173 23.01 -18.14 -5.22
CA GLY C 173 23.62 -17.46 -6.35
C GLY C 173 24.36 -18.37 -7.31
N THR C 174 24.41 -19.66 -6.99
CA THR C 174 25.11 -20.63 -7.84
C THR C 174 24.84 -20.48 -9.35
N GLY C 175 23.58 -20.50 -9.76
CA GLY C 175 23.29 -20.40 -11.18
C GLY C 175 22.74 -19.08 -11.69
N MET C 176 22.85 -18.03 -10.89
CA MET C 176 22.33 -16.71 -11.25
C MET C 176 23.11 -15.93 -12.32
N SER C 177 22.39 -15.10 -13.07
CA SER C 177 22.99 -14.28 -14.11
C SER C 177 22.70 -12.81 -13.85
N ALA C 178 23.70 -11.96 -14.05
CA ALA C 178 23.55 -10.52 -13.84
C ALA C 178 24.25 -9.75 -14.96
N PHE C 179 23.52 -8.86 -15.62
CA PHE C 179 24.11 -8.07 -16.70
C PHE C 179 24.70 -8.97 -17.78
N GLU C 180 24.13 -10.15 -17.91
CA GLU C 180 24.57 -11.13 -18.90
C GLU C 180 26.02 -11.54 -18.63
N PHE C 181 26.38 -11.46 -17.35
CA PHE C 181 27.68 -11.86 -16.83
C PHE C 181 27.28 -12.82 -15.73
N LYS C 182 28.24 -13.39 -15.02
CA LYS C 182 27.91 -14.30 -13.95
C LYS C 182 27.51 -13.50 -12.72
N GLY C 183 26.35 -13.83 -12.16
CA GLY C 183 25.85 -13.13 -10.98
C GLY C 183 25.91 -14.01 -9.74
N GLY C 184 25.14 -13.66 -8.70
CA GLY C 184 25.15 -14.46 -7.48
C GLY C 184 25.10 -13.65 -6.19
N ILE C 185 25.75 -14.17 -5.14
CA ILE C 185 25.77 -13.49 -3.84
C ILE C 185 26.84 -12.42 -3.74
N GLY C 186 26.45 -11.28 -3.17
CA GLY C 186 27.38 -10.19 -2.97
C GLY C 186 27.05 -9.54 -1.64
N SER C 187 28.05 -9.03 -0.94
CA SER C 187 27.77 -8.39 0.34
C SER C 187 28.71 -7.22 0.65
N ALA C 188 28.24 -6.35 1.54
CA ALA C 188 28.99 -5.17 1.97
C ALA C 188 28.35 -4.56 3.21
N SER C 189 29.10 -3.71 3.92
CA SER C 189 28.59 -3.03 5.10
C SER C 189 29.22 -1.64 5.25
N ARG C 190 28.53 -0.78 6.00
CA ARG C 190 28.97 0.59 6.24
C ARG C 190 28.75 0.97 7.70
N ILE C 191 29.61 1.82 8.24
CA ILE C 191 29.47 2.27 9.62
C ILE C 191 29.05 3.73 9.58
N VAL C 192 28.09 4.11 10.42
CA VAL C 192 27.63 5.49 10.48
C VAL C 192 27.55 5.96 11.93
N GLU C 193 27.89 7.23 12.18
CA GLU C 193 27.80 7.74 13.54
C GLU C 193 26.68 8.75 13.64
N ILE C 194 25.69 8.44 14.48
CA ILE C 194 24.52 9.30 14.69
C ILE C 194 24.43 9.71 16.17
N GLU C 195 24.63 11.00 16.43
CA GLU C 195 24.58 11.52 17.79
C GLU C 195 25.53 10.75 18.71
N GLY C 196 26.80 10.68 18.30
CA GLY C 196 27.79 9.99 19.11
C GLY C 196 27.81 8.47 19.05
N LYS C 197 26.70 7.84 18.69
CA LYS C 197 26.64 6.39 18.63
C LYS C 197 26.97 5.83 17.25
N LYS C 198 27.70 4.73 17.20
CA LYS C 198 28.04 4.11 15.91
C LYS C 198 27.10 2.96 15.61
N TYR C 199 26.55 2.96 14.39
CA TYR C 199 25.65 1.90 13.98
C TYR C 199 26.17 1.27 12.71
N THR C 200 25.81 0.00 12.50
CA THR C 200 26.26 -0.71 11.32
C THR C 200 25.08 -1.04 10.42
N VAL C 201 25.30 -0.95 9.11
CA VAL C 201 24.29 -1.29 8.12
C VAL C 201 24.92 -2.27 7.14
N GLY C 202 24.39 -3.50 7.12
CA GLY C 202 24.92 -4.50 6.23
C GLY C 202 23.93 -4.91 5.14
N ALA C 203 24.47 -5.36 4.02
CA ALA C 203 23.63 -5.79 2.91
C ALA C 203 24.16 -7.02 2.20
N LEU C 204 23.25 -7.95 1.93
CA LEU C 204 23.57 -9.15 1.19
C LEU C 204 22.62 -9.15 0.00
N VAL C 205 23.12 -9.41 -1.20
CA VAL C 205 22.25 -9.41 -2.36
C VAL C 205 22.39 -10.68 -3.19
N LEU C 206 21.32 -11.00 -3.92
CA LEU C 206 21.27 -12.14 -4.81
C LEU C 206 20.96 -11.47 -6.15
N SER C 207 22.00 -11.22 -6.94
CA SER C 207 21.85 -10.53 -8.21
C SER C 207 21.48 -11.43 -9.39
N ASN C 208 20.45 -11.04 -10.13
CA ASN C 208 19.99 -11.82 -11.27
C ASN C 208 19.21 -10.89 -12.21
N PHE C 209 19.81 -9.75 -12.53
CA PHE C 209 19.13 -8.75 -13.36
C PHE C 209 20.01 -7.96 -14.33
N GLY C 210 19.35 -7.13 -15.12
CA GLY C 210 20.03 -6.27 -16.05
C GLY C 210 20.55 -6.81 -17.37
N ARG C 211 20.58 -5.93 -18.37
CA ARG C 211 21.09 -6.25 -19.70
C ARG C 211 22.58 -5.94 -19.61
N ARG C 212 23.35 -6.46 -20.56
CA ARG C 212 24.78 -6.21 -20.58
C ARG C 212 25.07 -4.71 -20.50
N GLU C 213 24.52 -3.94 -21.43
CA GLU C 213 24.76 -2.50 -21.48
C GLU C 213 24.28 -1.66 -20.31
N ASP C 214 23.55 -2.25 -19.37
CA ASP C 214 23.05 -1.50 -18.21
C ASP C 214 24.11 -1.27 -17.14
N LEU C 215 25.01 -2.24 -16.98
CA LEU C 215 26.05 -2.19 -15.96
C LEU C 215 26.75 -0.84 -15.78
N THR C 216 26.65 -0.32 -14.55
CA THR C 216 27.25 0.94 -14.16
C THR C 216 28.03 0.69 -12.88
N ILE C 217 29.35 0.84 -12.95
CA ILE C 217 30.21 0.63 -11.79
C ILE C 217 30.81 1.98 -11.41
N ALA C 218 30.44 2.47 -10.24
CA ALA C 218 30.92 3.77 -9.77
C ALA C 218 30.71 4.83 -10.85
N GLY C 219 29.53 4.80 -11.49
CA GLY C 219 29.22 5.78 -12.51
C GLY C 219 29.76 5.51 -13.91
N VAL C 220 30.70 4.58 -14.03
CA VAL C 220 31.29 4.25 -15.32
C VAL C 220 30.43 3.26 -16.12
N PRO C 221 30.16 3.57 -17.41
CA PRO C 221 29.36 2.74 -18.31
C PRO C 221 30.06 1.46 -18.78
N VAL C 222 30.50 0.67 -17.81
CA VAL C 222 31.18 -0.59 -18.05
C VAL C 222 30.41 -1.53 -19.00
N GLY C 223 29.10 -1.60 -18.83
CA GLY C 223 28.28 -2.45 -19.68
C GLY C 223 28.40 -2.13 -21.16
N LEU C 224 28.45 -0.84 -21.49
CA LEU C 224 28.58 -0.43 -22.88
C LEU C 224 29.95 -0.77 -23.45
N GLU C 225 30.99 -0.59 -22.64
CA GLU C 225 32.35 -0.89 -23.08
C GLU C 225 32.54 -2.37 -23.39
N LEU C 226 31.90 -3.23 -22.59
CA LEU C 226 32.00 -4.68 -22.77
C LEU C 226 30.78 -5.26 -23.48
N LYS C 227 30.10 -4.43 -24.28
CA LYS C 227 28.91 -4.88 -24.99
C LYS C 227 29.21 -6.11 -25.84
N ASN C 228 30.45 -6.24 -26.30
CA ASN C 228 30.83 -7.37 -27.15
C ASN C 228 31.46 -8.56 -26.43
N TRP C 229 31.65 -8.44 -25.12
CA TRP C 229 32.24 -9.55 -24.34
C TRP C 229 31.27 -10.73 -24.40
N PRO C 230 31.79 -11.96 -24.58
CA PRO C 230 30.94 -13.16 -24.66
C PRO C 230 30.05 -13.47 -23.46
N GLY C 231 29.20 -14.50 -23.62
CA GLY C 231 28.31 -14.91 -22.56
C GLY C 231 26.88 -14.43 -22.70
N ARG C 232 26.61 -13.64 -23.72
CA ARG C 232 25.27 -13.13 -23.97
C ARG C 232 24.29 -14.24 -24.27
N SER C 239 15.96 -10.09 -11.95
CA SER C 239 15.47 -9.98 -10.57
C SER C 239 16.61 -9.86 -9.56
N ILE C 240 16.28 -9.45 -8.34
CA ILE C 240 17.29 -9.31 -7.29
C ILE C 240 16.68 -9.15 -5.90
N ILE C 241 17.24 -9.86 -4.94
CA ILE C 241 16.76 -9.78 -3.57
C ILE C 241 17.81 -9.07 -2.74
N MET C 242 17.39 -8.03 -2.04
CA MET C 242 18.30 -7.26 -1.19
C MET C 242 17.91 -7.44 0.28
N ILE C 243 18.83 -7.99 1.07
CA ILE C 243 18.59 -8.22 2.49
C ILE C 243 19.37 -7.18 3.28
N ILE C 244 18.66 -6.36 4.04
CA ILE C 244 19.31 -5.33 4.82
C ILE C 244 19.22 -5.64 6.30
N ALA C 245 20.35 -5.45 6.99
CA ALA C 245 20.44 -5.70 8.42
C ALA C 245 21.14 -4.52 9.08
N THR C 246 20.68 -4.17 10.27
CA THR C 246 21.27 -3.07 11.00
C THR C 246 21.08 -3.28 12.49
N ASP C 247 21.86 -2.59 13.29
CA ASP C 247 21.76 -2.71 14.74
C ASP C 247 21.19 -1.40 15.28
N ALA C 248 20.83 -0.50 14.36
CA ALA C 248 20.25 0.78 14.76
C ALA C 248 18.80 0.53 15.18
N PRO C 249 18.38 1.10 16.31
CA PRO C 249 16.99 0.92 16.79
C PRO C 249 15.97 1.57 15.87
N LEU C 250 15.07 0.77 15.32
CA LEU C 250 14.05 1.27 14.41
C LEU C 250 12.75 0.51 14.50
N THR C 251 11.64 1.23 14.34
CA THR C 251 10.33 0.62 14.38
C THR C 251 10.07 -0.04 13.00
N GLY C 252 9.01 -0.84 12.92
CA GLY C 252 8.66 -1.51 11.68
C GLY C 252 8.43 -0.54 10.55
N ARG C 253 7.82 0.60 10.85
CA ARG C 253 7.54 1.62 9.84
C ARG C 253 8.86 2.14 9.26
N GLN C 254 9.80 2.47 10.15
CA GLN C 254 11.09 2.99 9.71
C GLN C 254 11.88 2.00 8.87
N LEU C 255 11.73 0.71 9.17
CA LEU C 255 12.46 -0.31 8.41
C LEU C 255 11.85 -0.50 7.02
N ASN C 256 10.60 -0.09 6.83
CA ASN C 256 9.98 -0.18 5.51
C ASN C 256 10.69 0.89 4.70
N ARG C 257 10.97 2.03 5.35
CA ARG C 257 11.65 3.15 4.72
C ARG C 257 13.07 2.73 4.33
N VAL C 258 13.75 2.08 5.27
CA VAL C 258 15.11 1.61 5.04
C VAL C 258 15.14 0.68 3.81
N ALA C 259 14.22 -0.25 3.76
CA ALA C 259 14.17 -1.20 2.65
C ALA C 259 14.04 -0.50 1.29
N LYS C 260 13.28 0.59 1.25
CA LYS C 260 13.11 1.34 0.00
C LYS C 260 14.44 1.92 -0.49
N ARG C 261 15.24 2.41 0.45
CA ARG C 261 16.52 3.02 0.11
C ARG C 261 17.48 2.08 -0.60
N ALA C 262 17.25 0.78 -0.48
CA ALA C 262 18.11 -0.18 -1.16
C ALA C 262 17.96 -0.03 -2.67
N ILE C 263 16.79 0.41 -3.11
CA ILE C 263 16.54 0.60 -4.55
C ILE C 263 17.42 1.71 -5.11
N VAL C 264 17.85 2.62 -4.24
CA VAL C 264 18.73 3.70 -4.67
C VAL C 264 20.04 3.08 -5.13
N GLY C 265 20.52 2.08 -4.39
CA GLY C 265 21.77 1.41 -4.76
C GLY C 265 21.64 0.56 -6.01
N LEU C 266 20.50 -0.10 -6.14
CA LEU C 266 20.22 -0.95 -7.30
C LEU C 266 20.30 -0.13 -8.59
N ALA C 267 19.57 0.97 -8.59
CA ALA C 267 19.51 1.88 -9.72
C ALA C 267 20.88 2.40 -10.13
N ARG C 268 21.72 2.73 -9.15
CA ARG C 268 23.04 3.27 -9.45
C ARG C 268 23.96 2.27 -10.14
N THR C 269 23.66 0.97 -10.07
CA THR C 269 24.51 0.01 -10.75
C THR C 269 23.92 -0.27 -12.13
N GLY C 270 22.76 0.30 -12.40
CA GLY C 270 22.10 0.09 -13.69
C GLY C 270 20.90 -0.83 -13.61
N GLY C 271 20.23 -0.83 -12.45
CA GLY C 271 19.05 -1.65 -12.27
C GLY C 271 17.83 -0.83 -12.65
N TYR C 272 17.12 -1.27 -13.69
CA TYR C 272 15.94 -0.56 -14.17
C TYR C 272 14.60 -1.19 -13.85
N ALA C 273 14.62 -2.33 -13.17
CA ALA C 273 13.39 -3.03 -12.78
C ALA C 273 12.50 -3.30 -13.98
N TYR C 274 13.03 -4.03 -14.95
CA TYR C 274 12.25 -4.38 -16.13
C TYR C 274 11.05 -5.18 -15.68
N ASN C 275 10.04 -5.29 -16.54
CA ASN C 275 8.83 -6.00 -16.22
C ASN C 275 8.98 -7.35 -15.55
N GLY C 276 9.91 -8.15 -16.04
CA GLY C 276 10.10 -9.48 -15.49
C GLY C 276 11.14 -9.59 -14.39
N SER C 277 11.62 -8.46 -13.89
CA SER C 277 12.65 -8.50 -12.84
C SER C 277 12.05 -8.39 -11.44
N GLY C 278 12.15 -9.47 -10.70
CA GLY C 278 11.63 -9.48 -9.34
C GLY C 278 12.59 -8.79 -8.39
N ASP C 279 12.35 -7.52 -8.13
CA ASP C 279 13.22 -6.75 -7.26
C ASP C 279 12.56 -6.50 -5.91
N ILE C 280 13.13 -7.09 -4.86
CA ILE C 280 12.57 -6.94 -3.52
C ILE C 280 13.64 -6.71 -2.47
N ALA C 281 13.32 -5.86 -1.50
CA ALA C 281 14.24 -5.55 -0.42
C ALA C 281 13.57 -5.82 0.92
N VAL C 282 14.30 -6.44 1.83
CA VAL C 282 13.80 -6.74 3.17
C VAL C 282 14.81 -6.20 4.17
N ALA C 283 14.34 -5.46 5.15
CA ALA C 283 15.25 -4.89 6.13
C ALA C 283 14.81 -5.24 7.54
N PHE C 284 15.78 -5.54 8.40
CA PHE C 284 15.48 -5.86 9.79
C PHE C 284 16.53 -5.29 10.73
N SER C 285 16.13 -5.08 11.98
CA SER C 285 17.03 -4.53 12.99
C SER C 285 17.22 -5.52 14.13
N THR C 286 18.42 -5.55 14.68
CA THR C 286 18.75 -6.43 15.79
C THR C 286 18.58 -5.69 17.13
N ALA C 287 18.28 -4.40 17.05
CA ALA C 287 18.12 -3.56 18.24
C ALA C 287 17.03 -3.98 19.22
N ASN C 288 15.83 -4.23 18.70
CA ASN C 288 14.72 -4.63 19.56
C ASN C 288 14.35 -6.09 19.36
N ARG C 289 14.32 -6.83 20.47
CA ARG C 289 13.96 -8.23 20.41
C ARG C 289 12.52 -8.36 20.89
N ILE C 290 11.67 -8.87 20.01
CA ILE C 290 10.26 -9.03 20.31
C ILE C 290 9.98 -10.46 20.75
N LYS C 291 9.64 -10.62 22.04
CA LYS C 291 9.34 -11.94 22.59
C LYS C 291 7.98 -12.41 22.10
N HIS C 292 7.92 -13.65 21.63
CA HIS C 292 6.67 -14.21 21.13
C HIS C 292 5.59 -14.25 22.22
N TYR C 293 5.98 -14.60 23.44
CA TYR C 293 5.02 -14.71 24.54
C TYR C 293 4.75 -13.48 25.41
N GLU C 294 5.27 -12.33 25.00
CA GLU C 294 5.10 -11.08 25.75
C GLU C 294 3.64 -10.63 25.89
N LYS C 295 3.27 -10.25 27.12
CA LYS C 295 1.91 -9.76 27.39
C LYS C 295 1.92 -8.38 28.04
N GLU C 296 3.09 -7.96 28.51
CA GLU C 296 3.23 -6.66 29.15
C GLU C 296 3.69 -5.58 28.18
N VAL C 297 3.30 -4.34 28.47
CA VAL C 297 3.71 -3.21 27.64
C VAL C 297 5.22 -3.25 27.57
N ILE C 298 5.77 -2.93 26.40
CA ILE C 298 7.21 -2.91 26.23
C ILE C 298 7.68 -1.52 25.85
N GLU C 299 9.00 -1.36 25.76
CA GLU C 299 9.59 -0.09 25.40
C GLU C 299 10.48 -0.31 24.18
N ILE C 300 9.98 0.11 23.01
CA ILE C 300 10.71 -0.04 21.77
C ILE C 300 11.67 1.14 21.60
N LYS C 301 12.95 0.84 21.41
CA LYS C 301 13.95 1.89 21.22
C LYS C 301 13.95 2.28 19.74
N ALA C 302 14.00 3.59 19.48
CA ALA C 302 14.00 4.07 18.11
C ALA C 302 14.62 5.45 17.94
N LEU C 303 15.35 5.62 16.83
CA LEU C 303 15.95 6.89 16.51
C LEU C 303 14.86 7.77 15.95
N PRO C 304 14.92 9.09 16.24
CA PRO C 304 13.88 9.97 15.71
C PRO C 304 14.16 10.01 14.20
N ASP C 305 13.11 10.12 13.39
CA ASP C 305 13.28 10.15 11.94
C ASP C 305 14.16 11.26 11.39
N SER C 306 14.31 12.35 12.13
CA SER C 306 15.13 13.46 11.65
C SER C 306 16.64 13.19 11.68
N VAL C 307 17.06 12.09 12.31
CA VAL C 307 18.48 11.79 12.36
C VAL C 307 18.90 10.52 11.62
N ILE C 308 17.95 9.79 11.04
CA ILE C 308 18.30 8.56 10.35
C ILE C 308 18.69 8.67 8.87
N SER C 309 18.76 9.88 8.33
CA SER C 309 19.15 10.04 6.93
C SER C 309 20.50 9.34 6.65
N PRO C 310 21.42 9.33 7.63
CA PRO C 310 22.70 8.65 7.35
C PRO C 310 22.50 7.17 7.05
N LEU C 311 21.56 6.54 7.75
CA LEU C 311 21.26 5.13 7.54
C LEU C 311 20.66 4.92 6.15
N PHE C 312 19.84 5.87 5.70
CA PHE C 312 19.23 5.76 4.37
C PHE C 312 20.34 5.72 3.34
N LYS C 313 21.34 6.60 3.51
CA LYS C 313 22.47 6.67 2.60
C LYS C 313 23.34 5.42 2.66
N ALA C 314 23.71 5.02 3.88
CA ALA C 314 24.54 3.84 4.07
C ALA C 314 23.90 2.61 3.42
N THR C 315 22.57 2.55 3.44
CA THR C 315 21.86 1.42 2.84
C THR C 315 22.11 1.37 1.34
N ALA C 316 21.97 2.52 0.68
CA ALA C 316 22.17 2.63 -0.75
C ALA C 316 23.60 2.23 -1.12
N GLU C 317 24.55 2.70 -0.32
CA GLU C 317 25.97 2.41 -0.54
C GLU C 317 26.27 0.92 -0.45
N ALA C 318 25.86 0.28 0.63
CA ALA C 318 26.09 -1.14 0.82
C ALA C 318 25.43 -1.96 -0.29
N VAL C 319 24.22 -1.60 -0.66
CA VAL C 319 23.54 -2.34 -1.71
C VAL C 319 24.27 -2.20 -3.03
N GLU C 320 24.67 -0.99 -3.38
CA GLU C 320 25.39 -0.73 -4.64
C GLU C 320 26.70 -1.51 -4.72
N GLU C 321 27.48 -1.47 -3.64
CA GLU C 321 28.75 -2.19 -3.63
C GLU C 321 28.51 -3.69 -3.59
N ALA C 322 27.50 -4.11 -2.83
CA ALA C 322 27.20 -5.54 -2.73
C ALA C 322 26.89 -6.12 -4.11
N ILE C 323 26.10 -5.39 -4.90
CA ILE C 323 25.76 -5.85 -6.25
C ILE C 323 27.03 -6.01 -7.08
N ILE C 324 27.89 -5.01 -7.03
CA ILE C 324 29.13 -5.05 -7.79
C ILE C 324 30.01 -6.20 -7.27
N ASN C 325 30.08 -6.37 -5.95
CA ASN C 325 30.86 -7.45 -5.38
C ASN C 325 30.43 -8.82 -5.92
N SER C 326 29.12 -9.03 -6.04
CA SER C 326 28.61 -10.30 -6.55
C SER C 326 29.20 -10.61 -7.94
N LEU C 327 29.46 -9.56 -8.71
CA LEU C 327 30.04 -9.72 -10.04
C LEU C 327 31.54 -9.97 -9.91
N LEU C 328 32.19 -9.18 -9.07
CA LEU C 328 33.63 -9.29 -8.85
C LEU C 328 34.05 -10.60 -8.21
N GLU C 329 33.13 -11.19 -7.44
CA GLU C 329 33.39 -12.44 -6.72
C GLU C 329 32.95 -13.68 -7.49
N ALA C 330 32.22 -13.47 -8.59
CA ALA C 330 31.73 -14.60 -9.37
C ALA C 330 32.79 -15.18 -10.31
N ARG C 331 32.60 -16.44 -10.67
CA ARG C 331 33.53 -17.09 -11.58
C ARG C 331 32.75 -17.59 -12.80
N THR C 332 33.42 -17.66 -13.93
CA THR C 332 32.79 -18.11 -15.16
C THR C 332 32.20 -19.50 -14.94
N MET C 333 31.05 -19.75 -15.55
CA MET C 333 30.40 -21.03 -15.39
C MET C 333 29.48 -21.35 -16.56
N ASP C 334 29.42 -22.62 -16.91
CA ASP C 334 28.56 -23.09 -18.00
C ASP C 334 27.40 -23.83 -17.35
N GLY C 335 26.35 -24.09 -18.12
CA GLY C 335 25.19 -24.78 -17.58
C GLY C 335 24.31 -25.45 -18.63
N ARG C 336 23.03 -25.59 -18.32
CA ARG C 336 22.07 -26.24 -19.23
C ARG C 336 22.12 -25.73 -20.66
N ASP C 337 22.10 -26.67 -21.61
CA ASP C 337 22.16 -26.37 -23.03
C ASP C 337 23.46 -25.70 -23.42
N ASN C 338 24.47 -25.91 -22.58
CA ASN C 338 25.80 -25.35 -22.80
C ASN C 338 25.82 -23.83 -22.68
N HIS C 339 24.83 -23.28 -21.98
CA HIS C 339 24.81 -21.83 -21.77
C HIS C 339 26.01 -21.52 -20.89
N VAL C 340 26.51 -20.30 -21.00
CA VAL C 340 27.65 -19.88 -20.21
C VAL C 340 27.57 -18.41 -19.81
N ARG C 341 28.07 -18.12 -18.61
CA ARG C 341 28.10 -16.75 -18.13
C ARG C 341 29.52 -16.51 -17.65
N TYR C 342 30.18 -15.57 -18.31
CA TYR C 342 31.54 -15.21 -17.98
C TYR C 342 31.61 -14.30 -16.76
N ALA C 343 32.67 -14.41 -15.99
CA ALA C 343 32.84 -13.54 -14.84
C ALA C 343 33.34 -12.22 -15.40
N LEU C 344 32.88 -11.12 -14.82
CA LEU C 344 33.29 -9.80 -15.28
C LEU C 344 34.82 -9.73 -15.31
N PRO C 345 35.41 -9.54 -16.51
CA PRO C 345 36.88 -9.46 -16.61
C PRO C 345 37.44 -8.29 -15.79
N LYS C 346 38.00 -8.62 -14.63
CA LYS C 346 38.53 -7.60 -13.73
C LYS C 346 39.70 -6.82 -14.33
N GLU C 347 40.52 -7.46 -15.14
CA GLU C 347 41.64 -6.79 -15.78
C GLU C 347 41.10 -5.70 -16.71
N GLU C 348 40.20 -6.08 -17.60
CA GLU C 348 39.62 -5.11 -18.54
C GLU C 348 38.86 -4.03 -17.79
N LEU C 349 38.29 -4.39 -16.64
CA LEU C 349 37.54 -3.43 -15.85
C LEU C 349 38.47 -2.29 -15.43
N LEU C 350 39.64 -2.63 -14.91
CA LEU C 350 40.58 -1.62 -14.47
C LEU C 350 40.97 -0.64 -15.58
N ARG C 351 41.20 -1.14 -16.79
CA ARG C 351 41.58 -0.26 -17.89
C ARG C 351 40.44 0.70 -18.21
N ILE C 352 39.21 0.21 -18.12
CA ILE C 352 38.03 1.01 -18.40
C ILE C 352 37.80 2.05 -17.32
N MET C 353 37.93 1.64 -16.06
CA MET C 353 37.76 2.56 -14.94
C MET C 353 38.75 3.71 -15.08
N ARG C 354 40.02 3.35 -15.25
CA ARG C 354 41.09 4.33 -15.39
C ARG C 354 40.85 5.21 -16.61
N ARG C 355 40.26 4.63 -17.64
CA ARG C 355 39.98 5.35 -18.87
C ARG C 355 38.92 6.43 -18.65
N TYR C 356 38.07 6.23 -17.65
CA TYR C 356 37.03 7.21 -17.35
C TYR C 356 37.36 8.09 -16.15
N GLY C 357 38.65 8.24 -15.87
CA GLY C 357 39.09 9.08 -14.77
C GLY C 357 38.94 8.48 -13.39
N ARG C 358 38.41 7.26 -13.32
CA ARG C 358 38.20 6.58 -12.05
C ARG C 358 39.45 5.89 -11.52
N LEU C 359 39.33 5.30 -10.33
CA LEU C 359 40.41 4.59 -9.67
C LEU C 359 41.41 5.57 -9.08
N MET D 1 -31.40 11.67 22.34
CA MET D 1 -30.25 11.20 23.16
C MET D 1 -29.38 10.24 22.36
N LYS D 2 -28.40 9.64 23.03
CA LYS D 2 -27.49 8.71 22.38
C LYS D 2 -28.11 7.32 22.47
N ALA D 3 -27.49 6.35 21.81
CA ALA D 3 -28.00 4.99 21.80
C ALA D 3 -28.00 4.33 23.18
N GLN D 4 -26.81 4.24 23.78
CA GLN D 4 -26.65 3.61 25.09
C GLN D 4 -27.78 3.98 26.06
N GLU D 5 -28.09 5.27 26.15
CA GLU D 5 -29.15 5.74 27.04
C GLU D 5 -30.56 5.45 26.55
N LEU D 6 -30.73 5.29 25.24
CA LEU D 6 -32.04 4.98 24.67
C LEU D 6 -32.35 3.51 24.92
N GLY D 7 -31.35 2.77 25.37
CA GLY D 7 -31.55 1.35 25.63
C GLY D 7 -31.01 0.48 24.52
N ILE D 8 -30.53 1.11 23.45
CA ILE D 8 -29.96 0.35 22.34
C ILE D 8 -28.56 -0.08 22.72
N LYS D 9 -28.33 -1.38 22.83
CA LYS D 9 -27.03 -1.89 23.21
C LYS D 9 -26.22 -2.39 22.02
N ILE D 10 -25.12 -1.70 21.74
CA ILE D 10 -24.25 -2.11 20.65
C ILE D 10 -22.94 -2.57 21.26
N GLY D 11 -22.56 -3.81 20.95
CA GLY D 11 -21.31 -4.34 21.48
C GLY D 11 -21.44 -4.90 22.89
N VAL D 12 -20.31 -5.28 23.48
CA VAL D 12 -20.30 -5.84 24.82
C VAL D 12 -19.41 -5.09 25.80
N PHE D 13 -18.70 -4.08 25.32
CA PHE D 13 -17.81 -3.28 26.17
C PHE D 13 -18.54 -2.03 26.68
N LYS D 14 -18.27 -1.67 27.93
CA LYS D 14 -18.91 -0.50 28.52
C LYS D 14 -18.34 0.80 27.97
N PRO D 15 -19.18 1.83 27.83
CA PRO D 15 -18.76 3.15 27.32
C PRO D 15 -18.12 4.02 28.39
N GLY D 16 -17.35 5.02 27.94
CA GLY D 16 -16.70 5.94 28.86
C GLY D 16 -17.75 6.83 29.52
N LYS D 17 -17.35 7.64 30.49
CA LYS D 17 -18.29 8.50 31.21
C LYS D 17 -19.13 9.44 30.33
N ARG D 18 -18.55 10.04 29.32
CA ARG D 18 -19.29 10.95 28.45
C ARG D 18 -19.79 10.21 27.21
N ASN D 19 -19.22 9.04 26.94
CA ASN D 19 -19.54 8.25 25.76
C ASN D 19 -19.28 9.09 24.51
N LYS D 20 -18.12 9.74 24.51
CA LYS D 20 -17.68 10.60 23.43
C LYS D 20 -16.18 10.38 23.27
N ILE D 21 -15.64 10.74 22.11
CA ILE D 21 -14.21 10.57 21.86
C ILE D 21 -13.36 11.24 22.93
N THR D 22 -13.88 12.33 23.50
CA THR D 22 -13.16 13.06 24.53
C THR D 22 -13.02 12.30 25.84
N ASP D 23 -13.43 11.03 25.87
CA ASP D 23 -13.28 10.23 27.08
C ASP D 23 -11.81 9.85 27.09
N VAL D 24 -11.16 10.07 25.96
CA VAL D 24 -9.71 9.85 25.84
C VAL D 24 -9.23 11.22 26.33
N LYS D 25 -8.76 11.27 27.57
CA LYS D 25 -8.31 12.50 28.19
C LYS D 25 -7.37 13.35 27.35
N GLY D 26 -7.66 14.65 27.27
CA GLY D 26 -6.82 15.55 26.51
C GLY D 26 -7.38 15.87 25.13
N VAL D 27 -8.20 14.98 24.58
CA VAL D 27 -8.78 15.23 23.26
C VAL D 27 -9.94 16.22 23.39
N LYS D 28 -10.00 17.16 22.45
CA LYS D 28 -11.04 18.18 22.45
C LYS D 28 -11.71 18.29 21.07
N VAL D 29 -12.95 18.78 21.04
CA VAL D 29 -13.68 18.92 19.80
C VAL D 29 -14.43 20.25 19.74
N GLY D 30 -14.21 21.01 18.66
CA GLY D 30 -14.89 22.29 18.50
C GLY D 30 -15.62 22.37 17.16
N HIS D 31 -16.72 23.13 17.13
CA HIS D 31 -17.53 23.27 15.92
C HIS D 31 -17.82 24.72 15.54
N VAL D 32 -18.14 24.89 14.27
CA VAL D 32 -18.57 26.18 13.75
C VAL D 32 -19.63 25.77 12.74
N THR D 33 -20.86 26.17 13.05
CA THR D 33 -22.02 25.85 12.25
C THR D 33 -22.48 27.05 11.43
N LEU D 34 -22.62 26.84 10.12
CA LEU D 34 -23.05 27.91 9.22
C LEU D 34 -24.39 27.56 8.61
N ILE D 35 -25.41 28.30 9.02
CA ILE D 35 -26.75 28.10 8.52
C ILE D 35 -27.33 29.43 8.10
N LYS D 36 -27.72 29.53 6.84
CA LYS D 36 -28.28 30.78 6.34
C LYS D 36 -29.10 30.58 5.07
N GLY D 37 -30.19 31.33 4.98
CA GLY D 37 -31.05 31.28 3.81
C GLY D 37 -31.92 30.05 3.69
N LYS D 38 -32.71 30.03 2.61
CA LYS D 38 -33.59 28.91 2.33
C LYS D 38 -34.19 29.06 0.94
N GLY D 39 -34.84 28.01 0.46
CA GLY D 39 -35.43 28.07 -0.86
C GLY D 39 -34.47 27.61 -1.95
N LYS D 40 -34.69 28.12 -3.15
CA LYS D 40 -33.88 27.77 -4.31
C LYS D 40 -32.39 28.03 -4.15
N LEU D 41 -31.59 27.13 -4.72
CA LEU D 41 -30.14 27.24 -4.66
C LEU D 41 -29.62 28.37 -5.53
N ILE D 42 -28.93 29.32 -4.93
CA ILE D 42 -28.35 30.41 -5.68
C ILE D 42 -26.84 30.27 -5.49
N PRO D 43 -26.18 29.49 -6.37
CA PRO D 43 -24.74 29.23 -6.33
C PRO D 43 -23.92 30.42 -5.83
N GLY D 44 -23.02 30.16 -4.90
CA GLY D 44 -22.18 31.21 -4.37
C GLY D 44 -22.90 32.11 -3.39
N LYS D 45 -24.21 31.96 -3.28
CA LYS D 45 -25.00 32.79 -2.37
C LYS D 45 -25.53 31.96 -1.21
N GLY D 46 -26.21 30.87 -1.55
CA GLY D 46 -26.79 30.00 -0.55
C GLY D 46 -27.99 29.27 -1.11
N PRO D 47 -28.85 28.66 -0.26
CA PRO D 47 -28.72 28.65 1.20
C PRO D 47 -27.47 27.94 1.71
N VAL D 48 -27.00 28.37 2.88
CA VAL D 48 -25.80 27.82 3.48
C VAL D 48 -26.13 26.78 4.55
N ARG D 49 -25.54 25.59 4.41
CA ARG D 49 -25.73 24.50 5.37
C ARG D 49 -24.41 23.74 5.45
N THR D 50 -23.46 24.27 6.22
CA THR D 50 -22.17 23.63 6.34
C THR D 50 -21.43 24.14 7.56
N GLY D 51 -20.14 23.82 7.65
CA GLY D 51 -19.38 24.27 8.81
C GLY D 51 -18.02 23.60 8.93
N VAL D 52 -17.46 23.67 10.14
CA VAL D 52 -16.15 23.12 10.42
C VAL D 52 -16.14 22.44 11.79
N THR D 53 -15.39 21.37 11.88
CA THR D 53 -15.26 20.62 13.12
C THR D 53 -13.78 20.37 13.31
N ALA D 54 -13.26 20.68 14.50
CA ALA D 54 -11.85 20.48 14.80
C ALA D 54 -11.69 19.48 15.92
N ILE D 55 -10.70 18.61 15.80
CA ILE D 55 -10.42 17.62 16.83
C ILE D 55 -8.95 17.81 17.22
N LEU D 56 -8.72 18.03 18.51
CA LEU D 56 -7.37 18.24 19.02
C LEU D 56 -6.90 17.00 19.75
N PRO D 57 -5.74 16.45 19.35
CA PRO D 57 -5.19 15.24 19.98
C PRO D 57 -4.91 15.45 21.48
N HIS D 58 -4.41 16.63 21.84
CA HIS D 58 -4.16 16.95 23.23
C HIS D 58 -4.24 18.45 23.47
N GLU D 59 -4.02 18.86 24.72
CA GLU D 59 -4.13 20.27 25.10
C GLU D 59 -2.98 21.21 24.71
N GLY D 60 -1.83 20.67 24.35
CA GLY D 60 -0.71 21.53 24.01
C GLY D 60 -0.45 21.85 22.54
N ASN D 61 0.83 22.01 22.22
CA ASN D 61 1.27 22.30 20.85
C ASN D 61 1.39 20.97 20.11
N ILE D 62 0.46 20.71 19.20
CA ILE D 62 0.48 19.46 18.44
C ILE D 62 1.68 19.32 17.52
N TYR D 63 2.14 20.43 16.96
CA TYR D 63 3.28 20.41 16.07
C TYR D 63 4.59 20.10 16.80
N LYS D 64 4.82 20.78 17.93
CA LYS D 64 6.04 20.55 18.69
C LYS D 64 5.98 19.21 19.41
N GLU D 65 4.78 18.80 19.81
CA GLU D 65 4.58 17.52 20.48
C GLU D 65 3.54 16.71 19.72
N LYS D 66 4.02 15.94 18.75
CA LYS D 66 3.17 15.12 17.88
C LYS D 66 2.72 13.82 18.55
N VAL D 67 1.66 13.22 18.00
CA VAL D 67 1.15 11.95 18.52
C VAL D 67 1.32 10.91 17.41
N LEU D 68 1.57 9.66 17.79
CA LEU D 68 1.71 8.62 16.78
C LEU D 68 0.33 8.40 16.17
N ALA D 69 0.27 8.07 14.89
CA ALA D 69 -1.02 7.89 14.24
C ALA D 69 -0.98 6.97 13.03
N GLY D 70 -2.17 6.51 12.63
CA GLY D 70 -2.30 5.63 11.48
C GLY D 70 -3.54 6.01 10.72
N ALA D 71 -3.74 5.42 9.54
CA ALA D 71 -4.93 5.76 8.77
C ALA D 71 -5.22 4.72 7.70
N PHE D 72 -6.50 4.56 7.38
CA PHE D 72 -6.91 3.58 6.37
C PHE D 72 -7.96 4.13 5.43
N VAL D 73 -7.74 3.95 4.13
CA VAL D 73 -8.71 4.41 3.14
C VAL D 73 -9.51 3.21 2.65
N MET D 74 -10.76 3.11 3.09
CA MET D 74 -11.61 2.01 2.66
C MET D 74 -11.95 2.26 1.18
N ASN D 75 -12.42 3.48 0.87
CA ASN D 75 -12.73 3.86 -0.52
C ASN D 75 -12.26 5.29 -0.75
N GLY D 76 -11.30 5.43 -1.67
CA GLY D 76 -10.73 6.73 -1.97
C GLY D 76 -11.48 7.78 -2.76
N TYR D 77 -12.80 7.76 -2.78
CA TYR D 77 -13.52 8.81 -3.48
C TYR D 77 -13.64 9.92 -2.43
N SER D 78 -12.48 10.42 -2.03
CA SER D 78 -12.35 11.42 -0.98
C SER D 78 -11.16 12.34 -1.32
N LYS D 79 -11.17 13.56 -0.78
CA LYS D 79 -10.10 14.52 -1.05
C LYS D 79 -9.34 14.94 0.23
N PRO D 80 -8.79 13.96 0.96
CA PRO D 80 -8.04 14.24 2.19
C PRO D 80 -6.69 14.90 1.98
N VAL D 81 -6.29 15.71 2.94
CA VAL D 81 -5.02 16.42 2.91
C VAL D 81 -4.23 16.00 4.15
N GLY D 82 -2.98 15.58 3.96
CA GLY D 82 -2.15 15.19 5.07
C GLY D 82 -1.91 13.71 5.35
N LEU D 83 -2.50 12.82 4.56
CA LEU D 83 -2.31 11.40 4.83
C LEU D 83 -0.96 10.84 4.42
N ILE D 84 -0.38 11.39 3.36
CA ILE D 84 0.92 10.91 2.88
C ILE D 84 2.02 11.05 3.96
N GLN D 85 2.09 12.19 4.62
CA GLN D 85 3.12 12.35 5.64
C GLN D 85 2.77 11.51 6.85
N LEU D 86 1.48 11.43 7.19
CA LEU D 86 1.01 10.66 8.33
C LEU D 86 1.53 9.22 8.24
N TRP D 87 1.37 8.62 7.06
CA TRP D 87 1.82 7.26 6.80
C TRP D 87 3.34 7.11 6.79
N GLU D 88 4.02 8.09 6.23
CA GLU D 88 5.48 8.04 6.17
C GLU D 88 6.17 8.22 7.52
N LEU D 89 5.70 9.19 8.32
CA LEU D 89 6.33 9.45 9.60
C LEU D 89 5.57 8.86 10.79
N GLY D 90 4.35 8.41 10.52
CA GLY D 90 3.53 7.82 11.56
C GLY D 90 3.03 8.80 12.61
N THR D 91 2.99 10.08 12.25
CA THR D 91 2.55 11.10 13.20
C THR D 91 1.53 12.10 12.66
N ILE D 92 0.89 12.80 13.60
CA ILE D 92 -0.07 13.86 13.33
C ILE D 92 0.58 15.02 14.09
N GLU D 93 0.68 16.19 13.47
CA GLU D 93 1.33 17.34 14.09
C GLU D 93 0.51 18.62 14.05
N THR D 94 -0.81 18.46 13.91
CA THR D 94 -1.71 19.60 13.84
C THR D 94 -3.07 19.15 14.30
N PRO D 95 -3.97 20.10 14.57
CA PRO D 95 -5.28 19.62 14.99
C PRO D 95 -5.93 19.05 13.72
N ILE D 96 -6.88 18.15 13.90
CA ILE D 96 -7.56 17.53 12.77
C ILE D 96 -8.79 18.37 12.41
N ILE D 97 -8.94 18.67 11.12
CA ILE D 97 -10.06 19.50 10.67
C ILE D 97 -10.96 18.81 9.66
N LEU D 98 -12.27 18.91 9.90
CA LEU D 98 -13.28 18.33 9.03
C LEU D 98 -14.20 19.44 8.54
N THR D 99 -14.52 19.42 7.24
CA THR D 99 -15.39 20.41 6.62
C THR D 99 -15.86 19.81 5.29
N ASN D 100 -16.52 20.60 4.46
CA ASN D 100 -17.02 20.09 3.18
C ASN D 100 -15.94 19.96 2.10
N THR D 101 -16.18 19.05 1.15
CA THR D 101 -15.23 18.76 0.07
C THR D 101 -14.57 20.00 -0.56
N LEU D 102 -15.39 21.00 -0.97
CA LEU D 102 -14.80 22.12 -1.70
C LEU D 102 -14.16 23.18 -0.80
N SER D 103 -14.25 22.96 0.53
CA SER D 103 -13.64 23.92 1.45
C SER D 103 -12.29 23.44 2.00
N ILE D 104 -11.74 22.37 1.43
CA ILE D 104 -10.46 21.87 1.94
C ILE D 104 -9.32 22.88 1.78
N GLY D 105 -9.36 23.63 0.68
CA GLY D 105 -8.32 24.63 0.47
C GLY D 105 -8.42 25.71 1.52
N THR D 106 -9.65 26.12 1.84
CA THR D 106 -9.88 27.16 2.83
C THR D 106 -9.46 26.65 4.22
N ALA D 107 -9.76 25.39 4.49
CA ALA D 107 -9.39 24.79 5.78
C ALA D 107 -7.86 24.78 5.93
N VAL D 108 -7.15 24.52 4.84
CA VAL D 108 -5.69 24.51 4.89
C VAL D 108 -5.20 25.91 5.26
N GLU D 109 -5.74 26.92 4.59
CA GLU D 109 -5.36 28.31 4.86
C GLU D 109 -5.63 28.62 6.33
N GLY D 110 -6.83 28.27 6.79
CA GLY D 110 -7.21 28.54 8.17
C GLY D 110 -6.33 27.80 9.17
N LEU D 111 -6.19 26.50 8.98
CA LEU D 111 -5.37 25.67 9.85
C LEU D 111 -3.95 26.21 9.87
N LEU D 112 -3.46 26.65 8.71
CA LEU D 112 -2.11 27.21 8.66
C LEU D 112 -2.07 28.56 9.37
N ASP D 113 -3.18 29.30 9.38
CA ASP D 113 -3.19 30.59 10.07
C ASP D 113 -2.92 30.34 11.55
N TYR D 114 -3.55 29.31 12.09
CA TYR D 114 -3.42 28.94 13.49
C TYR D 114 -2.01 28.48 13.85
N ILE D 115 -1.53 27.48 13.12
CA ILE D 115 -0.22 26.87 13.32
C ILE D 115 0.96 27.83 13.21
N LEU D 116 1.01 28.59 12.13
CA LEU D 116 2.11 29.53 11.93
C LEU D 116 2.13 30.56 13.06
N GLU D 117 0.94 30.94 13.52
CA GLU D 117 0.79 31.91 14.60
C GLU D 117 1.39 31.34 15.90
N GLU D 118 1.15 30.05 16.12
CA GLU D 118 1.65 29.36 17.32
C GLU D 118 3.08 28.86 17.16
N ASN D 119 3.55 28.77 15.93
CA ASN D 119 4.91 28.29 15.68
C ASN D 119 5.66 29.21 14.75
N GLU D 120 6.40 30.13 15.37
CA GLU D 120 7.19 31.15 14.70
C GLU D 120 8.43 30.63 13.96
N ASP D 121 8.90 29.44 14.34
CA ASP D 121 10.07 28.86 13.71
C ASP D 121 9.78 28.17 12.36
N ILE D 122 8.55 27.71 12.16
CA ILE D 122 8.18 27.04 10.92
C ILE D 122 8.45 27.91 9.69
N GLY D 123 9.22 27.36 8.75
CA GLY D 123 9.54 28.06 7.52
C GLY D 123 10.75 28.96 7.64
N VAL D 124 11.32 29.01 8.84
CA VAL D 124 12.48 29.86 9.08
C VAL D 124 13.68 29.09 9.62
N THR D 125 13.55 28.50 10.80
CA THR D 125 14.67 27.75 11.38
C THR D 125 14.41 26.25 11.41
N THR D 126 13.20 25.84 11.03
CA THR D 126 12.85 24.43 10.97
C THR D 126 12.03 24.17 9.68
N GLY D 127 11.54 22.93 9.53
CA GLY D 127 10.78 22.56 8.35
C GLY D 127 9.39 23.14 8.21
N SER D 128 8.60 22.54 7.33
CA SER D 128 7.22 22.99 7.08
C SER D 128 6.26 22.32 8.05
N VAL D 129 5.00 22.21 7.64
CA VAL D 129 4.00 21.57 8.48
C VAL D 129 2.98 20.84 7.61
N ASN D 130 2.50 19.71 8.11
CA ASN D 130 1.55 18.85 7.41
C ASN D 130 0.11 19.04 7.91
N PRO D 131 -0.65 19.93 7.26
CA PRO D 131 -2.04 20.15 7.69
C PRO D 131 -2.94 18.96 7.39
N LEU D 132 -3.65 18.49 8.42
CA LEU D 132 -4.54 17.35 8.29
C LEU D 132 -6.00 17.81 8.16
N VAL D 133 -6.56 17.57 6.97
CA VAL D 133 -7.92 17.99 6.63
C VAL D 133 -8.64 16.88 5.88
N LEU D 134 -9.84 16.54 6.32
CA LEU D 134 -10.64 15.51 5.68
C LEU D 134 -12.02 16.08 5.44
N GLU D 135 -12.83 15.41 4.62
CA GLU D 135 -14.13 15.98 4.30
C GLU D 135 -15.22 15.03 3.82
N CYS D 136 -16.39 15.62 3.66
CA CYS D 136 -17.58 14.94 3.15
C CYS D 136 -18.32 15.97 2.28
N ASN D 137 -19.10 15.49 1.33
CA ASN D 137 -19.83 16.35 0.41
C ASN D 137 -21.26 16.60 0.90
N ASP D 138 -21.53 17.81 1.38
CA ASP D 138 -22.87 18.16 1.86
C ASP D 138 -23.69 18.88 0.79
N SER D 139 -23.37 18.66 -0.48
CA SER D 139 -24.07 19.34 -1.57
C SER D 139 -25.59 19.16 -1.65
N TYR D 140 -26.12 18.09 -1.06
CA TYR D 140 -27.56 17.87 -1.12
C TYR D 140 -28.36 18.95 -0.40
N LEU D 141 -27.79 19.47 0.70
CA LEU D 141 -28.43 20.52 1.49
C LEU D 141 -27.71 21.85 1.41
N ASN D 142 -26.40 21.81 1.15
CA ASN D 142 -25.61 23.03 1.11
C ASN D 142 -25.17 23.52 -0.26
N ASP D 143 -24.99 24.84 -0.36
CA ASP D 143 -24.50 25.46 -1.58
C ASP D 143 -22.99 25.29 -1.48
N ILE D 144 -22.52 24.09 -1.80
CA ILE D 144 -21.09 23.79 -1.71
C ILE D 144 -20.25 24.62 -2.67
N ARG D 145 -20.78 24.93 -3.85
CA ARG D 145 -20.04 25.72 -4.83
C ARG D 145 -19.66 27.09 -4.27
N GLY D 146 -20.45 27.58 -3.32
CA GLY D 146 -20.18 28.89 -2.75
C GLY D 146 -19.02 28.99 -1.80
N ARG D 147 -18.52 27.86 -1.31
CA ARG D 147 -17.39 27.86 -0.37
C ARG D 147 -17.62 28.91 0.73
N HIS D 148 -18.67 28.70 1.49
CA HIS D 148 -19.05 29.61 2.56
C HIS D 148 -18.18 29.48 3.82
N VAL D 149 -17.38 28.43 3.87
CA VAL D 149 -16.50 28.25 5.00
C VAL D 149 -15.39 29.28 4.81
N LYS D 150 -15.02 29.96 5.87
CA LYS D 150 -13.98 30.97 5.79
C LYS D 150 -12.85 30.54 6.72
N ARG D 151 -11.62 30.91 6.36
CA ARG D 151 -10.45 30.55 7.13
C ARG D 151 -10.52 30.86 8.63
N GLU D 152 -11.22 31.93 9.01
CA GLU D 152 -11.34 32.29 10.42
C GLU D 152 -12.18 31.25 11.16
N HIS D 153 -13.12 30.65 10.44
CA HIS D 153 -13.99 29.64 11.04
C HIS D 153 -13.16 28.49 11.55
N VAL D 154 -12.08 28.19 10.83
CA VAL D 154 -11.20 27.09 11.23
C VAL D 154 -10.46 27.40 12.53
N VAL D 155 -9.89 28.62 12.60
CA VAL D 155 -9.19 29.01 13.82
C VAL D 155 -10.15 29.00 15.00
N GLU D 156 -11.38 29.43 14.69
CA GLU D 156 -12.41 29.50 15.71
C GLU D 156 -12.78 28.12 16.23
N ALA D 157 -13.12 27.23 15.29
CA ALA D 157 -13.44 25.87 15.69
C ALA D 157 -12.38 25.29 16.61
N ILE D 158 -11.11 25.53 16.24
CA ILE D 158 -10.00 25.02 17.03
C ILE D 158 -10.01 25.58 18.47
N LYS D 159 -10.29 26.87 18.60
CA LYS D 159 -10.27 27.49 19.93
C LYS D 159 -11.49 27.18 20.79
N ARG D 160 -12.60 26.79 20.17
CA ARG D 160 -13.80 26.43 20.91
C ARG D 160 -13.72 24.97 21.36
N ALA D 161 -12.75 24.24 20.85
CA ALA D 161 -12.59 22.83 21.18
C ALA D 161 -12.75 22.60 22.68
N ASP D 162 -13.58 21.64 23.04
CA ASP D 162 -13.83 21.35 24.44
C ASP D 162 -14.09 19.87 24.66
N GLU D 163 -14.13 19.45 25.93
CA GLU D 163 -14.40 18.04 26.27
C GLU D 163 -15.84 17.72 25.91
N ASP D 164 -16.74 18.66 26.18
CA ASP D 164 -18.16 18.48 25.88
C ASP D 164 -18.46 19.17 24.55
N PHE D 165 -18.95 18.40 23.58
CA PHE D 165 -19.28 18.96 22.28
C PHE D 165 -20.63 18.45 21.82
N GLU D 166 -21.32 19.26 21.03
CA GLU D 166 -22.62 18.87 20.51
C GLU D 166 -22.44 17.89 19.36
N GLU D 167 -23.47 17.07 19.14
CA GLU D 167 -23.43 16.12 18.04
C GLU D 167 -24.58 16.41 17.09
N GLY D 168 -24.67 15.64 16.01
CA GLY D 168 -25.75 15.85 15.07
C GLY D 168 -25.40 16.81 13.95
N ALA D 169 -26.36 17.65 13.58
CA ALA D 169 -26.15 18.62 12.51
C ALA D 169 -25.45 19.87 12.99
N VAL D 170 -24.17 19.74 13.28
CA VAL D 170 -23.37 20.85 13.76
C VAL D 170 -21.97 20.73 13.17
N GLY D 171 -21.23 21.82 13.15
CA GLY D 171 -19.88 21.79 12.61
C GLY D 171 -19.85 21.27 11.18
N ALA D 172 -18.94 20.35 10.88
CA ALA D 172 -18.82 19.79 9.54
C ALA D 172 -20.04 18.93 9.17
N GLY D 173 -20.79 18.51 10.19
CA GLY D 173 -21.96 17.68 9.93
C GLY D 173 -23.24 18.46 9.69
N THR D 174 -23.15 19.78 9.82
CA THR D 174 -24.29 20.66 9.63
C THR D 174 -25.19 20.27 8.46
N GLY D 175 -24.62 20.13 7.26
CA GLY D 175 -25.44 19.78 6.10
C GLY D 175 -25.31 18.36 5.55
N MET D 176 -24.86 17.41 6.37
CA MET D 176 -24.69 16.04 5.90
C MET D 176 -25.94 15.15 5.89
N SER D 177 -25.96 14.18 4.98
CA SER D 177 -27.09 13.25 4.83
C SER D 177 -26.62 11.79 4.97
N ALA D 178 -27.40 10.98 5.68
CA ALA D 178 -27.07 9.57 5.87
C ALA D 178 -28.32 8.70 5.80
N PHE D 179 -28.25 7.62 5.03
CA PHE D 179 -29.38 6.71 4.89
C PHE D 179 -30.62 7.50 4.45
N GLU D 180 -30.38 8.65 3.81
CA GLU D 180 -31.43 9.54 3.33
C GLU D 180 -32.24 10.13 4.48
N PHE D 181 -31.54 10.35 5.59
CA PHE D 181 -32.08 10.97 6.80
C PHE D 181 -31.04 12.04 7.12
N LYS D 182 -31.24 12.79 8.20
CA LYS D 182 -30.24 13.81 8.52
C LYS D 182 -29.01 13.15 9.10
N GLY D 183 -27.83 13.52 8.61
CA GLY D 183 -26.59 12.96 9.12
C GLY D 183 -25.79 14.02 9.88
N GLY D 184 -24.52 13.77 10.14
CA GLY D 184 -23.71 14.73 10.85
C GLY D 184 -22.69 14.13 11.81
N ILE D 185 -22.37 14.86 12.87
CA ILE D 185 -21.41 14.39 13.86
C ILE D 185 -22.02 13.37 14.82
N GLY D 186 -21.26 12.31 15.07
CA GLY D 186 -21.69 11.27 16.00
C GLY D 186 -20.47 10.83 16.78
N SER D 187 -20.66 10.41 18.03
CA SER D 187 -19.52 9.98 18.83
C SER D 187 -19.90 8.96 19.90
N ALA D 188 -18.91 8.16 20.30
CA ALA D 188 -19.10 7.13 21.31
C ALA D 188 -17.72 6.70 21.83
N SER D 189 -17.71 5.95 22.93
CA SER D 189 -16.46 5.48 23.47
C SER D 189 -16.67 4.14 24.17
N ARG D 190 -15.59 3.39 24.29
CA ARG D 190 -15.61 2.10 24.96
C ARG D 190 -14.38 1.99 25.83
N ILE D 191 -14.53 1.31 26.97
CA ILE D 191 -13.43 1.11 27.90
C ILE D 191 -13.09 -0.37 27.85
N VAL D 192 -11.81 -0.70 27.76
CA VAL D 192 -11.42 -2.10 27.70
C VAL D 192 -10.25 -2.32 28.65
N GLU D 193 -10.28 -3.43 29.37
CA GLU D 193 -9.18 -3.73 30.28
C GLU D 193 -8.23 -4.71 29.62
N ILE D 194 -6.94 -4.38 29.62
CA ILE D 194 -5.93 -5.24 29.02
C ILE D 194 -4.74 -5.45 29.97
N GLU D 195 -4.63 -6.67 30.48
CA GLU D 195 -3.57 -7.04 31.41
C GLU D 195 -3.61 -6.17 32.67
N GLY D 196 -4.77 -6.14 33.32
CA GLY D 196 -4.93 -5.37 34.54
C GLY D 196 -4.88 -3.86 34.39
N LYS D 197 -4.95 -3.37 33.16
CA LYS D 197 -4.89 -1.94 32.91
C LYS D 197 -6.03 -1.53 31.99
N LYS D 198 -6.71 -0.45 32.33
CA LYS D 198 -7.82 0.00 31.51
C LYS D 198 -7.43 1.10 30.53
N TYR D 199 -7.87 0.92 29.29
CA TYR D 199 -7.61 1.86 28.21
C TYR D 199 -8.93 2.32 27.64
N THR D 200 -8.95 3.48 27.03
CA THR D 200 -10.16 4.02 26.44
C THR D 200 -10.02 4.12 24.92
N VAL D 201 -11.12 3.88 24.21
CA VAL D 201 -11.15 4.01 22.75
C VAL D 201 -12.35 4.85 22.42
N GLY D 202 -12.11 6.01 21.80
CA GLY D 202 -13.22 6.87 21.46
C GLY D 202 -13.31 7.05 19.95
N ALA D 203 -14.46 7.47 19.47
CA ALA D 203 -14.63 7.68 18.04
C ALA D 203 -15.61 8.79 17.74
N LEU D 204 -15.25 9.59 16.74
CA LEU D 204 -16.09 10.67 16.28
C LEU D 204 -16.23 10.42 14.78
N VAL D 205 -17.46 10.45 14.30
CA VAL D 205 -17.69 10.23 12.88
C VAL D 205 -18.45 11.40 12.29
N LEU D 206 -18.32 11.53 10.99
CA LEU D 206 -19.00 12.55 10.22
C LEU D 206 -19.68 11.66 9.18
N SER D 207 -20.96 11.36 9.40
CA SER D 207 -21.70 10.49 8.50
C SER D 207 -22.33 11.19 7.31
N ASN D 208 -22.18 10.60 6.14
CA ASN D 208 -22.75 11.16 4.93
C ASN D 208 -22.86 10.08 3.85
N PHE D 209 -23.39 8.91 4.24
CA PHE D 209 -23.48 7.78 3.31
C PHE D 209 -24.73 6.92 3.49
N GLY D 210 -24.87 5.97 2.57
CA GLY D 210 -25.96 5.01 2.61
C GLY D 210 -27.31 5.37 2.03
N ARG D 211 -27.94 4.37 1.42
CA ARG D 211 -29.27 4.53 0.86
C ARG D 211 -30.20 4.16 2.00
N ARG D 212 -31.40 4.74 1.97
CA ARG D 212 -32.40 4.49 3.00
C ARG D 212 -32.41 3.04 3.51
N GLU D 213 -32.64 2.09 2.61
CA GLU D 213 -32.72 0.68 3.00
C GLU D 213 -31.45 0.02 3.54
N ASP D 214 -30.32 0.71 3.53
CA ASP D 214 -29.09 0.12 4.07
C ASP D 214 -29.06 0.16 5.60
N LEU D 215 -29.67 1.21 6.17
CA LEU D 215 -29.67 1.42 7.61
C LEU D 215 -29.84 0.19 8.50
N THR D 216 -28.81 -0.10 9.27
CA THR D 216 -28.81 -1.24 10.19
C THR D 216 -28.51 -0.75 11.61
N ILE D 217 -29.43 -0.98 12.53
CA ILE D 217 -29.25 -0.53 13.91
C ILE D 217 -29.31 -1.70 14.89
N ALA D 218 -28.16 -2.02 15.49
CA ALA D 218 -28.07 -3.12 16.43
C ALA D 218 -28.59 -4.38 15.74
N GLY D 219 -28.23 -4.54 14.47
CA GLY D 219 -28.67 -5.69 13.72
C GLY D 219 -30.07 -5.60 13.13
N VAL D 220 -30.81 -4.57 13.51
CA VAL D 220 -32.18 -4.41 13.01
C VAL D 220 -32.27 -3.66 11.68
N PRO D 221 -33.05 -4.20 10.72
CA PRO D 221 -33.22 -3.60 9.40
C PRO D 221 -34.17 -2.40 9.41
N VAL D 222 -33.82 -1.39 10.22
CA VAL D 222 -34.61 -0.18 10.33
C VAL D 222 -34.75 0.51 8.98
N GLY D 223 -33.72 0.41 8.14
CA GLY D 223 -33.76 1.02 6.82
C GLY D 223 -34.93 0.50 6.01
N LEU D 224 -35.06 -0.82 5.93
CA LEU D 224 -36.16 -1.44 5.18
C LEU D 224 -37.51 -1.15 5.81
N GLU D 225 -37.54 -1.02 7.14
CA GLU D 225 -38.77 -0.74 7.85
C GLU D 225 -39.25 0.70 7.61
N LEU D 226 -38.36 1.54 7.10
CA LEU D 226 -38.70 2.94 6.83
C LEU D 226 -38.48 3.24 5.36
N LYS D 227 -38.61 2.21 4.53
CA LYS D 227 -38.44 2.32 3.08
C LYS D 227 -39.19 3.50 2.49
N ASN D 228 -40.48 3.57 2.77
CA ASN D 228 -41.35 4.61 2.25
C ASN D 228 -41.51 5.84 3.13
N TRP D 229 -40.58 6.04 4.05
CA TRP D 229 -40.64 7.19 4.94
C TRP D 229 -40.15 8.43 4.17
N PRO D 230 -40.86 9.56 4.29
CA PRO D 230 -40.53 10.83 3.62
C PRO D 230 -39.09 11.29 3.68
N GLY D 231 -38.74 12.24 2.82
CA GLY D 231 -37.38 12.77 2.78
C GLY D 231 -36.37 12.05 1.91
N ARG D 232 -36.84 11.09 1.11
CA ARG D 232 -35.93 10.34 0.26
C ARG D 232 -35.37 11.16 -0.88
N GLY D 233 -34.19 10.77 -1.34
CA GLY D 233 -33.53 11.48 -2.43
C GLY D 233 -32.01 11.42 -2.28
N SER D 239 -20.28 9.14 1.81
CA SER D 239 -18.95 9.20 2.37
C SER D 239 -18.98 9.26 3.91
N ILE D 240 -17.83 9.07 4.54
CA ILE D 240 -17.75 9.14 6.00
C ILE D 240 -16.32 9.20 6.50
N ILE D 241 -16.07 10.08 7.45
CA ILE D 241 -14.74 10.17 8.02
C ILE D 241 -14.86 9.66 9.45
N MET D 242 -13.95 8.77 9.82
CA MET D 242 -13.96 8.19 11.16
C MET D 242 -12.66 8.53 11.87
N ILE D 243 -12.77 9.23 12.99
CA ILE D 243 -11.59 9.63 13.75
C ILE D 243 -11.51 8.78 15.02
N ILE D 244 -10.41 8.05 15.17
CA ILE D 244 -10.23 7.19 16.31
C ILE D 244 -9.12 7.68 17.23
N ALA D 245 -9.41 7.70 18.54
CA ALA D 245 -8.44 8.12 19.54
C ALA D 245 -8.36 7.07 20.64
N THR D 246 -7.21 6.95 21.28
CA THR D 246 -7.04 5.98 22.35
C THR D 246 -5.85 6.38 23.20
N ASP D 247 -5.81 5.90 24.44
CA ASP D 247 -4.67 6.21 25.30
C ASP D 247 -3.81 4.96 25.41
N ALA D 248 -4.12 3.96 24.59
CA ALA D 248 -3.35 2.74 24.60
C ALA D 248 -2.05 3.03 23.83
N PRO D 249 -0.90 2.59 24.35
CA PRO D 249 0.38 2.83 23.68
C PRO D 249 0.51 1.98 22.41
N LEU D 250 0.75 2.63 21.28
CA LEU D 250 0.86 1.92 20.01
C LEU D 250 1.77 2.62 19.00
N THR D 251 2.40 1.84 18.13
CA THR D 251 3.29 2.39 17.12
C THR D 251 2.45 2.80 15.89
N GLY D 252 3.09 3.44 14.92
CA GLY D 252 2.36 3.87 13.73
C GLY D 252 1.72 2.67 13.03
N ARG D 253 2.51 1.63 12.82
CA ARG D 253 2.01 0.41 12.17
C ARG D 253 0.75 -0.10 12.86
N GLN D 254 0.80 -0.20 14.18
CA GLN D 254 -0.33 -0.68 14.95
C GLN D 254 -1.57 0.22 14.83
N LEU D 255 -1.34 1.53 14.73
CA LEU D 255 -2.45 2.46 14.60
C LEU D 255 -3.10 2.37 13.21
N ASN D 256 -2.33 1.89 12.23
CA ASN D 256 -2.88 1.72 10.89
C ASN D 256 -3.84 0.54 11.00
N ARG D 257 -3.48 -0.44 11.83
CA ARG D 257 -4.33 -1.61 12.03
C ARG D 257 -5.66 -1.18 12.68
N VAL D 258 -5.57 -0.43 13.78
CA VAL D 258 -6.79 0.05 14.45
C VAL D 258 -7.68 0.85 13.49
N ALA D 259 -7.07 1.66 12.64
CA ALA D 259 -7.83 2.45 11.68
C ALA D 259 -8.71 1.51 10.84
N LYS D 260 -8.12 0.41 10.39
CA LYS D 260 -8.86 -0.56 9.59
C LYS D 260 -10.10 -1.14 10.28
N ARG D 261 -10.01 -1.35 11.59
CA ARG D 261 -11.11 -1.92 12.35
C ARG D 261 -12.33 -1.02 12.36
N ALA D 262 -12.11 0.26 12.09
CA ALA D 262 -13.21 1.20 12.05
C ALA D 262 -14.25 0.78 11.01
N ILE D 263 -13.78 0.18 9.91
CA ILE D 263 -14.69 -0.25 8.85
C ILE D 263 -15.63 -1.37 9.30
N VAL D 264 -15.26 -2.09 10.34
CA VAL D 264 -16.11 -3.16 10.84
C VAL D 264 -17.40 -2.53 11.40
N GLY D 265 -17.25 -1.46 12.17
CA GLY D 265 -18.42 -0.78 12.71
C GLY D 265 -19.24 -0.14 11.58
N LEU D 266 -18.55 0.41 10.59
CA LEU D 266 -19.22 1.03 9.46
C LEU D 266 -20.11 0.01 8.76
N ALA D 267 -19.51 -1.13 8.39
CA ALA D 267 -20.24 -2.19 7.71
C ALA D 267 -21.48 -2.66 8.47
N ARG D 268 -21.37 -2.74 9.79
CA ARG D 268 -22.49 -3.22 10.61
C ARG D 268 -23.68 -2.25 10.71
N THR D 269 -23.50 -1.01 10.28
CA THR D 269 -24.60 -0.06 10.31
C THR D 269 -25.21 -0.03 8.90
N GLY D 270 -24.55 -0.72 7.96
CA GLY D 270 -25.03 -0.75 6.58
C GLY D 270 -24.18 0.09 5.64
N GLY D 271 -22.90 0.21 5.98
CA GLY D 271 -21.98 0.96 5.14
C GLY D 271 -21.40 -0.01 4.13
N TYR D 272 -21.64 0.22 2.84
CA TYR D 272 -21.13 -0.67 1.81
C TYR D 272 -19.99 -0.09 0.99
N ALA D 273 -19.64 1.16 1.26
CA ALA D 273 -18.57 1.83 0.55
C ALA D 273 -18.86 1.85 -0.96
N TYR D 274 -20.01 2.42 -1.33
CA TYR D 274 -20.37 2.51 -2.74
C TYR D 274 -19.27 3.28 -3.46
N ASN D 275 -19.30 3.26 -4.79
CA ASN D 275 -18.27 3.92 -5.56
C ASN D 275 -17.94 5.36 -5.19
N GLY D 276 -18.96 6.18 -5.02
CA GLY D 276 -18.74 7.58 -4.69
C GLY D 276 -18.66 7.89 -3.19
N SER D 277 -18.54 6.87 -2.36
CA SER D 277 -18.49 7.12 -0.92
C SER D 277 -17.07 7.24 -0.38
N GLY D 278 -16.72 8.46 0.05
CA GLY D 278 -15.40 8.69 0.61
C GLY D 278 -15.35 8.22 2.06
N ASP D 279 -14.91 6.98 2.25
CA ASP D 279 -14.82 6.40 3.59
C ASP D 279 -13.36 6.28 4.05
N ILE D 280 -13.00 7.05 5.07
CA ILE D 280 -11.64 7.03 5.59
C ILE D 280 -11.57 7.06 7.12
N ALA D 281 -10.62 6.31 7.66
CA ALA D 281 -10.45 6.25 9.11
C ALA D 281 -9.05 6.73 9.49
N VAL D 282 -8.99 7.51 10.56
CA VAL D 282 -7.73 8.03 11.07
C VAL D 282 -7.66 7.70 12.56
N ALA D 283 -6.61 7.00 12.97
CA ALA D 283 -6.46 6.62 14.36
C ALA D 283 -5.19 7.16 15.00
N PHE D 284 -5.29 7.61 16.24
CA PHE D 284 -4.12 8.12 16.95
C PHE D 284 -4.14 7.78 18.43
N SER D 285 -2.96 7.77 19.05
CA SER D 285 -2.84 7.47 20.47
C SER D 285 -2.24 8.67 21.20
N THR D 286 -2.69 8.91 22.42
CA THR D 286 -2.17 10.01 23.22
C THR D 286 -1.06 9.48 24.11
N ALA D 287 -0.88 8.18 24.10
CA ALA D 287 0.12 7.51 24.92
C ALA D 287 1.55 7.97 24.69
N ASN D 288 1.90 8.27 23.44
CA ASN D 288 3.25 8.72 23.11
C ASN D 288 3.32 10.06 22.39
N ARG D 289 4.07 11.00 22.96
CA ARG D 289 4.25 12.30 22.33
C ARG D 289 5.66 12.30 21.72
N ILE D 290 5.76 12.75 20.47
CA ILE D 290 7.04 12.78 19.78
C ILE D 290 7.53 14.23 19.65
N LYS D 291 8.65 14.53 20.31
CA LYS D 291 9.22 15.88 20.27
C LYS D 291 9.78 16.23 18.91
N HIS D 292 9.31 17.32 18.34
CA HIS D 292 9.74 17.77 17.02
C HIS D 292 11.26 17.86 16.94
N TYR D 293 11.87 18.50 17.93
CA TYR D 293 13.32 18.67 17.94
C TYR D 293 14.13 17.54 18.55
N GLU D 294 13.47 16.45 18.93
CA GLU D 294 14.16 15.31 19.51
C GLU D 294 15.24 14.78 18.57
N LYS D 295 16.44 14.56 19.10
CA LYS D 295 17.53 14.05 18.28
C LYS D 295 18.17 12.79 18.84
N GLU D 296 17.77 12.40 20.05
CA GLU D 296 18.32 11.21 20.66
C GLU D 296 17.39 10.00 20.68
N VAL D 297 17.98 8.83 20.87
CA VAL D 297 17.23 7.58 20.91
C VAL D 297 16.10 7.73 21.90
N ILE D 298 14.87 7.43 21.47
CA ILE D 298 13.74 7.54 22.36
C ILE D 298 13.16 6.16 22.63
N GLU D 299 12.21 6.10 23.55
CA GLU D 299 11.55 4.86 23.91
C GLU D 299 10.07 5.00 23.63
N ILE D 300 9.55 4.17 22.71
CA ILE D 300 8.13 4.19 22.37
C ILE D 300 7.41 3.14 23.21
N LYS D 301 6.45 3.58 24.01
CA LYS D 301 5.69 2.62 24.80
C LYS D 301 4.74 1.93 23.84
N ALA D 302 4.73 0.60 23.83
CA ALA D 302 3.85 -0.11 22.93
C ALA D 302 3.37 -1.43 23.48
N LEU D 303 2.08 -1.70 23.25
CA LEU D 303 1.47 -2.94 23.66
C LEU D 303 1.78 -3.97 22.61
N PRO D 304 2.07 -5.22 23.02
CA PRO D 304 2.36 -6.27 22.04
C PRO D 304 1.09 -6.58 21.26
N ASP D 305 1.23 -6.86 19.97
CA ASP D 305 0.09 -7.16 19.10
C ASP D 305 -0.80 -8.30 19.61
N SER D 306 -0.17 -9.29 20.24
CA SER D 306 -0.89 -10.44 20.77
C SER D 306 -1.96 -10.09 21.81
N VAL D 307 -1.91 -8.89 22.37
CA VAL D 307 -2.91 -8.52 23.38
C VAL D 307 -3.81 -7.35 23.02
N ILE D 308 -3.72 -6.86 21.79
CA ILE D 308 -4.55 -5.73 21.39
C ILE D 308 -5.89 -6.02 20.71
N SER D 309 -6.27 -7.30 20.63
CA SER D 309 -7.54 -7.64 19.99
C SER D 309 -8.72 -6.92 20.65
N PRO D 310 -8.70 -6.77 21.99
CA PRO D 310 -9.83 -6.07 22.62
C PRO D 310 -9.99 -4.66 22.06
N LEU D 311 -8.87 -3.97 21.79
CA LEU D 311 -8.94 -2.63 21.24
C LEU D 311 -9.55 -2.66 19.83
N PHE D 312 -9.30 -3.75 19.10
CA PHE D 312 -9.82 -3.88 17.74
C PHE D 312 -11.34 -3.98 17.76
N LYS D 313 -11.89 -4.76 18.68
CA LYS D 313 -13.34 -4.88 18.77
C LYS D 313 -13.96 -3.59 19.29
N ALA D 314 -13.35 -3.02 20.33
CA ALA D 314 -13.84 -1.77 20.92
C ALA D 314 -13.92 -0.68 19.86
N THR D 315 -12.93 -0.63 18.97
CA THR D 315 -12.90 0.35 17.90
C THR D 315 -14.12 0.16 17.01
N ALA D 316 -14.41 -1.10 16.72
CA ALA D 316 -15.55 -1.48 15.91
C ALA D 316 -16.86 -1.02 16.54
N GLU D 317 -16.99 -1.24 17.84
CA GLU D 317 -18.19 -0.86 18.60
C GLU D 317 -18.37 0.64 18.67
N ALA D 318 -17.28 1.34 18.98
CA ALA D 318 -17.32 2.79 19.10
C ALA D 318 -17.80 3.44 17.81
N VAL D 319 -17.25 3.00 16.69
CA VAL D 319 -17.65 3.55 15.39
C VAL D 319 -19.10 3.21 15.10
N GLU D 320 -19.48 1.95 15.32
CA GLU D 320 -20.86 1.54 15.05
C GLU D 320 -21.87 2.39 15.81
N GLU D 321 -21.65 2.56 17.10
CA GLU D 321 -22.57 3.37 17.90
C GLU D 321 -22.48 4.83 17.50
N ALA D 322 -21.27 5.32 17.24
CA ALA D 322 -21.11 6.71 16.86
C ALA D 322 -21.93 7.03 15.60
N ILE D 323 -21.92 6.12 14.63
CA ILE D 323 -22.70 6.34 13.40
C ILE D 323 -24.17 6.50 13.78
N ILE D 324 -24.66 5.61 14.64
CA ILE D 324 -26.04 5.66 15.09
C ILE D 324 -26.33 6.96 15.84
N ASN D 325 -25.40 7.38 16.70
CA ASN D 325 -25.59 8.62 17.45
C ASN D 325 -25.64 9.85 16.55
N SER D 326 -24.96 9.79 15.41
CA SER D 326 -24.97 10.92 14.49
C SER D 326 -26.39 11.08 13.96
N LEU D 327 -27.12 9.97 13.88
CA LEU D 327 -28.50 10.00 13.40
C LEU D 327 -29.47 10.40 14.50
N LEU D 328 -29.27 9.86 15.70
CA LEU D 328 -30.14 10.15 16.83
C LEU D 328 -30.04 11.60 17.30
N GLU D 329 -28.87 12.20 17.12
CA GLU D 329 -28.62 13.58 17.53
C GLU D 329 -28.97 14.60 16.45
N ALA D 330 -29.15 14.13 15.22
CA ALA D 330 -29.48 15.04 14.12
C ALA D 330 -30.91 15.56 14.23
N ARG D 331 -31.12 16.78 13.74
CA ARG D 331 -32.46 17.34 13.76
C ARG D 331 -32.86 17.58 12.30
N THR D 332 -34.15 17.44 12.00
CA THR D 332 -34.64 17.64 10.65
C THR D 332 -34.17 18.97 10.10
N MET D 333 -33.85 18.99 8.81
CA MET D 333 -33.37 20.22 8.20
C MET D 333 -33.70 20.35 6.72
N ASP D 334 -33.98 21.57 6.29
CA ASP D 334 -34.27 21.86 4.90
C ASP D 334 -33.01 22.54 4.39
N GLY D 335 -32.85 22.60 3.08
CA GLY D 335 -31.67 23.22 2.52
C GLY D 335 -31.88 23.72 1.10
N ARG D 336 -30.79 23.80 0.33
CA ARG D 336 -30.85 24.29 -1.04
C ARG D 336 -31.89 23.55 -1.88
N ASP D 337 -32.58 24.31 -2.73
CA ASP D 337 -33.63 23.81 -3.61
C ASP D 337 -34.78 23.18 -2.83
N ASN D 338 -34.95 23.65 -1.59
CA ASN D 338 -35.99 23.16 -0.71
C ASN D 338 -35.85 21.68 -0.40
N HIS D 339 -34.64 21.14 -0.53
CA HIS D 339 -34.40 19.75 -0.21
C HIS D 339 -34.55 19.64 1.32
N VAL D 340 -35.00 18.47 1.79
CA VAL D 340 -35.17 18.27 3.23
C VAL D 340 -34.69 16.89 3.65
N ARG D 341 -34.11 16.83 4.83
CA ARG D 341 -33.64 15.57 5.40
C ARG D 341 -34.22 15.47 6.81
N TYR D 342 -35.08 14.48 7.01
CA TYR D 342 -35.70 14.29 8.31
C TYR D 342 -34.77 13.55 9.25
N ALA D 343 -34.89 13.84 10.53
CA ALA D 343 -34.10 13.15 11.52
C ALA D 343 -34.80 11.81 11.70
N LEU D 344 -34.04 10.74 11.83
CA LEU D 344 -34.62 9.41 12.03
C LEU D 344 -35.73 9.52 13.10
N PRO D 345 -36.97 9.12 12.75
CA PRO D 345 -38.09 9.19 13.70
C PRO D 345 -37.86 8.34 14.96
N LYS D 346 -37.58 9.02 16.07
CA LYS D 346 -37.30 8.36 17.34
C LYS D 346 -38.35 7.38 17.84
N GLU D 347 -39.60 7.83 17.93
CA GLU D 347 -40.65 6.96 18.41
C GLU D 347 -40.81 5.75 17.49
N GLU D 348 -40.84 6.00 16.18
CA GLU D 348 -41.02 4.90 15.24
C GLU D 348 -39.85 3.92 15.30
N LEU D 349 -38.65 4.47 15.54
CA LEU D 349 -37.48 3.61 15.67
C LEU D 349 -37.55 2.71 16.91
N LEU D 350 -37.88 3.33 18.08
CA LEU D 350 -38.05 2.51 19.28
C LEU D 350 -39.13 1.46 19.06
N ARG D 351 -40.09 1.80 18.21
CA ARG D 351 -41.20 0.91 17.88
C ARG D 351 -40.66 -0.26 17.04
N ILE D 352 -39.91 0.07 16.00
CA ILE D 352 -39.33 -0.95 15.14
C ILE D 352 -38.39 -1.88 15.92
N MET D 353 -37.59 -1.30 16.81
CA MET D 353 -36.66 -2.10 17.61
C MET D 353 -37.43 -3.14 18.43
N ARG D 354 -38.37 -2.69 19.24
CA ARG D 354 -39.17 -3.60 20.06
C ARG D 354 -39.83 -4.68 19.20
N ARG D 355 -40.22 -4.30 17.99
CA ARG D 355 -40.85 -5.24 17.07
C ARG D 355 -39.86 -6.34 16.69
N TYR D 356 -38.58 -6.12 16.96
CA TYR D 356 -37.55 -7.10 16.66
C TYR D 356 -36.83 -7.58 17.92
N GLY D 357 -37.52 -7.51 19.06
CA GLY D 357 -36.96 -7.95 20.32
C GLY D 357 -35.73 -7.18 20.74
N ARG D 358 -35.88 -5.87 20.97
CA ARG D 358 -34.75 -5.03 21.38
C ARG D 358 -35.15 -4.11 22.51
#